data_4ZXV
#
_entry.id   4ZXV
#
_cell.length_a   99.836
_cell.length_b   134.491
_cell.length_c   142.925
_cell.angle_alpha   90.000
_cell.angle_beta   90.000
_cell.angle_gamma   90.000
#
_symmetry.space_group_name_H-M   'P 21 21 21'
#
loop_
_entity.id
_entity.type
_entity.pdbx_description
1 polymer DnmZ
2 water water
#
_entity_poly.entity_id   1
_entity_poly.type   'polypeptide(L)'
_entity_poly.pdbx_seq_one_letter_code
;MGSSHHHHHHSSGLVPRGSHMTKPSVHEHPGVLADNGLCEPKTPAGRRLLDLLERYLPALEAESRDNDREATLPVHLFDR
MRKEGVLGATVPEDLGGLGVHSLHDVALALARIAGRDAGVALALHMQFSRGLTLDFEWRHGAPSTRPLAEDLLRQMGAGE
AVICGAVKDVRGTTVLTRATDGSYRLNGRKTLVSMAGIATHYVVSTRLEEAGAPVRLAAPVVARTTPGLTVLDNWDGMGM
RSSGSVDIVFDGCPVDRDRVLPRGEPGVRDDAALAGQTVSSIAMLGIYVGIAEAARRIALTELRRRGGAPAGVRTTVAEI
DARLFALHTAVASALTTADRLADDLSGDLAARGRAMMTPFQYAKLLVNRHSVGVVDDCLMLVGGAGYSNSHPLARLYRDV
RAGGFMHPYNFTDGVDYLSEVALGR
;
_entity_poly.pdbx_strand_id   A,B,C,D
#
# COMPACT_ATOMS: atom_id res chain seq x y z
N PRO A 30 15.31 -16.93 16.76
CA PRO A 30 16.17 -16.55 15.63
C PRO A 30 15.46 -15.66 14.62
N GLY A 31 14.12 -15.59 14.70
CA GLY A 31 13.29 -14.73 13.83
C GLY A 31 12.92 -15.35 12.47
N VAL A 32 12.68 -14.51 11.47
CA VAL A 32 12.42 -14.98 10.08
C VAL A 32 13.69 -15.48 9.38
N LEU A 33 13.73 -16.81 9.13
CA LEU A 33 14.86 -17.50 8.46
C LEU A 33 14.62 -17.67 6.94
N ALA A 34 15.70 -17.64 6.14
CA ALA A 34 15.62 -17.90 4.67
C ALA A 34 16.94 -18.33 4.00
N ASP A 35 16.83 -19.33 3.11
CA ASP A 35 17.93 -19.81 2.25
C ASP A 35 18.25 -18.72 1.24
N ASN A 36 19.49 -18.25 1.22
CA ASN A 36 19.87 -17.05 0.42
C ASN A 36 19.17 -15.80 0.92
N GLY A 37 19.07 -15.68 2.24
CA GLY A 37 18.30 -14.61 2.91
C GLY A 37 19.01 -14.14 4.17
N LEU A 38 20.33 -13.94 4.05
CA LEU A 38 21.09 -13.25 5.06
C LEU A 38 20.97 -13.84 6.46
N CYS A 39 21.08 -15.15 6.62
CA CYS A 39 20.93 -15.73 7.95
C CYS A 39 22.21 -16.32 8.50
N GLU A 40 23.02 -16.87 7.61
CA GLU A 40 24.32 -17.38 8.01
C GLU A 40 25.34 -16.81 7.01
N PRO A 41 26.61 -16.70 7.43
CA PRO A 41 27.68 -16.17 6.58
C PRO A 41 28.13 -17.18 5.52
N LYS A 42 28.39 -16.69 4.30
CA LYS A 42 28.83 -17.55 3.20
C LYS A 42 30.30 -18.01 3.33
N THR A 43 31.17 -17.17 3.88
CA THR A 43 32.61 -17.43 3.87
C THR A 43 33.15 -17.59 5.28
N PRO A 44 34.24 -18.36 5.46
CA PRO A 44 34.75 -18.56 6.83
C PRO A 44 35.39 -17.31 7.47
N ALA A 45 35.94 -16.42 6.63
CA ALA A 45 36.32 -15.11 7.11
C ALA A 45 35.09 -14.50 7.82
N GLY A 46 34.01 -14.29 7.04
CA GLY A 46 32.68 -13.89 7.52
C GLY A 46 32.26 -14.54 8.84
N ARG A 47 32.32 -15.86 8.89
CA ARG A 47 32.02 -16.59 10.13
C ARG A 47 32.87 -16.09 11.28
N ARG A 48 34.20 -15.99 11.05
CA ARG A 48 35.13 -15.61 12.11
C ARG A 48 34.68 -14.26 12.68
N LEU A 49 34.36 -13.34 11.76
CA LEU A 49 33.92 -11.97 12.09
C LEU A 49 32.69 -11.88 12.98
N LEU A 50 31.66 -12.69 12.69
CA LEU A 50 30.47 -12.73 13.54
C LEU A 50 30.78 -13.23 14.93
N ASP A 51 31.73 -14.15 15.02
CA ASP A 51 32.10 -14.72 16.31
C ASP A 51 32.76 -13.67 17.15
N LEU A 52 33.62 -12.86 16.53
CA LEU A 52 34.25 -11.75 17.24
C LEU A 52 33.21 -10.78 17.79
N LEU A 53 32.27 -10.38 16.94
CA LEU A 53 31.21 -9.46 17.33
C LEU A 53 30.42 -9.93 18.54
N GLU A 54 30.22 -11.24 18.66
CA GLU A 54 29.38 -11.81 19.71
C GLU A 54 29.67 -11.27 21.10
N ARG A 55 30.93 -11.03 21.42
CA ARG A 55 31.29 -10.59 22.76
C ARG A 55 30.96 -9.10 22.99
N TYR A 56 30.82 -8.36 21.91
CA TYR A 56 30.53 -6.93 21.99
C TYR A 56 29.05 -6.61 22.06
N LEU A 57 28.22 -7.51 21.53
CA LEU A 57 26.81 -7.26 21.45
C LEU A 57 26.16 -6.96 22.81
N PRO A 58 26.41 -7.79 23.84
CA PRO A 58 25.72 -7.49 25.09
C PRO A 58 26.04 -6.05 25.52
N ALA A 59 27.31 -5.65 25.43
CA ALA A 59 27.70 -4.26 25.80
C ALA A 59 26.97 -3.25 24.92
N LEU A 60 27.07 -3.41 23.59
CA LEU A 60 26.38 -2.48 22.66
C LEU A 60 24.94 -2.22 23.05
N GLU A 61 24.24 -3.32 23.39
CA GLU A 61 22.85 -3.31 23.74
C GLU A 61 22.66 -2.58 25.07
N ALA A 62 23.54 -2.86 26.03
CA ALA A 62 23.42 -2.27 27.35
C ALA A 62 23.55 -0.76 27.20
N GLU A 63 24.51 -0.34 26.40
CA GLU A 63 24.76 1.08 26.27
C GLU A 63 23.85 1.85 25.30
N SER A 64 23.09 1.12 24.49
CA SER A 64 22.32 1.70 23.38
C SER A 64 21.46 2.88 23.74
N ARG A 65 20.64 2.75 24.80
CA ARG A 65 19.76 3.83 25.27
C ARG A 65 20.53 5.09 25.58
N ASP A 66 21.61 4.96 26.35
CA ASP A 66 22.42 6.08 26.76
C ASP A 66 23.03 6.74 25.54
N ASN A 67 23.74 5.95 24.73
CA ASN A 67 24.46 6.50 23.58
C ASN A 67 23.43 7.20 22.67
N ASP A 68 22.22 6.65 22.61
CA ASP A 68 21.18 7.31 21.86
C ASP A 68 20.75 8.61 22.48
N ARG A 69 20.46 8.62 23.79
CA ARG A 69 19.92 9.81 24.44
C ARG A 69 20.96 10.90 24.29
N GLU A 70 22.19 10.57 24.65
CA GLU A 70 23.32 11.51 24.63
C GLU A 70 23.78 11.87 23.22
N ALA A 71 23.37 11.14 22.18
CA ALA A 71 23.91 11.27 20.78
C ALA A 71 25.41 11.20 20.75
N THR A 72 25.93 10.15 21.37
CA THR A 72 27.31 10.01 21.75
C THR A 72 27.90 8.71 21.16
N LEU A 73 28.91 8.82 20.27
CA LEU A 73 29.62 7.64 19.70
C LEU A 73 30.34 6.83 20.79
N PRO A 74 30.10 5.53 20.84
CA PRO A 74 30.64 4.77 21.97
C PRO A 74 32.12 4.46 21.82
N VAL A 75 32.92 5.53 21.88
CA VAL A 75 34.36 5.49 21.65
C VAL A 75 35.07 4.31 22.35
N HIS A 76 34.77 4.14 23.64
CA HIS A 76 35.36 3.07 24.46
C HIS A 76 35.21 1.70 23.82
N LEU A 77 34.01 1.37 23.36
CA LEU A 77 33.77 0.09 22.71
C LEU A 77 34.50 -0.01 21.39
N PHE A 78 34.64 1.10 20.67
CA PHE A 78 35.39 1.08 19.43
C PHE A 78 36.86 0.84 19.65
N ASP A 79 37.38 1.31 20.77
CA ASP A 79 38.77 1.08 21.15
C ASP A 79 38.97 -0.42 21.31
N ARG A 80 38.12 -1.07 22.10
CA ARG A 80 38.25 -2.48 22.32
C ARG A 80 38.21 -3.25 20.99
N MET A 81 37.29 -2.85 20.11
CA MET A 81 37.08 -3.51 18.79
C MET A 81 38.25 -3.37 17.87
N ARG A 82 38.80 -2.16 17.81
CA ARG A 82 39.97 -1.85 17.01
C ARG A 82 41.15 -2.73 17.45
N LYS A 83 41.34 -2.82 18.76
CA LYS A 83 42.42 -3.57 19.37
C LYS A 83 42.23 -5.07 19.20
N GLU A 84 40.99 -5.54 19.22
CA GLU A 84 40.73 -6.97 18.95
C GLU A 84 40.61 -7.33 17.45
N GLY A 85 41.10 -6.47 16.54
CA GLY A 85 41.16 -6.76 15.09
C GLY A 85 39.95 -6.45 14.19
N VAL A 86 38.83 -6.10 14.83
CA VAL A 86 37.55 -5.95 14.17
C VAL A 86 37.54 -4.79 13.17
N LEU A 87 38.27 -3.71 13.41
CA LEU A 87 38.21 -2.64 12.43
C LEU A 87 39.05 -2.97 11.26
N GLY A 88 39.65 -4.17 11.29
CA GLY A 88 40.53 -4.60 10.20
C GLY A 88 39.88 -5.71 9.38
N ALA A 89 38.59 -5.93 9.63
CA ALA A 89 37.86 -7.06 9.09
C ALA A 89 37.91 -7.16 7.55
N THR A 90 37.85 -6.04 6.85
CA THR A 90 37.88 -6.10 5.38
C THR A 90 39.27 -5.82 4.83
N VAL A 91 40.28 -6.01 5.68
CA VAL A 91 41.66 -5.85 5.27
C VAL A 91 42.19 -7.25 4.95
N PRO A 92 42.82 -7.43 3.76
CA PRO A 92 43.25 -8.75 3.31
C PRO A 92 44.12 -9.39 4.34
N GLU A 93 44.23 -10.72 4.29
CA GLU A 93 45.03 -11.46 5.27
C GLU A 93 46.53 -11.15 5.20
N ASP A 94 47.04 -10.99 3.97
CA ASP A 94 48.43 -10.62 3.72
C ASP A 94 48.82 -9.41 4.52
N LEU A 95 47.90 -8.45 4.65
CA LEU A 95 48.20 -7.16 5.25
C LEU A 95 47.76 -7.09 6.71
N GLY A 96 47.45 -8.25 7.27
CA GLY A 96 47.22 -8.37 8.72
C GLY A 96 45.78 -8.21 9.16
N GLY A 97 44.89 -8.06 8.17
CA GLY A 97 43.46 -7.98 8.40
C GLY A 97 42.83 -9.35 8.44
N LEU A 98 41.52 -9.39 8.68
CA LEU A 98 40.74 -10.63 8.78
C LEU A 98 40.23 -11.18 7.42
N GLY A 99 40.49 -10.43 6.34
CA GLY A 99 40.22 -10.90 5.00
C GLY A 99 38.78 -11.24 4.68
N VAL A 100 37.83 -10.53 5.29
CA VAL A 100 36.42 -10.62 4.90
C VAL A 100 36.26 -9.92 3.56
N HIS A 101 35.93 -10.69 2.53
CA HIS A 101 35.81 -10.13 1.18
C HIS A 101 34.37 -10.11 0.74
N SER A 102 33.49 -10.74 1.51
CA SER A 102 32.08 -10.93 1.13
C SER A 102 31.12 -9.86 1.63
N LEU A 103 30.60 -9.07 0.69
CA LEU A 103 29.55 -8.11 0.97
C LEU A 103 28.32 -8.69 1.69
N HIS A 104 27.91 -9.91 1.29
CA HIS A 104 26.90 -10.69 2.03
C HIS A 104 27.21 -10.76 3.50
N ASP A 105 28.42 -11.25 3.82
CA ASP A 105 28.84 -11.48 5.19
C ASP A 105 28.98 -10.18 5.97
N VAL A 106 29.46 -9.15 5.28
CA VAL A 106 29.58 -7.80 5.84
C VAL A 106 28.22 -7.27 6.25
N ALA A 107 27.30 -7.23 5.27
CA ALA A 107 25.87 -6.92 5.48
C ALA A 107 25.31 -7.70 6.65
N LEU A 108 25.63 -8.99 6.71
CA LEU A 108 25.08 -9.86 7.76
C LEU A 108 25.61 -9.45 9.10
N ALA A 109 26.90 -9.15 9.15
CA ALA A 109 27.51 -8.67 10.37
C ALA A 109 26.89 -7.36 10.85
N LEU A 110 26.78 -6.40 9.93
CA LEU A 110 26.03 -5.18 10.20
C LEU A 110 24.62 -5.46 10.72
N ALA A 111 23.92 -6.45 10.15
CA ALA A 111 22.57 -6.74 10.65
C ALA A 111 22.59 -7.15 12.14
N ARG A 112 23.54 -8.02 12.51
CA ARG A 112 23.67 -8.46 13.91
C ARG A 112 23.86 -7.30 14.85
N ILE A 113 24.83 -6.43 14.54
CA ILE A 113 25.17 -5.25 15.34
C ILE A 113 23.97 -4.31 15.40
N ALA A 114 23.34 -4.10 14.24
CA ALA A 114 22.19 -3.19 14.17
C ALA A 114 21.07 -3.70 15.05
N GLY A 115 21.00 -5.02 15.22
CA GLY A 115 20.04 -5.62 16.13
C GLY A 115 20.14 -5.02 17.50
N ARG A 116 21.34 -4.65 17.92
CA ARG A 116 21.57 -4.10 19.27
C ARG A 116 21.70 -2.59 19.25
N ASP A 117 22.44 -2.05 18.29
CA ASP A 117 22.53 -0.60 18.08
C ASP A 117 22.81 -0.30 16.60
N ALA A 118 21.82 0.25 15.90
CA ALA A 118 22.03 0.66 14.51
C ALA A 118 23.04 1.81 14.29
N GLY A 119 23.02 2.84 15.16
CA GLY A 119 24.04 3.90 15.15
C GLY A 119 25.42 3.27 14.93
N VAL A 120 25.74 2.26 15.74
CA VAL A 120 27.09 1.73 15.76
C VAL A 120 27.41 1.01 14.45
N ALA A 121 26.44 0.23 13.98
CA ALA A 121 26.63 -0.48 12.72
C ALA A 121 26.97 0.57 11.68
N LEU A 122 26.13 1.61 11.61
CA LEU A 122 26.24 2.60 10.56
C LEU A 122 27.65 3.20 10.57
N ALA A 123 28.26 3.24 11.74
CA ALA A 123 29.64 3.70 11.85
C ALA A 123 30.64 2.65 11.40
N LEU A 124 30.55 1.43 11.93
CA LEU A 124 31.48 0.38 11.50
C LEU A 124 31.47 0.20 9.99
N HIS A 125 30.30 0.43 9.40
CA HIS A 125 30.20 0.31 7.98
C HIS A 125 31.27 1.14 7.30
N MET A 126 31.44 2.37 7.75
CA MET A 126 32.46 3.28 7.23
C MET A 126 33.83 2.56 7.09
N GLN A 127 34.26 1.90 8.16
CA GLN A 127 35.50 1.11 8.18
C GLN A 127 35.38 -0.07 7.20
N PHE A 128 34.46 -1.00 7.48
CA PHE A 128 34.30 -2.21 6.65
C PHE A 128 34.33 -1.90 5.16
N SER A 129 33.47 -1.03 4.66
CA SER A 129 33.46 -0.68 3.23
C SER A 129 34.78 -0.10 2.78
N ARG A 130 35.42 0.70 3.64
CA ARG A 130 36.66 1.35 3.23
C ARG A 130 37.69 0.32 2.95
N GLY A 131 37.79 -0.66 3.85
CA GLY A 131 38.60 -1.88 3.60
C GLY A 131 38.46 -2.43 2.19
N LEU A 132 37.24 -2.73 1.80
CA LEU A 132 36.95 -3.26 0.50
C LEU A 132 37.37 -2.29 -0.63
N THR A 133 36.87 -1.05 -0.57
CA THR A 133 37.19 -0.09 -1.61
C THR A 133 38.69 0.12 -1.82
N LEU A 134 39.48 0.11 -0.76
CA LEU A 134 40.93 0.18 -0.89
C LEU A 134 41.52 -1.10 -1.41
N ASP A 135 40.97 -2.22 -0.94
CA ASP A 135 41.43 -3.54 -1.38
C ASP A 135 41.28 -3.72 -2.88
N PHE A 136 40.26 -3.09 -3.47
CA PHE A 136 40.15 -3.05 -4.92
C PHE A 136 41.26 -2.17 -5.50
N GLU A 137 41.53 -1.02 -4.87
CA GLU A 137 42.50 -0.05 -5.42
C GLU A 137 43.86 -0.70 -5.50
N TRP A 138 44.23 -1.34 -4.40
CA TRP A 138 45.47 -2.09 -4.25
C TRP A 138 45.77 -3.11 -5.33
N ARG A 139 44.74 -3.75 -5.86
CA ARG A 139 44.90 -4.79 -6.86
C ARG A 139 44.66 -4.25 -8.30
N HIS A 140 43.91 -3.16 -8.44
CA HIS A 140 43.35 -2.77 -9.75
C HIS A 140 43.42 -1.28 -10.01
N GLY A 141 43.87 -0.51 -9.04
CA GLY A 141 43.94 0.94 -9.24
C GLY A 141 45.19 1.36 -10.00
N ALA A 142 45.21 2.61 -10.45
CA ALA A 142 46.39 3.21 -11.11
C ALA A 142 47.69 2.84 -10.39
N PRO A 143 48.66 2.27 -11.12
CA PRO A 143 49.91 1.75 -10.55
C PRO A 143 50.56 2.65 -9.48
N SER A 144 50.40 3.97 -9.63
CA SER A 144 50.99 4.95 -8.72
C SER A 144 50.38 4.94 -7.31
N THR A 145 49.06 4.79 -7.23
CA THR A 145 48.33 4.86 -5.97
C THR A 145 48.31 3.53 -5.23
N ARG A 146 48.59 2.46 -5.96
CA ARG A 146 48.61 1.11 -5.44
C ARG A 146 49.38 0.92 -4.11
N PRO A 147 50.55 1.59 -3.96
CA PRO A 147 51.22 1.41 -2.67
C PRO A 147 50.59 2.21 -1.52
N LEU A 148 49.98 3.36 -1.83
CA LEU A 148 49.32 4.16 -0.79
C LEU A 148 48.16 3.38 -0.21
N ALA A 149 47.41 2.74 -1.11
CA ALA A 149 46.37 1.82 -0.72
C ALA A 149 46.94 0.76 0.22
N GLU A 150 48.02 0.09 -0.20
CA GLU A 150 48.68 -0.92 0.61
C GLU A 150 49.06 -0.39 2.00
N ASP A 151 49.51 0.85 2.04
CA ASP A 151 49.92 1.46 3.30
C ASP A 151 48.74 1.49 4.26
N LEU A 152 47.70 2.25 3.89
CA LEU A 152 46.48 2.40 4.70
C LEU A 152 45.86 1.08 5.12
N LEU A 153 45.82 0.10 4.21
CA LEU A 153 45.34 -1.23 4.57
C LEU A 153 46.09 -1.88 5.75
N ARG A 154 47.43 -1.88 5.72
CA ARG A 154 48.22 -2.39 6.85
C ARG A 154 47.91 -1.58 8.10
N GLN A 155 47.83 -0.25 7.94
CA GLN A 155 47.48 0.65 9.05
C GLN A 155 46.16 0.27 9.70
N MET A 156 45.15 -0.04 8.89
CA MET A 156 43.84 -0.46 9.42
C MET A 156 43.91 -1.82 10.10
N GLY A 157 44.67 -2.73 9.51
CA GLY A 157 44.83 -4.07 10.05
C GLY A 157 45.49 -3.99 11.39
N ALA A 158 46.49 -3.09 11.49
CA ALA A 158 47.30 -2.90 12.69
C ALA A 158 46.52 -2.27 13.86
N GLY A 159 45.34 -1.74 13.56
CA GLY A 159 44.51 -1.06 14.58
C GLY A 159 44.91 0.39 14.71
N GLU A 160 45.80 0.85 13.83
CA GLU A 160 46.32 2.20 13.93
C GLU A 160 45.45 3.17 13.15
N ALA A 161 45.02 2.81 11.94
CA ALA A 161 44.24 3.74 11.06
C ALA A 161 42.77 3.47 11.11
N VAL A 162 42.01 4.55 11.12
CA VAL A 162 40.54 4.53 11.13
C VAL A 162 39.98 5.56 10.14
N ILE A 163 39.50 5.07 8.99
CA ILE A 163 39.21 5.91 7.80
C ILE A 163 37.72 6.21 7.52
N CYS A 164 37.40 7.49 7.37
CA CYS A 164 36.03 7.90 7.01
C CYS A 164 36.03 8.57 5.68
N GLY A 165 34.94 8.37 4.96
CA GLY A 165 34.72 9.11 3.73
C GLY A 165 33.98 10.37 4.09
N ALA A 166 34.40 11.50 3.52
CA ALA A 166 33.65 12.75 3.67
C ALA A 166 33.14 13.07 2.26
N VAL A 167 31.84 12.90 2.07
CA VAL A 167 31.29 12.97 0.72
C VAL A 167 30.40 14.19 0.56
N LYS A 168 29.30 14.30 1.31
CA LYS A 168 28.32 15.39 1.12
C LYS A 168 28.85 16.80 1.45
N ASP A 169 29.03 17.63 0.43
CA ASP A 169 29.18 19.07 0.62
C ASP A 169 27.98 19.68 1.36
N VAL A 170 28.18 20.84 1.96
CA VAL A 170 27.04 21.52 2.54
C VAL A 170 27.02 23.01 2.16
N ARG A 171 25.97 23.39 1.44
CA ARG A 171 25.79 24.74 0.86
C ARG A 171 27.11 25.47 0.47
N GLY A 172 27.88 24.87 -0.43
CA GLY A 172 29.24 25.36 -0.77
C GLY A 172 30.09 24.15 -1.12
N THR A 173 30.50 24.04 -2.39
CA THR A 173 31.21 22.85 -2.89
C THR A 173 32.69 22.80 -2.43
N THR A 174 33.20 21.61 -2.11
CA THR A 174 34.56 21.48 -1.57
C THR A 174 35.58 21.41 -2.71
N VAL A 175 36.56 22.30 -2.62
CA VAL A 175 37.58 22.51 -3.63
C VAL A 175 38.99 22.50 -3.04
N LEU A 176 39.89 21.79 -3.70
CA LEU A 176 41.30 21.99 -3.42
C LEU A 176 41.97 22.60 -4.64
N THR A 177 42.85 23.56 -4.39
CA THR A 177 43.59 24.26 -5.43
C THR A 177 45.09 24.02 -5.21
N ARG A 178 45.91 24.37 -6.21
CA ARG A 178 47.37 24.21 -6.13
C ARG A 178 48.03 25.44 -5.51
N ALA A 179 48.67 25.27 -4.35
CA ALA A 179 49.43 26.34 -3.70
C ALA A 179 50.71 26.59 -4.45
N THR A 180 51.31 27.73 -4.14
CA THR A 180 52.60 28.14 -4.66
C THR A 180 53.59 26.98 -5.01
N ASP A 181 54.14 26.31 -4.01
CA ASP A 181 55.27 25.38 -4.20
C ASP A 181 54.93 23.99 -4.79
N GLY A 182 53.79 23.87 -5.47
CA GLY A 182 53.32 22.58 -6.01
C GLY A 182 52.18 21.97 -5.22
N SER A 183 52.48 21.64 -3.96
CA SER A 183 51.54 21.15 -2.91
C SER A 183 50.19 21.87 -2.87
N TYR A 184 49.12 21.11 -2.63
CA TYR A 184 47.76 21.64 -2.72
C TYR A 184 47.20 22.01 -1.37
N ARG A 185 46.36 23.04 -1.36
CA ARG A 185 45.65 23.41 -0.14
C ARG A 185 44.17 23.14 -0.31
N LEU A 186 43.57 22.49 0.69
CA LEU A 186 42.19 22.00 0.60
C LEU A 186 41.23 22.83 1.42
N ASN A 187 40.11 23.18 0.79
CA ASN A 187 39.14 24.08 1.41
C ASN A 187 37.72 23.67 1.11
N GLY A 188 36.93 23.42 2.16
CA GLY A 188 35.52 23.04 2.01
C GLY A 188 34.88 22.62 3.31
N ARG A 189 33.64 22.15 3.21
CA ARG A 189 32.94 21.61 4.36
C ARG A 189 32.13 20.38 3.96
N LYS A 190 32.34 19.28 4.69
CA LYS A 190 31.62 18.05 4.45
C LYS A 190 30.72 17.71 5.61
N THR A 191 29.55 17.14 5.29
CA THR A 191 28.55 16.81 6.30
C THR A 191 28.15 15.34 6.39
N LEU A 192 27.61 14.97 7.56
CA LEU A 192 27.20 13.60 7.84
C LEU A 192 28.35 12.60 7.62
N VAL A 193 29.48 12.86 8.26
CA VAL A 193 30.53 11.88 8.21
C VAL A 193 30.49 11.01 9.47
N SER A 194 30.01 9.78 9.34
CA SER A 194 29.87 8.93 10.51
C SER A 194 31.23 8.52 11.00
N MET A 195 31.32 8.25 12.31
CA MET A 195 32.55 7.79 12.93
C MET A 195 33.67 8.82 12.90
N ALA A 196 33.41 10.02 12.38
CA ALA A 196 34.45 11.02 12.24
C ALA A 196 34.99 11.33 13.60
N GLY A 197 34.16 11.15 14.64
CA GLY A 197 34.62 11.26 16.02
C GLY A 197 36.04 10.71 16.26
N ILE A 198 36.21 9.42 16.01
CA ILE A 198 37.47 8.74 16.28
C ILE A 198 38.29 8.47 15.02
N ALA A 199 38.08 9.26 13.96
CA ALA A 199 38.86 9.08 12.69
C ALA A 199 40.34 9.48 12.75
N THR A 200 41.18 8.77 12.01
CA THR A 200 42.58 9.16 11.91
C THR A 200 42.85 9.65 10.53
N HIS A 201 42.09 9.16 9.56
CA HIS A 201 42.16 9.73 8.19
C HIS A 201 40.81 10.08 7.60
N TYR A 202 40.81 10.83 6.49
CA TYR A 202 39.56 11.11 5.75
C TYR A 202 39.83 11.04 4.27
N VAL A 203 39.02 10.29 3.54
CA VAL A 203 39.14 10.32 2.11
C VAL A 203 38.11 11.34 1.70
N VAL A 204 38.56 12.43 1.11
CA VAL A 204 37.67 13.55 0.83
C VAL A 204 37.38 13.71 -0.67
N SER A 205 36.17 13.36 -1.09
CA SER A 205 35.80 13.50 -2.49
C SER A 205 35.52 14.98 -2.70
N THR A 206 36.18 15.55 -3.71
CA THR A 206 36.16 16.98 -4.02
C THR A 206 36.49 17.22 -5.49
N ARG A 207 36.13 18.40 -5.99
CA ARG A 207 36.52 18.84 -7.33
C ARG A 207 37.75 19.73 -7.21
N LEU A 208 38.63 19.64 -8.21
CA LEU A 208 39.86 20.42 -8.24
C LEU A 208 39.93 21.45 -9.36
N GLU A 209 40.38 22.64 -8.96
CA GLU A 209 40.34 23.85 -9.78
C GLU A 209 41.67 24.16 -10.44
N GLU A 210 41.57 24.48 -11.73
CA GLU A 210 42.71 24.69 -12.59
C GLU A 210 42.54 25.99 -13.35
N ALA A 213 42.15 25.61 -17.66
CA ALA A 213 40.92 25.08 -18.27
C ALA A 213 40.23 23.90 -17.52
N PRO A 214 40.85 22.70 -17.47
CA PRO A 214 40.05 21.54 -17.02
C PRO A 214 39.53 21.63 -15.58
N VAL A 215 38.35 21.07 -15.32
CA VAL A 215 37.86 20.87 -13.94
C VAL A 215 37.73 19.36 -13.58
N ARG A 216 38.77 18.81 -12.99
CA ARG A 216 38.89 17.38 -12.65
C ARG A 216 38.59 17.10 -11.16
N LEU A 217 38.01 15.94 -10.86
CA LEU A 217 37.63 15.61 -9.49
C LEU A 217 38.53 14.54 -8.87
N ALA A 218 38.66 14.56 -7.54
CA ALA A 218 39.63 13.69 -6.83
C ALA A 218 39.24 13.35 -5.37
N ALA A 219 39.78 12.25 -4.85
CA ALA A 219 39.55 11.87 -3.45
C ALA A 219 40.86 11.70 -2.66
N PRO A 220 41.45 12.80 -2.18
CA PRO A 220 42.72 12.71 -1.46
C PRO A 220 42.55 12.25 -0.04
N VAL A 221 43.51 11.47 0.46
CA VAL A 221 43.57 11.08 1.88
C VAL A 221 44.13 12.24 2.72
N VAL A 222 43.45 12.54 3.83
CA VAL A 222 43.80 13.67 4.70
C VAL A 222 43.84 13.23 6.15
N ALA A 223 44.99 13.38 6.81
CA ALA A 223 45.15 12.97 8.22
C ALA A 223 44.26 13.79 9.15
N ARG A 224 43.84 13.18 10.26
CA ARG A 224 43.04 13.85 11.27
C ARG A 224 43.76 15.09 11.84
N THR A 225 45.07 14.96 12.01
CA THR A 225 45.97 15.97 12.61
C THR A 225 46.40 17.11 11.66
N THR A 226 45.98 17.03 10.40
CA THR A 226 46.20 18.11 9.44
C THR A 226 45.74 19.47 9.96
N PRO A 227 46.62 20.47 9.84
CA PRO A 227 46.26 21.81 10.32
C PRO A 227 45.21 22.43 9.43
N GLY A 228 44.25 23.10 10.04
CA GLY A 228 43.13 23.66 9.27
C GLY A 228 41.88 22.81 9.34
N LEU A 229 41.99 21.63 9.93
CA LEU A 229 40.88 20.70 10.00
C LEU A 229 40.17 20.75 11.35
N THR A 230 38.88 21.01 11.31
CA THR A 230 38.07 21.03 12.53
C THR A 230 36.93 20.08 12.38
N VAL A 231 36.69 19.36 13.46
CA VAL A 231 35.57 18.44 13.54
C VAL A 231 34.49 19.12 14.36
N LEU A 232 33.33 19.36 13.73
CA LEU A 232 32.21 19.98 14.43
C LEU A 232 31.20 19.00 14.98
N ASP A 233 30.92 19.11 16.28
CA ASP A 233 30.01 18.20 16.98
C ASP A 233 28.57 18.71 16.95
N ASN A 234 27.98 18.71 15.76
CA ASN A 234 26.65 19.27 15.53
C ASN A 234 25.69 18.20 15.00
N TRP A 235 25.89 16.96 15.45
CA TRP A 235 25.12 15.84 14.95
C TRP A 235 23.86 15.69 15.76
N ASP A 236 22.75 16.17 15.21
CA ASP A 236 21.49 16.11 15.95
C ASP A 236 20.37 15.34 15.22
N GLY A 237 20.72 14.16 14.72
CA GLY A 237 19.79 13.35 13.94
C GLY A 237 18.68 12.76 14.79
N MET A 238 17.52 12.56 14.17
CA MET A 238 16.40 12.01 14.90
C MET A 238 16.63 10.57 15.33
N GLY A 239 17.63 9.94 14.72
CA GLY A 239 17.98 8.55 14.93
C GLY A 239 19.40 8.34 14.42
N MET A 240 19.95 7.16 14.62
CA MET A 240 21.32 6.92 14.23
C MET A 240 22.19 7.87 15.04
N ARG A 241 21.78 8.14 16.27
CA ARG A 241 22.40 9.21 17.02
C ARG A 241 23.76 8.78 17.53
N SER A 242 23.92 7.50 17.81
CA SER A 242 25.19 7.02 18.31
C SER A 242 26.29 6.97 17.23
N SER A 243 25.96 7.35 16.01
CA SER A 243 26.85 7.07 14.87
C SER A 243 27.90 8.12 14.69
N GLY A 244 27.76 9.23 15.40
CA GLY A 244 28.70 10.36 15.29
C GLY A 244 28.85 10.91 13.87
N SER A 245 27.74 11.29 13.26
CA SER A 245 27.80 11.75 11.87
C SER A 245 27.98 13.27 11.88
N VAL A 246 29.21 13.66 12.16
CA VAL A 246 29.54 15.05 12.43
C VAL A 246 30.06 15.75 11.16
N ASP A 247 30.11 17.07 11.18
CA ASP A 247 30.60 17.84 10.02
C ASP A 247 32.09 18.07 10.16
N ILE A 248 32.79 18.10 9.04
CA ILE A 248 34.20 18.42 9.08
C ILE A 248 34.45 19.60 8.17
N VAL A 249 35.06 20.65 8.71
CA VAL A 249 35.44 21.83 7.89
C VAL A 249 36.94 21.81 7.62
N PHE A 250 37.30 22.05 6.36
CA PHE A 250 38.71 22.08 5.94
C PHE A 250 39.00 23.52 5.54
N ASP A 251 39.99 24.10 6.18
CA ASP A 251 40.35 25.50 5.99
C ASP A 251 41.85 25.64 5.65
N GLY A 252 42.15 25.69 4.36
CA GLY A 252 43.53 25.66 3.89
C GLY A 252 44.32 24.49 4.47
N CYS A 253 43.88 23.27 4.20
CA CYS A 253 44.60 22.10 4.69
C CYS A 253 45.65 21.68 3.69
N PRO A 254 46.89 21.50 4.15
CA PRO A 254 47.95 21.09 3.23
C PRO A 254 47.81 19.63 2.83
N VAL A 255 47.76 19.39 1.51
CA VAL A 255 47.73 18.05 0.95
C VAL A 255 48.93 17.81 0.04
N ASP A 256 49.68 16.76 0.32
CA ASP A 256 50.87 16.35 -0.46
C ASP A 256 50.60 16.35 -1.95
N ARG A 257 51.61 16.69 -2.73
CA ARG A 257 51.51 16.60 -4.18
C ARG A 257 51.15 15.17 -4.60
N ASP A 258 51.61 14.20 -3.81
CA ASP A 258 51.41 12.77 -4.11
C ASP A 258 50.09 12.14 -3.63
N ARG A 259 49.40 12.77 -2.69
CA ARG A 259 48.15 12.20 -2.11
C ARG A 259 46.86 12.52 -2.89
N VAL A 260 46.97 13.29 -3.97
CA VAL A 260 45.82 13.59 -4.84
C VAL A 260 45.57 12.49 -5.90
N LEU A 261 44.36 11.93 -5.92
CA LEU A 261 43.99 10.92 -6.93
C LEU A 261 42.92 11.41 -7.94
N PRO A 262 43.36 12.06 -9.07
CA PRO A 262 42.39 12.65 -10.02
C PRO A 262 41.66 11.63 -10.92
N ARG A 263 40.36 11.47 -10.69
CA ARG A 263 39.56 10.46 -11.38
C ARG A 263 38.38 11.06 -12.16
N GLY A 264 38.57 11.27 -13.47
CA GLY A 264 37.51 11.77 -14.35
C GLY A 264 37.10 13.21 -14.08
N GLU A 265 35.80 13.50 -14.16
CA GLU A 265 35.26 14.86 -13.91
C GLU A 265 33.74 14.90 -13.76
N PRO A 266 33.20 15.95 -13.07
CA PRO A 266 31.77 16.10 -12.75
C PRO A 266 30.83 16.05 -13.96
N GLY A 267 29.55 15.81 -13.72
CA GLY A 267 28.53 15.86 -14.75
C GLY A 267 28.63 14.71 -15.73
N VAL A 268 29.67 14.72 -16.58
CA VAL A 268 29.91 13.58 -17.48
C VAL A 268 30.24 12.32 -16.68
N ARG A 269 29.23 11.49 -16.49
CA ARG A 269 29.30 10.33 -15.63
C ARG A 269 29.53 9.05 -16.44
N ASP A 270 30.22 8.09 -15.84
CA ASP A 270 30.42 6.80 -16.47
C ASP A 270 29.80 5.67 -15.64
N ASP A 271 29.08 4.80 -16.33
CA ASP A 271 28.39 3.73 -15.66
C ASP A 271 29.31 2.69 -15.01
N ALA A 272 30.60 2.74 -15.29
CA ALA A 272 31.49 1.81 -14.60
C ALA A 272 31.77 2.26 -13.17
N ALA A 273 31.59 3.57 -12.91
CA ALA A 273 31.78 4.15 -11.56
C ALA A 273 30.77 3.57 -10.57
N LEU A 274 29.61 3.22 -11.12
CA LEU A 274 28.53 2.58 -10.40
C LEU A 274 28.92 1.30 -9.63
N ALA A 275 29.90 0.56 -10.13
CA ALA A 275 30.41 -0.62 -9.44
C ALA A 275 30.99 -0.23 -8.08
N GLY A 276 31.87 0.77 -8.09
CA GLY A 276 32.50 1.24 -6.88
C GLY A 276 31.42 1.74 -5.96
N GLN A 277 30.60 2.65 -6.50
CA GLN A 277 29.44 3.22 -5.78
C GLN A 277 28.56 2.19 -5.05
N THR A 278 28.25 1.10 -5.75
CA THR A 278 27.59 -0.08 -5.19
C THR A 278 28.37 -0.69 -4.02
N VAL A 279 29.67 -0.93 -4.21
CA VAL A 279 30.42 -1.73 -3.24
C VAL A 279 30.45 -1.05 -1.89
N SER A 280 30.49 0.27 -1.91
CA SER A 280 30.65 1.06 -0.69
C SER A 280 29.36 1.38 0.07
N SER A 281 28.21 1.12 -0.52
CA SER A 281 26.95 1.39 0.16
C SER A 281 26.11 0.15 0.36
N ILE A 282 26.13 -0.76 -0.61
CA ILE A 282 25.18 -1.90 -0.59
C ILE A 282 25.09 -2.56 0.79
N ALA A 283 26.24 -2.79 1.44
CA ALA A 283 26.28 -3.53 2.70
C ALA A 283 25.35 -2.91 3.74
N MET A 284 25.10 -1.60 3.62
CA MET A 284 24.33 -0.90 4.64
C MET A 284 22.92 -1.44 4.77
N LEU A 285 22.40 -2.02 3.72
CA LEU A 285 21.05 -2.56 3.74
C LEU A 285 20.87 -3.60 4.85
N GLY A 286 21.95 -4.26 5.25
CA GLY A 286 21.86 -5.24 6.32
C GLY A 286 21.34 -4.60 7.60
N ILE A 287 21.63 -3.30 7.74
CA ILE A 287 21.32 -2.55 8.94
C ILE A 287 19.83 -2.51 9.11
N TYR A 288 19.13 -2.13 8.07
CA TYR A 288 17.70 -1.97 8.18
C TYR A 288 17.00 -3.31 8.33
N VAL A 289 17.66 -4.36 7.84
CA VAL A 289 17.09 -5.67 7.99
C VAL A 289 17.24 -5.96 9.44
N GLY A 290 18.42 -5.60 9.94
CA GLY A 290 18.73 -5.79 11.37
C GLY A 290 17.66 -5.10 12.22
N ILE A 291 17.30 -3.86 11.87
CA ILE A 291 16.36 -3.10 12.69
C ILE A 291 15.00 -3.78 12.62
N ALA A 292 14.55 -4.10 11.42
CA ALA A 292 13.25 -4.76 11.28
C ALA A 292 13.24 -6.07 12.08
N GLU A 293 14.34 -6.82 12.05
CA GLU A 293 14.41 -8.06 12.83
C GLU A 293 14.25 -7.85 14.33
N ALA A 294 15.04 -6.94 14.84
CA ALA A 294 14.97 -6.50 16.24
C ALA A 294 13.56 -6.10 16.65
N ALA A 295 12.92 -5.23 15.85
CA ALA A 295 11.56 -4.77 16.14
C ALA A 295 10.59 -5.94 16.21
N ARG A 296 10.75 -6.85 15.26
CA ARG A 296 9.88 -8.01 15.20
C ARG A 296 10.07 -8.89 16.41
N ARG A 297 11.32 -9.08 16.82
CA ARG A 297 11.63 -9.90 17.99
C ARG A 297 10.92 -9.35 19.24
N ILE A 298 11.09 -8.06 19.49
CA ILE A 298 10.51 -7.40 20.63
C ILE A 298 9.00 -7.57 20.61
N ALA A 299 8.39 -7.30 19.46
CA ALA A 299 6.92 -7.34 19.30
C ALA A 299 6.35 -8.75 19.52
N LEU A 300 6.99 -9.76 18.93
CA LEU A 300 6.54 -11.15 19.09
C LEU A 300 6.68 -11.66 20.50
N THR A 301 7.77 -11.35 21.19
CA THR A 301 7.88 -11.85 22.54
C THR A 301 6.80 -11.20 23.37
N GLU A 302 6.56 -9.93 23.08
CA GLU A 302 5.62 -9.13 23.85
C GLU A 302 4.25 -9.73 23.72
N LEU A 303 3.90 -10.09 22.49
CA LEU A 303 2.62 -10.68 22.22
C LEU A 303 2.51 -12.07 22.79
N ARG A 304 3.56 -12.89 22.67
CA ARG A 304 3.57 -14.26 23.24
C ARG A 304 3.31 -14.23 24.75
N ARG A 305 3.73 -13.13 25.36
CA ARG A 305 3.60 -12.88 26.76
C ARG A 305 2.17 -12.42 27.16
N ARG A 306 1.28 -12.26 26.20
CA ARG A 306 -0.09 -11.83 26.50
C ARG A 306 -1.11 -12.96 26.45
N GLY A 307 -0.77 -14.09 25.83
CA GLY A 307 -1.66 -15.25 25.81
C GLY A 307 -2.46 -15.40 24.53
N GLY A 308 -3.79 -15.35 24.64
CA GLY A 308 -4.68 -15.40 23.48
C GLY A 308 -4.39 -14.24 22.54
N ALA A 309 -4.54 -14.46 21.24
CA ALA A 309 -4.15 -13.45 20.28
C ALA A 309 -5.32 -12.94 19.43
N PRO A 310 -5.72 -11.66 19.59
CA PRO A 310 -6.87 -11.06 18.85
C PRO A 310 -6.75 -11.05 17.33
N ALA A 311 -7.89 -10.89 16.66
CA ALA A 311 -7.96 -11.20 15.23
C ALA A 311 -7.14 -10.21 14.42
N GLY A 312 -7.00 -9.01 15.01
CA GLY A 312 -6.17 -7.94 14.47
C GLY A 312 -4.68 -8.28 14.44
N VAL A 313 -4.18 -8.90 15.48
CA VAL A 313 -2.74 -9.16 15.54
C VAL A 313 -2.30 -10.30 14.63
N ARG A 314 -3.15 -11.30 14.45
CA ARG A 314 -2.72 -12.44 13.65
C ARG A 314 -2.33 -11.90 12.30
N THR A 315 -3.15 -11.01 11.77
CA THR A 315 -2.94 -10.51 10.42
C THR A 315 -1.66 -9.69 10.35
N THR A 316 -1.49 -8.78 11.31
CA THR A 316 -0.31 -7.94 11.32
C THR A 316 0.94 -8.81 11.35
N VAL A 317 1.00 -9.74 12.30
CA VAL A 317 2.16 -10.62 12.43
C VAL A 317 2.47 -11.29 11.07
N ALA A 318 1.45 -11.91 10.47
CA ALA A 318 1.64 -12.59 9.22
C ALA A 318 2.23 -11.64 8.20
N GLU A 319 1.75 -10.39 8.21
CA GLU A 319 2.20 -9.36 7.24
C GLU A 319 3.64 -8.96 7.56
N ILE A 320 3.90 -8.64 8.82
CA ILE A 320 5.24 -8.36 9.28
C ILE A 320 6.22 -9.42 8.75
N ASP A 321 6.03 -10.67 9.17
CA ASP A 321 6.91 -11.75 8.73
C ASP A 321 7.02 -11.90 7.19
N ALA A 322 5.91 -11.78 6.47
CA ALA A 322 5.99 -11.91 5.04
C ALA A 322 6.92 -10.80 4.49
N ARG A 323 6.77 -9.57 4.98
CA ARG A 323 7.62 -8.45 4.52
C ARG A 323 9.11 -8.66 4.90
N LEU A 324 9.34 -9.17 6.10
CA LEU A 324 10.70 -9.52 6.50
C LEU A 324 11.30 -10.50 5.50
N PHE A 325 10.60 -11.59 5.22
CA PHE A 325 11.09 -12.58 4.30
C PHE A 325 11.42 -11.89 2.97
N ALA A 326 10.49 -11.06 2.49
CA ALA A 326 10.73 -10.30 1.26
C ALA A 326 12.01 -9.45 1.32
N LEU A 327 12.23 -8.77 2.45
CA LEU A 327 13.48 -8.03 2.69
C LEU A 327 14.67 -8.93 2.68
N HIS A 328 14.74 -9.86 3.65
CA HIS A 328 15.84 -10.83 3.69
C HIS A 328 16.28 -11.25 2.30
N THR A 329 15.35 -11.79 1.50
CA THR A 329 15.69 -12.39 0.20
C THR A 329 16.07 -11.42 -0.91
N ALA A 330 15.33 -10.32 -1.01
CA ALA A 330 15.61 -9.25 -1.96
C ALA A 330 16.99 -8.66 -1.73
N VAL A 331 17.34 -8.46 -0.46
CA VAL A 331 18.64 -7.89 -0.11
C VAL A 331 19.77 -8.87 -0.42
N ALA A 332 19.60 -10.14 -0.01
CA ALA A 332 20.65 -11.13 -0.12
C ALA A 332 20.95 -11.41 -1.58
N SER A 333 19.92 -11.27 -2.41
CA SER A 333 20.10 -11.40 -3.82
C SER A 333 20.99 -10.28 -4.34
N ALA A 334 20.74 -9.06 -3.91
CA ALA A 334 21.49 -7.94 -4.53
C ALA A 334 22.94 -8.05 -4.14
N LEU A 335 23.15 -8.46 -2.88
CA LEU A 335 24.47 -8.67 -2.34
C LEU A 335 25.19 -9.76 -3.12
N THR A 336 24.50 -10.87 -3.39
CA THR A 336 25.07 -11.92 -4.21
C THR A 336 25.56 -11.40 -5.58
N THR A 337 24.71 -10.67 -6.28
CA THR A 337 25.08 -10.10 -7.57
C THR A 337 26.33 -9.27 -7.39
N ALA A 338 26.38 -8.45 -6.35
CA ALA A 338 27.52 -7.55 -6.17
C ALA A 338 28.78 -8.37 -5.90
N ASP A 339 28.67 -9.37 -5.02
CA ASP A 339 29.79 -10.25 -4.72
C ASP A 339 30.30 -11.01 -5.94
N ARG A 340 29.37 -11.38 -6.80
CA ARG A 340 29.72 -12.05 -8.04
C ARG A 340 30.61 -11.20 -8.95
N LEU A 341 30.27 -9.92 -9.13
CA LEU A 341 31.04 -9.03 -10.00
C LEU A 341 32.14 -8.26 -9.29
N ALA A 342 32.28 -8.47 -7.98
CA ALA A 342 33.28 -7.75 -7.18
C ALA A 342 34.66 -7.85 -7.82
N ASP A 343 35.08 -9.08 -8.14
CA ASP A 343 36.37 -9.31 -8.76
C ASP A 343 36.32 -9.46 -10.27
N ASP A 344 35.23 -10.03 -10.78
CA ASP A 344 35.05 -10.23 -12.22
C ASP A 344 35.12 -8.91 -13.00
N LEU A 345 36.30 -8.63 -13.57
CA LEU A 345 36.58 -7.39 -14.30
C LEU A 345 36.52 -7.51 -15.82
N SER A 346 36.58 -8.74 -16.31
CA SER A 346 36.43 -9.03 -17.74
C SER A 346 35.01 -8.73 -18.14
N GLY A 347 34.82 -8.23 -19.36
CA GLY A 347 33.50 -7.82 -19.83
C GLY A 347 33.35 -6.32 -19.77
N ASP A 348 32.30 -5.80 -20.39
CA ASP A 348 32.03 -4.38 -20.44
C ASP A 348 31.90 -3.80 -19.05
N LEU A 349 32.82 -2.89 -18.74
CA LEU A 349 32.86 -2.21 -17.44
C LEU A 349 31.62 -1.38 -17.13
N ALA A 350 31.20 -0.55 -18.08
CA ALA A 350 29.98 0.23 -17.92
C ALA A 350 28.78 -0.68 -17.57
N ALA A 351 28.65 -1.82 -18.26
CA ALA A 351 27.57 -2.76 -17.99
C ALA A 351 27.74 -3.46 -16.65
N ARG A 352 28.98 -3.60 -16.20
CA ARG A 352 29.23 -4.24 -14.92
C ARG A 352 28.62 -3.37 -13.81
N GLY A 353 28.81 -2.06 -13.95
CA GLY A 353 28.27 -1.10 -12.98
C GLY A 353 26.77 -1.23 -12.88
N ARG A 354 26.08 -0.91 -13.98
CA ARG A 354 24.63 -1.09 -14.10
C ARG A 354 24.14 -2.42 -13.53
N ALA A 355 24.86 -3.50 -13.80
CA ALA A 355 24.45 -4.85 -13.43
C ALA A 355 24.46 -5.06 -11.92
N MET A 356 25.26 -4.24 -11.23
CA MET A 356 25.42 -4.31 -9.78
C MET A 356 24.49 -3.35 -9.08
N MET A 357 24.40 -2.14 -9.66
CA MET A 357 23.64 -1.02 -9.14
C MET A 357 22.15 -1.25 -9.21
N THR A 358 21.69 -1.87 -10.29
CA THR A 358 20.27 -2.07 -10.47
C THR A 358 19.66 -2.97 -9.36
N PRO A 359 20.12 -4.22 -9.24
CA PRO A 359 19.61 -5.02 -8.10
C PRO A 359 19.77 -4.29 -6.74
N PHE A 360 20.90 -3.63 -6.52
CA PHE A 360 21.07 -2.79 -5.36
C PHE A 360 19.88 -1.80 -5.22
N GLN A 361 19.65 -0.95 -6.22
CA GLN A 361 18.58 0.02 -6.13
C GLN A 361 17.19 -0.56 -5.96
N TYR A 362 16.93 -1.73 -6.57
CA TYR A 362 15.66 -2.44 -6.34
C TYR A 362 15.54 -2.80 -4.87
N ALA A 363 16.56 -3.47 -4.34
CA ALA A 363 16.54 -3.88 -2.95
C ALA A 363 16.37 -2.66 -2.02
N LYS A 364 17.07 -1.58 -2.32
CA LYS A 364 16.98 -0.36 -1.52
C LYS A 364 15.57 0.18 -1.53
N LEU A 365 14.94 0.20 -2.70
CA LEU A 365 13.59 0.72 -2.80
C LEU A 365 12.70 -0.11 -1.90
N LEU A 366 12.94 -1.43 -1.89
CA LEU A 366 12.16 -2.36 -1.07
C LEU A 366 12.40 -2.20 0.41
N VAL A 367 13.66 -2.05 0.79
CA VAL A 367 13.97 -1.91 2.19
C VAL A 367 13.38 -0.61 2.75
N ASN A 368 13.67 0.51 2.09
CA ASN A 368 13.19 1.77 2.56
C ASN A 368 11.65 1.76 2.72
N ARG A 369 10.97 0.99 1.89
CA ARG A 369 9.53 0.84 2.10
C ARG A 369 9.22 -0.13 3.24
N HIS A 370 9.81 -1.31 3.20
CA HIS A 370 9.33 -2.35 4.08
C HIS A 370 9.89 -2.40 5.46
N SER A 371 11.18 -2.14 5.63
CA SER A 371 11.75 -2.12 6.98
C SER A 371 10.96 -1.11 7.82
N VAL A 372 10.64 0.03 7.20
CA VAL A 372 9.90 1.05 7.92
C VAL A 372 8.49 0.57 8.29
N GLY A 373 7.84 -0.09 7.37
CA GLY A 373 6.52 -0.67 7.63
C GLY A 373 6.57 -1.74 8.71
N VAL A 374 7.55 -2.63 8.65
CA VAL A 374 7.65 -3.69 9.64
C VAL A 374 7.78 -3.04 10.98
N VAL A 375 8.64 -2.02 11.07
CA VAL A 375 8.87 -1.45 12.38
C VAL A 375 7.62 -0.74 12.84
N ASP A 376 6.96 -0.03 11.91
CA ASP A 376 5.72 0.65 12.23
C ASP A 376 4.79 -0.38 12.80
N ASP A 377 4.62 -1.48 12.11
CA ASP A 377 3.65 -2.49 12.57
C ASP A 377 4.05 -3.19 13.90
N CYS A 378 5.35 -3.41 14.12
CA CYS A 378 5.78 -3.96 15.41
C CYS A 378 5.42 -2.98 16.53
N LEU A 379 5.66 -1.69 16.25
CA LEU A 379 5.31 -0.64 17.20
C LEU A 379 3.81 -0.68 17.51
N MET A 380 2.97 -0.74 16.50
CA MET A 380 1.56 -0.59 16.83
C MET A 380 1.04 -1.83 17.55
N LEU A 381 1.75 -2.94 17.35
CA LEU A 381 1.40 -4.20 17.95
C LEU A 381 1.73 -4.23 19.47
N VAL A 382 2.81 -3.58 19.85
CA VAL A 382 3.19 -3.49 21.26
C VAL A 382 2.37 -2.45 22.03
N GLY A 383 2.04 -1.32 21.41
CA GLY A 383 1.15 -0.35 22.05
C GLY A 383 1.92 0.79 22.64
N GLY A 384 1.23 1.60 23.42
CA GLY A 384 1.75 2.84 24.03
C GLY A 384 3.18 2.77 24.56
N ALA A 385 3.46 1.77 25.38
CA ALA A 385 4.81 1.65 25.93
C ALA A 385 5.86 1.90 24.87
N GLY A 386 5.61 1.43 23.65
CA GLY A 386 6.57 1.58 22.54
C GLY A 386 6.87 3.01 22.17
N TYR A 387 5.97 3.93 22.58
CA TYR A 387 6.03 5.33 22.15
C TYR A 387 6.91 6.17 23.07
N SER A 388 7.28 5.60 24.24
CA SER A 388 8.24 6.23 25.18
C SER A 388 9.63 6.23 24.60
N ASN A 389 10.24 7.42 24.55
CA ASN A 389 11.53 7.58 23.89
C ASN A 389 12.61 6.63 24.43
N SER A 390 12.53 6.32 25.72
CA SER A 390 13.46 5.37 26.31
C SER A 390 13.31 3.94 25.74
N HIS A 391 12.09 3.56 25.36
CA HIS A 391 11.78 2.21 24.88
C HIS A 391 12.52 1.94 23.58
N PRO A 392 13.04 0.71 23.43
CA PRO A 392 13.80 0.32 22.24
C PRO A 392 13.06 0.49 20.91
N LEU A 393 11.76 0.26 20.92
CA LEU A 393 11.02 0.41 19.68
C LEU A 393 11.06 1.83 19.21
N ALA A 394 10.80 2.76 20.12
CA ALA A 394 10.93 4.19 19.84
C ALA A 394 12.26 4.46 19.20
N ARG A 395 13.35 4.00 19.83
CA ARG A 395 14.68 4.18 19.23
C ARG A 395 14.66 3.60 17.79
N LEU A 396 14.26 2.33 17.68
CA LEU A 396 14.18 1.64 16.38
C LEU A 396 13.33 2.35 15.33
N TYR A 397 12.16 2.84 15.71
CA TYR A 397 11.36 3.65 14.75
C TYR A 397 12.08 4.90 14.20
N ARG A 398 12.82 5.59 15.05
CA ARG A 398 13.58 6.76 14.62
C ARG A 398 14.81 6.36 13.79
N ASP A 399 15.42 5.25 14.18
CA ASP A 399 16.61 4.78 13.49
C ASP A 399 16.28 4.36 12.05
N VAL A 400 15.18 3.65 11.87
CA VAL A 400 14.92 2.99 10.59
C VAL A 400 14.64 3.95 9.45
N ARG A 401 14.15 5.15 9.77
CA ARG A 401 13.79 6.11 8.75
C ARG A 401 15.01 6.74 8.05
N ALA A 402 16.19 6.50 8.62
CA ALA A 402 17.44 7.01 8.08
C ALA A 402 17.79 6.53 6.68
N GLY A 403 17.51 5.27 6.38
CA GLY A 403 17.87 4.66 5.09
C GLY A 403 17.35 5.39 3.87
N GLY A 404 16.11 5.84 3.93
CA GLY A 404 15.48 6.49 2.80
C GLY A 404 16.32 7.59 2.24
N PHE A 405 16.93 8.35 3.13
CA PHE A 405 17.75 9.49 2.70
C PHE A 405 19.05 9.13 2.00
N MET A 406 19.64 7.98 2.29
CA MET A 406 20.97 7.66 1.78
C MET A 406 21.12 7.62 0.27
N HIS A 407 22.13 8.33 -0.25
CA HIS A 407 22.58 8.27 -1.65
C HIS A 407 23.69 7.23 -1.76
N PRO A 408 23.65 6.37 -2.79
CA PRO A 408 22.69 6.27 -3.87
C PRO A 408 21.66 5.18 -3.58
N TYR A 409 20.37 5.37 -3.91
CA TYR A 409 19.76 6.65 -4.28
C TYR A 409 18.58 6.91 -3.35
N ASN A 410 18.20 8.17 -3.17
CA ASN A 410 16.91 8.44 -2.59
C ASN A 410 15.83 7.95 -3.56
N PHE A 411 14.57 8.16 -3.21
CA PHE A 411 13.44 7.79 -4.07
C PHE A 411 13.47 8.55 -5.37
N THR A 412 13.69 9.86 -5.34
CA THR A 412 13.64 10.64 -6.59
C THR A 412 14.67 10.17 -7.60
N ASP A 413 15.91 10.10 -7.18
CA ASP A 413 16.95 9.64 -8.07
C ASP A 413 16.71 8.18 -8.41
N GLY A 414 16.36 7.39 -7.39
CA GLY A 414 16.06 5.98 -7.53
C GLY A 414 15.09 5.70 -8.66
N VAL A 415 14.04 6.49 -8.74
CA VAL A 415 13.07 6.40 -9.84
C VAL A 415 13.76 6.70 -11.17
N ASP A 416 14.43 7.85 -11.27
CA ASP A 416 15.13 8.28 -12.50
C ASP A 416 16.06 7.15 -12.97
N TYR A 417 16.96 6.69 -12.09
CA TYR A 417 17.85 5.62 -12.48
C TYR A 417 17.10 4.39 -13.00
N LEU A 418 16.18 3.88 -12.20
CA LEU A 418 15.54 2.62 -12.52
C LEU A 418 14.55 2.73 -13.69
N SER A 419 13.96 3.90 -13.90
CA SER A 419 13.18 4.07 -15.14
C SER A 419 14.13 4.22 -16.32
N GLU A 420 15.24 4.90 -16.11
CA GLU A 420 16.21 5.06 -17.18
C GLU A 420 16.66 3.71 -17.67
N VAL A 421 17.12 2.85 -16.76
CA VAL A 421 17.56 1.50 -17.12
C VAL A 421 16.45 0.75 -17.86
N ALA A 422 15.22 0.86 -17.38
CA ALA A 422 14.09 0.13 -17.99
C ALA A 422 13.64 0.66 -19.35
N LEU A 423 13.52 1.99 -19.51
CA LEU A 423 13.03 2.59 -20.74
C LEU A 423 14.07 2.86 -21.85
N GLY A 424 15.34 2.51 -21.63
CA GLY A 424 16.39 2.78 -22.61
C GLY A 424 17.09 4.12 -22.37
N ARG A 425 16.31 5.17 -22.14
CA ARG A 425 16.85 6.46 -21.74
C ARG A 425 15.80 7.27 -20.96
N PRO B 30 14.88 -9.27 -21.97
CA PRO B 30 14.88 -10.38 -21.00
C PRO B 30 14.09 -10.04 -19.73
N GLY B 31 13.81 -8.75 -19.53
CA GLY B 31 13.03 -8.28 -18.37
C GLY B 31 13.88 -8.01 -17.15
N VAL B 32 13.27 -8.15 -15.96
CA VAL B 32 13.97 -8.02 -14.67
C VAL B 32 14.79 -9.28 -14.37
N LEU B 33 16.11 -9.13 -14.32
CA LEU B 33 17.05 -10.26 -14.04
C LEU B 33 17.53 -10.23 -12.57
N ALA B 34 17.85 -11.39 -12.01
CA ALA B 34 18.36 -11.50 -10.62
C ALA B 34 19.11 -12.80 -10.30
N ASP B 35 20.27 -12.68 -9.64
CA ASP B 35 21.02 -13.82 -9.10
C ASP B 35 20.21 -14.52 -7.99
N ASN B 36 19.97 -15.82 -8.12
CA ASN B 36 19.01 -16.53 -7.24
C ASN B 36 17.56 -15.99 -7.34
N GLY B 37 17.21 -15.57 -8.56
CA GLY B 37 15.90 -15.05 -8.84
C GLY B 37 15.27 -15.65 -10.08
N LEU B 38 15.33 -16.97 -10.22
CA LEU B 38 14.56 -17.67 -11.25
C LEU B 38 14.84 -17.20 -12.67
N CYS B 39 16.11 -17.04 -13.03
CA CYS B 39 16.39 -16.52 -14.36
C CYS B 39 16.95 -17.56 -15.30
N GLU B 40 17.81 -18.40 -14.76
CA GLU B 40 18.39 -19.49 -15.51
C GLU B 40 18.22 -20.72 -14.64
N PRO B 41 18.22 -21.92 -15.26
CA PRO B 41 18.00 -23.20 -14.56
C PRO B 41 19.26 -23.63 -13.83
N LYS B 42 19.07 -24.22 -12.65
CA LYS B 42 20.19 -24.64 -11.84
C LYS B 42 20.82 -25.96 -12.27
N THR B 43 20.03 -26.87 -12.84
CA THR B 43 20.49 -28.23 -13.21
C THR B 43 20.46 -28.50 -14.73
N PRO B 44 21.31 -29.43 -15.25
CA PRO B 44 21.31 -29.63 -16.72
C PRO B 44 20.05 -30.35 -17.23
N ALA B 45 19.46 -31.22 -16.42
CA ALA B 45 18.11 -31.75 -16.70
C ALA B 45 17.18 -30.58 -17.01
N GLY B 46 17.06 -29.66 -16.03
CA GLY B 46 16.34 -28.39 -16.15
C GLY B 46 16.64 -27.63 -17.42
N ARG B 47 17.92 -27.50 -17.74
CA ARG B 47 18.33 -26.78 -18.96
C ARG B 47 17.80 -27.47 -20.21
N ARG B 48 17.89 -28.82 -20.21
CA ARG B 48 17.41 -29.60 -21.33
C ARG B 48 15.92 -29.30 -21.53
N LEU B 49 15.17 -29.31 -20.41
CA LEU B 49 13.73 -29.04 -20.39
C LEU B 49 13.29 -27.72 -21.03
N LEU B 50 14.01 -26.65 -20.76
CA LEU B 50 13.65 -25.33 -21.27
C LEU B 50 13.86 -25.27 -22.76
N ASP B 51 14.88 -26.00 -23.21
CA ASP B 51 15.21 -26.07 -24.63
C ASP B 51 14.11 -26.76 -25.40
N LEU B 52 13.58 -27.85 -24.82
CA LEU B 52 12.44 -28.53 -25.40
C LEU B 52 11.25 -27.59 -25.55
N LEU B 53 10.92 -26.88 -24.47
CA LEU B 53 9.79 -25.98 -24.45
C LEU B 53 9.85 -24.90 -25.52
N GLU B 54 11.08 -24.49 -25.87
CA GLU B 54 11.30 -23.38 -26.81
C GLU B 54 10.56 -23.50 -28.15
N ARG B 55 10.44 -24.72 -28.67
CA ARG B 55 9.75 -24.93 -29.95
C ARG B 55 8.22 -24.84 -29.83
N TYR B 56 7.70 -25.05 -28.63
CA TYR B 56 6.25 -25.00 -28.41
C TYR B 56 5.74 -23.59 -28.17
N LEU B 57 6.61 -22.72 -27.64
CA LEU B 57 6.18 -21.40 -27.18
C LEU B 57 5.50 -20.56 -28.27
N PRO B 58 6.11 -20.46 -29.47
CA PRO B 58 5.46 -19.65 -30.52
C PRO B 58 4.05 -20.15 -30.84
N ALA B 59 3.89 -21.47 -30.89
CA ALA B 59 2.56 -22.04 -31.01
C ALA B 59 1.67 -21.63 -29.83
N LEU B 60 2.13 -21.90 -28.59
CA LEU B 60 1.34 -21.58 -27.37
C LEU B 60 0.75 -20.19 -27.41
N GLU B 61 1.63 -19.24 -27.74
CA GLU B 61 1.31 -17.84 -27.84
C GLU B 61 0.33 -17.53 -28.95
N ALA B 62 0.55 -18.11 -30.11
CA ALA B 62 -0.35 -17.96 -31.23
C ALA B 62 -1.77 -18.38 -30.85
N GLU B 63 -1.90 -19.53 -30.19
CA GLU B 63 -3.21 -20.07 -29.88
C GLU B 63 -3.88 -19.44 -28.64
N SER B 64 -3.10 -18.71 -27.85
CA SER B 64 -3.53 -18.29 -26.52
C SER B 64 -4.88 -17.59 -26.47
N ARG B 65 -5.09 -16.66 -27.38
CA ARG B 65 -6.36 -15.91 -27.44
C ARG B 65 -7.58 -16.80 -27.70
N ASP B 66 -7.47 -17.69 -28.69
CA ASP B 66 -8.53 -18.66 -29.00
C ASP B 66 -8.77 -19.59 -27.82
N ASN B 67 -7.69 -20.20 -27.31
CA ASN B 67 -7.85 -21.22 -26.27
C ASN B 67 -8.50 -20.58 -25.06
N ASP B 68 -8.15 -19.31 -24.84
CA ASP B 68 -8.79 -18.50 -23.79
C ASP B 68 -10.26 -18.17 -24.09
N ARG B 69 -10.55 -17.62 -25.28
CA ARG B 69 -11.94 -17.26 -25.63
C ARG B 69 -12.84 -18.50 -25.55
N GLU B 70 -12.37 -19.59 -26.16
CA GLU B 70 -13.09 -20.86 -26.17
C GLU B 70 -13.14 -21.58 -24.82
N ALA B 71 -12.20 -21.28 -23.93
CA ALA B 71 -12.06 -22.04 -22.66
C ALA B 71 -11.76 -23.51 -22.94
N THR B 72 -10.72 -23.71 -23.73
CA THR B 72 -10.51 -24.95 -24.43
C THR B 72 -9.05 -25.42 -24.24
N LEU B 73 -8.85 -26.54 -23.53
CA LEU B 73 -7.50 -27.12 -23.37
C LEU B 73 -6.87 -27.44 -24.74
N PRO B 74 -5.67 -26.91 -25.04
CA PRO B 74 -5.08 -27.15 -26.37
C PRO B 74 -4.53 -28.57 -26.55
N VAL B 75 -5.44 -29.54 -26.56
CA VAL B 75 -5.14 -30.99 -26.61
C VAL B 75 -4.10 -31.41 -27.65
N HIS B 76 -4.22 -30.85 -28.86
CA HIS B 76 -3.26 -31.04 -29.95
C HIS B 76 -1.82 -30.73 -29.58
N LEU B 77 -1.59 -29.58 -28.93
CA LEU B 77 -0.24 -29.21 -28.45
C LEU B 77 0.27 -30.12 -27.32
N PHE B 78 -0.64 -30.62 -26.49
CA PHE B 78 -0.27 -31.57 -25.44
C PHE B 78 0.17 -32.92 -25.97
N ASP B 79 -0.47 -33.34 -27.07
CA ASP B 79 -0.13 -34.56 -27.76
C ASP B 79 1.32 -34.48 -28.22
N ARG B 80 1.65 -33.41 -28.96
CA ARG B 80 3.02 -33.20 -29.42
C ARG B 80 4.04 -33.23 -28.25
N MET B 81 3.70 -32.55 -27.16
CA MET B 81 4.56 -32.48 -25.99
C MET B 81 4.75 -33.82 -25.32
N ARG B 82 3.67 -34.57 -25.20
CA ARG B 82 3.70 -35.87 -24.58
C ARG B 82 4.61 -36.76 -25.38
N LYS B 83 4.42 -36.71 -26.70
CA LYS B 83 5.20 -37.52 -27.65
C LYS B 83 6.68 -37.08 -27.74
N GLU B 84 6.94 -35.78 -27.54
CA GLU B 84 8.33 -35.29 -27.48
C GLU B 84 8.97 -35.38 -26.09
N GLY B 85 8.36 -36.12 -25.16
CA GLY B 85 8.99 -36.46 -23.87
C GLY B 85 8.77 -35.50 -22.72
N VAL B 86 8.15 -34.38 -23.04
CA VAL B 86 7.95 -33.28 -22.10
C VAL B 86 7.11 -33.67 -20.89
N LEU B 87 6.04 -34.44 -21.08
CA LEU B 87 5.19 -34.82 -19.94
C LEU B 87 5.83 -35.82 -18.98
N GLY B 88 7.07 -36.18 -19.27
CA GLY B 88 7.83 -37.12 -18.46
C GLY B 88 9.03 -36.42 -17.90
N ALA B 89 9.00 -35.10 -17.96
CA ALA B 89 10.10 -34.28 -17.49
C ALA B 89 10.52 -34.62 -16.05
N THR B 90 9.58 -34.86 -15.16
CA THR B 90 9.93 -35.09 -13.76
C THR B 90 10.00 -36.56 -13.44
N VAL B 91 10.15 -37.35 -14.49
CA VAL B 91 10.28 -38.80 -14.35
C VAL B 91 11.77 -39.15 -14.37
N PRO B 92 12.26 -39.90 -13.35
CA PRO B 92 13.70 -40.17 -13.27
C PRO B 92 14.26 -40.72 -14.58
N GLU B 93 15.57 -40.64 -14.77
CA GLU B 93 16.23 -41.11 -16.00
C GLU B 93 16.14 -42.63 -16.17
N ASP B 94 16.31 -43.35 -15.05
CA ASP B 94 16.19 -44.81 -15.02
C ASP B 94 14.89 -45.26 -15.65
N LEU B 95 13.81 -44.51 -15.40
CA LEU B 95 12.48 -44.92 -15.83
C LEU B 95 12.04 -44.25 -17.16
N GLY B 96 13.00 -43.64 -17.85
CA GLY B 96 12.79 -43.15 -19.22
C GLY B 96 12.38 -41.69 -19.31
N GLY B 97 12.29 -41.03 -18.17
CA GLY B 97 11.94 -39.61 -18.16
C GLY B 97 13.17 -38.75 -18.29
N LEU B 98 12.97 -37.44 -18.21
CA LEU B 98 14.04 -36.44 -18.36
C LEU B 98 14.80 -36.12 -17.07
N GLY B 99 14.37 -36.69 -15.95
CA GLY B 99 15.08 -36.58 -14.66
C GLY B 99 15.27 -35.17 -14.12
N VAL B 100 14.29 -34.30 -14.35
CA VAL B 100 14.27 -32.96 -13.76
C VAL B 100 13.83 -33.12 -12.29
N HIS B 101 14.76 -32.87 -11.38
CA HIS B 101 14.50 -33.07 -9.97
C HIS B 101 14.39 -31.75 -9.25
N SER B 102 14.60 -30.66 -9.98
CA SER B 102 14.72 -29.31 -9.39
C SER B 102 13.44 -28.46 -9.46
N LEU B 103 12.84 -28.25 -8.29
CA LEU B 103 11.66 -27.40 -8.16
C LEU B 103 11.91 -26.01 -8.75
N HIS B 104 13.10 -25.45 -8.46
CA HIS B 104 13.58 -24.21 -9.10
C HIS B 104 13.37 -24.27 -10.60
N ASP B 105 13.92 -25.31 -11.22
CA ASP B 105 13.92 -25.39 -12.68
C ASP B 105 12.50 -25.65 -13.23
N VAL B 106 11.73 -26.41 -12.46
CA VAL B 106 10.34 -26.71 -12.79
C VAL B 106 9.58 -25.39 -12.85
N ALA B 107 9.69 -24.65 -11.73
CA ALA B 107 9.07 -23.34 -11.55
C ALA B 107 9.46 -22.47 -12.70
N LEU B 108 10.76 -22.43 -12.98
CA LEU B 108 11.28 -21.57 -14.04
C LEU B 108 10.66 -21.94 -15.40
N ALA B 109 10.51 -23.25 -15.63
CA ALA B 109 9.93 -23.72 -16.87
C ALA B 109 8.50 -23.21 -16.99
N LEU B 110 7.74 -23.43 -15.91
CA LEU B 110 6.37 -22.94 -15.81
C LEU B 110 6.29 -21.44 -16.09
N ALA B 111 7.25 -20.68 -15.57
CA ALA B 111 7.29 -19.24 -15.82
C ALA B 111 7.42 -18.91 -17.30
N ARG B 112 8.27 -19.64 -18.02
CA ARG B 112 8.45 -19.43 -19.46
C ARG B 112 7.13 -19.68 -20.18
N ILE B 113 6.51 -20.83 -19.88
CA ILE B 113 5.27 -21.23 -20.56
C ILE B 113 4.16 -20.24 -20.28
N ALA B 114 4.05 -19.88 -18.99
CA ALA B 114 3.05 -18.93 -18.50
C ALA B 114 3.24 -17.56 -19.18
N GLY B 115 4.48 -17.24 -19.52
CA GLY B 115 4.74 -16.05 -20.32
C GLY B 115 3.82 -16.01 -21.54
N ARG B 116 3.56 -17.18 -22.14
CA ARG B 116 2.82 -17.25 -23.39
C ARG B 116 1.36 -17.66 -23.16
N ASP B 117 1.14 -18.64 -22.28
CA ASP B 117 -0.20 -19.04 -21.87
C ASP B 117 -0.15 -19.67 -20.47
N ALA B 118 -0.77 -18.97 -19.51
CA ALA B 118 -0.75 -19.38 -18.12
C ALA B 118 -1.61 -20.62 -17.88
N GLY B 119 -2.80 -20.66 -18.51
CA GLY B 119 -3.65 -21.86 -18.42
C GLY B 119 -2.84 -23.15 -18.63
N VAL B 120 -2.07 -23.15 -19.72
CA VAL B 120 -1.30 -24.32 -20.13
C VAL B 120 -0.30 -24.74 -19.06
N ALA B 121 0.48 -23.77 -18.59
CA ALA B 121 1.40 -23.99 -17.49
C ALA B 121 0.64 -24.64 -16.32
N LEU B 122 -0.46 -24.00 -15.93
CA LEU B 122 -1.20 -24.47 -14.78
C LEU B 122 -1.53 -25.96 -14.96
N ALA B 123 -1.85 -26.33 -16.20
CA ALA B 123 -2.09 -27.73 -16.52
C ALA B 123 -0.82 -28.58 -16.41
N LEU B 124 0.25 -28.23 -17.16
CA LEU B 124 1.51 -29.00 -17.15
C LEU B 124 2.03 -29.20 -15.74
N HIS B 125 1.71 -28.24 -14.87
CA HIS B 125 2.16 -28.37 -13.51
C HIS B 125 1.68 -29.68 -12.94
N MET B 126 0.44 -30.03 -13.29
CA MET B 126 -0.22 -31.19 -12.76
C MET B 126 0.68 -32.43 -13.01
N GLN B 127 1.18 -32.51 -14.25
CA GLN B 127 2.10 -33.57 -14.66
C GLN B 127 3.42 -33.44 -13.92
N PHE B 128 4.13 -32.32 -14.13
CA PHE B 128 5.44 -32.11 -13.51
C PHE B 128 5.44 -32.46 -12.01
N SER B 129 4.54 -31.86 -11.23
CA SER B 129 4.51 -32.12 -9.78
C SER B 129 4.25 -33.57 -9.44
N ARG B 130 3.39 -34.22 -10.24
CA ARG B 130 3.04 -35.63 -10.02
C ARG B 130 4.28 -36.49 -10.14
N GLY B 131 5.06 -36.24 -11.20
CA GLY B 131 6.37 -36.85 -11.37
C GLY B 131 7.20 -36.85 -10.09
N LEU B 132 7.39 -35.66 -9.52
CA LEU B 132 8.15 -35.53 -8.29
C LEU B 132 7.51 -36.28 -7.14
N THR B 133 6.23 -36.04 -6.90
CA THR B 133 5.53 -36.68 -5.76
C THR B 133 5.60 -38.20 -5.80
N LEU B 134 5.45 -38.77 -7.01
CA LEU B 134 5.65 -40.21 -7.19
C LEU B 134 7.10 -40.63 -7.01
N ASP B 135 8.00 -39.85 -7.61
CA ASP B 135 9.41 -40.11 -7.47
C ASP B 135 9.84 -40.20 -5.99
N PHE B 136 9.19 -39.45 -5.12
CA PHE B 136 9.47 -39.57 -3.70
C PHE B 136 8.92 -40.90 -3.21
N GLU B 137 7.70 -41.24 -3.63
CA GLU B 137 7.02 -42.45 -3.15
C GLU B 137 7.87 -43.68 -3.45
N TRP B 138 8.34 -43.72 -4.70
CA TRP B 138 9.24 -44.77 -5.24
C TRP B 138 10.47 -45.08 -4.46
N ARG B 139 11.04 -44.06 -3.82
CA ARG B 139 12.27 -44.25 -3.08
C ARG B 139 12.01 -44.32 -1.57
N HIS B 140 10.88 -43.75 -1.11
CA HIS B 140 10.66 -43.54 0.34
C HIS B 140 9.29 -43.92 0.85
N GLY B 141 8.39 -44.32 -0.04
CA GLY B 141 7.05 -44.70 0.39
C GLY B 141 7.00 -46.10 0.98
N ALA B 142 5.87 -46.45 1.61
CA ALA B 142 5.63 -47.80 2.16
C ALA B 142 5.99 -48.88 1.13
N PRO B 143 6.83 -49.86 1.53
CA PRO B 143 7.41 -50.88 0.65
C PRO B 143 6.44 -51.49 -0.36
N SER B 144 5.18 -51.62 0.05
CA SER B 144 4.10 -52.17 -0.78
C SER B 144 3.76 -51.33 -2.04
N THR B 145 3.67 -50.02 -1.86
CA THR B 145 3.22 -49.10 -2.92
C THR B 145 4.35 -48.73 -3.87
N ARG B 146 5.57 -48.99 -3.43
CA ARG B 146 6.80 -48.65 -4.15
C ARG B 146 6.85 -49.11 -5.60
N PRO B 147 6.37 -50.34 -5.91
CA PRO B 147 6.31 -50.74 -7.33
C PRO B 147 5.21 -50.02 -8.17
N LEU B 148 4.06 -49.72 -7.55
CA LEU B 148 2.95 -49.06 -8.24
C LEU B 148 3.42 -47.71 -8.74
N ALA B 149 4.15 -47.03 -7.86
CA ALA B 149 4.82 -45.77 -8.17
C ALA B 149 5.73 -45.95 -9.39
N GLU B 150 6.58 -46.98 -9.30
CA GLU B 150 7.52 -47.30 -10.37
C GLU B 150 6.80 -47.53 -11.68
N ASP B 151 5.66 -48.24 -11.61
CA ASP B 151 4.85 -48.47 -12.79
C ASP B 151 4.50 -47.13 -13.44
N LEU B 152 3.71 -46.32 -12.71
CA LEU B 152 3.16 -45.04 -13.22
C LEU B 152 4.25 -44.14 -13.78
N LEU B 153 5.37 -44.07 -13.06
CA LEU B 153 6.52 -43.29 -13.54
C LEU B 153 6.97 -43.73 -14.97
N ARG B 154 7.15 -45.04 -15.17
CA ARG B 154 7.55 -45.54 -16.49
C ARG B 154 6.49 -45.17 -17.53
N GLN B 155 5.23 -45.31 -17.12
CA GLN B 155 4.08 -45.02 -17.98
C GLN B 155 4.10 -43.55 -18.43
N MET B 156 4.42 -42.64 -17.51
CA MET B 156 4.49 -41.21 -17.85
C MET B 156 5.66 -40.93 -18.76
N GLY B 157 6.79 -41.59 -18.46
CA GLY B 157 8.03 -41.44 -19.23
C GLY B 157 7.80 -41.86 -20.67
N ALA B 158 7.03 -42.95 -20.82
CA ALA B 158 6.70 -43.52 -22.13
C ALA B 158 5.73 -42.64 -22.95
N GLY B 159 5.14 -41.64 -22.32
CA GLY B 159 4.13 -40.81 -22.98
C GLY B 159 2.77 -41.50 -22.99
N GLU B 160 2.64 -42.57 -22.20
CA GLU B 160 1.41 -43.34 -22.16
C GLU B 160 0.48 -42.82 -21.05
N ALA B 161 1.02 -42.55 -19.87
CA ALA B 161 0.21 -42.08 -18.73
C ALA B 161 0.25 -40.57 -18.51
N VAL B 162 -0.91 -40.03 -18.12
CA VAL B 162 -1.14 -38.60 -17.86
C VAL B 162 -1.98 -38.47 -16.59
N ILE B 163 -1.32 -38.09 -15.49
CA ILE B 163 -1.93 -38.16 -14.14
C ILE B 163 -2.38 -36.80 -13.57
N CYS B 164 -3.62 -36.77 -13.07
CA CYS B 164 -4.17 -35.59 -12.40
C CYS B 164 -4.53 -35.92 -10.98
N GLY B 165 -4.41 -34.93 -10.11
CA GLY B 165 -4.84 -35.06 -8.73
C GLY B 165 -6.22 -34.47 -8.67
N ALA B 166 -7.12 -35.16 -7.98
CA ALA B 166 -8.47 -34.65 -7.77
C ALA B 166 -8.58 -34.45 -6.28
N VAL B 167 -8.54 -33.19 -5.87
CA VAL B 167 -8.43 -32.86 -4.46
C VAL B 167 -9.69 -32.24 -3.87
N LYS B 168 -10.15 -31.13 -4.43
CA LYS B 168 -11.27 -30.39 -3.81
C LYS B 168 -12.65 -31.05 -4.00
N ASP B 169 -13.21 -31.51 -2.87
CA ASP B 169 -14.62 -31.94 -2.81
C ASP B 169 -15.53 -30.78 -3.21
N VAL B 170 -16.76 -31.08 -3.62
CA VAL B 170 -17.72 -30.01 -3.87
C VAL B 170 -19.07 -30.32 -3.23
N ARG B 171 -19.42 -29.50 -2.22
CA ARG B 171 -20.63 -29.67 -1.41
C ARG B 171 -21.04 -31.13 -1.19
N GLY B 172 -20.15 -31.91 -0.58
CA GLY B 172 -20.35 -33.34 -0.34
C GLY B 172 -18.99 -33.99 -0.41
N THR B 173 -18.58 -34.63 0.69
CA THR B 173 -17.23 -35.19 0.78
C THR B 173 -17.09 -36.52 0.04
N THR B 174 -15.94 -36.74 -0.62
CA THR B 174 -15.71 -37.97 -1.39
C THR B 174 -15.29 -39.15 -0.50
N VAL B 175 -16.02 -40.26 -0.65
CA VAL B 175 -15.84 -41.45 0.17
C VAL B 175 -15.82 -42.72 -0.70
N LEU B 176 -14.85 -43.58 -0.41
CA LEU B 176 -14.90 -44.95 -0.92
C LEU B 176 -15.14 -45.90 0.24
N THR B 177 -16.00 -46.89 -0.02
CA THR B 177 -16.35 -47.90 0.96
C THR B 177 -15.91 -49.26 0.40
N ARG B 178 -15.93 -50.28 1.26
CA ARG B 178 -15.62 -51.65 0.83
C ARG B 178 -16.87 -52.36 0.31
N ALA B 179 -16.88 -52.73 -0.97
CA ALA B 179 -17.95 -53.60 -1.52
C ALA B 179 -17.89 -54.91 -0.74
N THR B 180 -19.02 -55.28 -0.11
CA THR B 180 -19.03 -56.08 1.13
C THR B 180 -18.03 -57.26 1.17
N ASP B 181 -17.49 -57.59 -0.01
CA ASP B 181 -16.39 -58.57 -0.17
C ASP B 181 -15.07 -57.99 0.33
N GLY B 182 -14.50 -57.12 -0.49
CA GLY B 182 -13.15 -56.61 -0.30
C GLY B 182 -12.96 -55.43 -1.22
N SER B 183 -12.87 -55.69 -2.54
CA SER B 183 -12.74 -54.62 -3.59
C SER B 183 -13.64 -53.42 -3.26
N TYR B 184 -13.10 -52.21 -3.40
CA TYR B 184 -13.78 -50.97 -2.95
C TYR B 184 -14.50 -50.24 -4.07
N ARG B 185 -15.66 -49.67 -3.77
CA ARG B 185 -16.37 -48.85 -4.74
C ARG B 185 -16.21 -47.41 -4.30
N LEU B 186 -15.93 -46.53 -5.26
CA LEU B 186 -15.64 -45.11 -4.98
C LEU B 186 -16.75 -44.16 -5.43
N ASN B 187 -17.13 -43.26 -4.54
CA ASN B 187 -18.27 -42.40 -4.75
C ASN B 187 -17.98 -41.01 -4.26
N GLY B 188 -18.10 -40.03 -5.15
CA GLY B 188 -17.91 -38.62 -4.78
C GLY B 188 -17.86 -37.71 -5.98
N ARG B 189 -17.53 -36.44 -5.73
CA ARG B 189 -17.31 -35.44 -6.77
C ARG B 189 -16.13 -34.50 -6.44
N LYS B 190 -15.18 -34.40 -7.37
CA LYS B 190 -14.06 -33.47 -7.22
C LYS B 190 -14.13 -32.36 -8.24
N THR B 191 -13.67 -31.18 -7.81
CA THR B 191 -13.73 -29.98 -8.62
C THR B 191 -12.37 -29.37 -8.94
N LEU B 192 -12.35 -28.58 -10.01
CA LEU B 192 -11.16 -27.84 -10.47
C LEU B 192 -9.99 -28.77 -10.67
N VAL B 193 -10.15 -29.78 -11.49
CA VAL B 193 -9.05 -30.69 -11.74
C VAL B 193 -8.50 -30.31 -13.10
N SER B 194 -7.36 -29.62 -13.11
CA SER B 194 -6.80 -29.15 -14.37
C SER B 194 -6.27 -30.31 -15.17
N MET B 195 -6.26 -30.14 -16.49
CA MET B 195 -5.76 -31.14 -17.44
C MET B 195 -6.58 -32.44 -17.48
N ALA B 196 -7.64 -32.53 -16.66
CA ALA B 196 -8.46 -33.74 -16.57
C ALA B 196 -8.98 -34.12 -17.96
N GLY B 197 -9.24 -33.10 -18.78
CA GLY B 197 -9.61 -33.31 -20.18
C GLY B 197 -8.90 -34.51 -20.79
N ILE B 198 -7.58 -34.44 -20.84
CA ILE B 198 -6.75 -35.47 -21.48
C ILE B 198 -6.09 -36.47 -20.48
N ALA B 199 -6.68 -36.66 -19.30
CA ALA B 199 -6.11 -37.56 -18.28
C ALA B 199 -6.33 -39.03 -18.57
N THR B 200 -5.38 -39.85 -18.12
CA THR B 200 -5.52 -41.28 -18.22
C THR B 200 -5.70 -41.85 -16.82
N HIS B 201 -5.09 -41.21 -15.82
CA HIS B 201 -5.30 -41.62 -14.44
C HIS B 201 -5.64 -40.45 -13.54
N TYR B 202 -6.15 -40.76 -12.33
CA TYR B 202 -6.47 -39.77 -11.32
C TYR B 202 -6.05 -40.28 -9.97
N VAL B 203 -5.21 -39.53 -9.27
CA VAL B 203 -4.98 -39.82 -7.87
C VAL B 203 -6.04 -39.03 -7.10
N VAL B 204 -6.87 -39.75 -6.35
CA VAL B 204 -8.05 -39.13 -5.76
C VAL B 204 -7.94 -39.17 -4.24
N SER B 205 -7.68 -38.00 -3.64
CA SER B 205 -7.63 -37.92 -2.19
C SER B 205 -9.05 -37.92 -1.62
N THR B 206 -9.27 -38.83 -0.68
CA THR B 206 -10.60 -39.10 -0.16
C THR B 206 -10.47 -39.69 1.25
N ARG B 207 -11.57 -39.67 2.02
CA ARG B 207 -11.67 -40.37 3.30
C ARG B 207 -12.42 -41.70 3.13
N LEU B 208 -12.02 -42.72 3.89
CA LEU B 208 -12.62 -44.07 3.82
C LEU B 208 -13.32 -44.47 5.11
N PRO B 214 -12.40 -45.39 13.56
CA PRO B 214 -11.59 -44.33 12.95
C PRO B 214 -12.04 -44.10 11.52
N VAL B 215 -11.98 -42.85 11.05
CA VAL B 215 -12.08 -42.67 9.59
C VAL B 215 -10.65 -42.47 9.05
N ARG B 216 -10.19 -43.44 8.26
CA ARG B 216 -8.85 -43.33 7.65
C ARG B 216 -8.94 -42.73 6.24
N LEU B 217 -7.93 -41.93 5.85
CA LEU B 217 -7.94 -41.26 4.55
C LEU B 217 -6.89 -41.82 3.57
N ALA B 218 -7.15 -41.69 2.27
CA ALA B 218 -6.34 -42.35 1.22
C ALA B 218 -6.41 -41.65 -0.14
N ALA B 219 -5.43 -41.96 -0.98
CA ALA B 219 -5.38 -41.44 -2.35
C ALA B 219 -5.14 -42.56 -3.36
N PRO B 220 -6.20 -43.28 -3.74
CA PRO B 220 -6.08 -44.35 -4.72
C PRO B 220 -5.91 -43.85 -6.14
N VAL B 221 -5.18 -44.59 -6.95
CA VAL B 221 -5.12 -44.30 -8.38
C VAL B 221 -6.35 -44.89 -9.08
N VAL B 222 -6.94 -44.12 -10.01
CA VAL B 222 -8.17 -44.50 -10.71
C VAL B 222 -8.02 -44.22 -12.21
N ALA B 223 -8.18 -45.22 -13.07
CA ALA B 223 -7.99 -45.00 -14.51
C ALA B 223 -9.14 -44.15 -15.06
N ARG B 224 -8.86 -43.45 -16.15
CA ARG B 224 -9.84 -42.62 -16.85
C ARG B 224 -11.04 -43.47 -17.30
N THR B 225 -10.72 -44.69 -17.77
CA THR B 225 -11.69 -45.63 -18.35
C THR B 225 -12.57 -46.39 -17.34
N THR B 226 -12.27 -46.23 -16.04
CA THR B 226 -13.08 -46.83 -14.98
C THR B 226 -14.57 -46.54 -15.19
N PRO B 227 -15.40 -47.58 -15.05
CA PRO B 227 -16.83 -47.38 -15.19
C PRO B 227 -17.35 -46.60 -13.98
N GLY B 228 -18.30 -45.68 -14.25
CA GLY B 228 -18.89 -44.82 -13.21
C GLY B 228 -18.23 -43.45 -13.12
N LEU B 229 -17.18 -43.26 -13.92
CA LEU B 229 -16.44 -42.01 -13.96
C LEU B 229 -16.88 -41.09 -15.11
N THR B 230 -17.36 -39.91 -14.75
CA THR B 230 -17.72 -38.92 -15.75
C THR B 230 -16.86 -37.66 -15.56
N VAL B 231 -16.38 -37.13 -16.69
CA VAL B 231 -15.69 -35.85 -16.70
C VAL B 231 -16.66 -34.78 -17.19
N LEU B 232 -16.91 -33.78 -16.35
CA LEU B 232 -17.88 -32.73 -16.67
C LEU B 232 -17.17 -31.50 -17.21
N ASP B 233 -17.57 -31.08 -18.40
CA ASP B 233 -16.98 -29.90 -19.01
C ASP B 233 -17.65 -28.58 -18.55
N ASN B 234 -17.49 -28.24 -17.28
CA ASN B 234 -18.21 -27.10 -16.70
C ASN B 234 -17.25 -26.02 -16.21
N TRP B 235 -16.11 -25.92 -16.89
CA TRP B 235 -15.05 -25.03 -16.48
C TRP B 235 -15.25 -23.64 -17.03
N ASP B 236 -15.74 -22.73 -16.19
CA ASP B 236 -16.05 -21.36 -16.63
C ASP B 236 -15.31 -20.29 -15.82
N GLY B 237 -14.02 -20.49 -15.60
CA GLY B 237 -13.24 -19.56 -14.80
C GLY B 237 -13.01 -18.27 -15.54
N MET B 238 -12.82 -17.20 -14.78
CA MET B 238 -12.58 -15.88 -15.36
C MET B 238 -11.21 -15.83 -16.07
N GLY B 239 -10.27 -16.62 -15.58
CA GLY B 239 -9.01 -16.78 -16.28
C GLY B 239 -8.53 -18.21 -16.07
N MET B 240 -7.33 -18.51 -16.57
CA MET B 240 -6.81 -19.87 -16.56
C MET B 240 -7.77 -20.73 -17.39
N ARG B 241 -8.32 -20.14 -18.44
CA ARG B 241 -9.44 -20.78 -19.13
C ARG B 241 -8.97 -21.99 -19.93
N SER B 242 -7.82 -21.86 -20.56
CA SER B 242 -7.22 -22.93 -21.30
C SER B 242 -6.72 -24.14 -20.48
N SER B 243 -6.91 -24.12 -19.16
CA SER B 243 -6.27 -25.10 -18.29
C SER B 243 -7.13 -26.35 -18.09
N GLY B 244 -8.39 -26.26 -18.54
CA GLY B 244 -9.36 -27.33 -18.40
C GLY B 244 -9.46 -27.84 -16.98
N SER B 245 -9.95 -26.98 -16.10
CA SER B 245 -10.11 -27.34 -14.70
C SER B 245 -11.55 -27.78 -14.46
N VAL B 246 -11.81 -28.99 -14.94
CA VAL B 246 -13.15 -29.55 -15.02
C VAL B 246 -13.46 -30.41 -13.79
N ASP B 247 -14.76 -30.68 -13.58
CA ASP B 247 -15.25 -31.48 -12.44
C ASP B 247 -15.27 -32.94 -12.85
N ILE B 248 -14.98 -33.81 -11.88
CA ILE B 248 -15.06 -35.25 -12.12
C ILE B 248 -15.96 -35.84 -11.07
N VAL B 249 -17.05 -36.46 -11.52
CA VAL B 249 -17.92 -37.23 -10.62
C VAL B 249 -17.58 -38.74 -10.67
N PHE B 250 -17.47 -39.35 -9.49
CA PHE B 250 -17.26 -40.79 -9.38
C PHE B 250 -18.51 -41.43 -8.83
N ASP B 251 -19.07 -42.38 -9.59
CA ASP B 251 -20.33 -43.03 -9.24
C ASP B 251 -20.15 -44.56 -9.15
N GLY B 252 -19.90 -45.06 -7.94
CA GLY B 252 -19.59 -46.47 -7.70
C GLY B 252 -18.51 -46.96 -8.64
N CYS B 253 -17.33 -46.35 -8.54
CA CYS B 253 -16.20 -46.73 -9.39
C CYS B 253 -15.42 -47.86 -8.73
N PRO B 254 -15.14 -48.96 -9.47
CA PRO B 254 -14.42 -50.09 -8.88
C PRO B 254 -12.93 -49.78 -8.67
N VAL B 255 -12.47 -49.93 -7.44
CA VAL B 255 -11.06 -49.73 -7.09
C VAL B 255 -10.47 -51.02 -6.51
N ASP B 256 -9.42 -51.52 -7.17
CA ASP B 256 -8.68 -52.71 -6.72
C ASP B 256 -8.44 -52.69 -5.21
N ARG B 257 -8.46 -53.87 -4.59
CA ARG B 257 -8.08 -53.99 -3.18
C ARG B 257 -6.66 -53.44 -2.96
N ASP B 258 -5.80 -53.61 -3.97
CA ASP B 258 -4.38 -53.23 -3.91
C ASP B 258 -4.07 -51.75 -4.19
N ARG B 259 -4.95 -51.02 -4.89
CA ARG B 259 -4.70 -49.61 -5.30
C ARG B 259 -5.03 -48.54 -4.23
N VAL B 260 -5.49 -48.99 -3.06
CA VAL B 260 -5.78 -48.08 -1.93
C VAL B 260 -4.58 -47.85 -1.03
N LEU B 261 -4.23 -46.58 -0.84
CA LEU B 261 -3.07 -46.18 -0.03
C LEU B 261 -3.48 -45.41 1.24
N PRO B 262 -3.81 -46.12 2.34
CA PRO B 262 -4.33 -45.45 3.55
C PRO B 262 -3.26 -44.73 4.38
N ARG B 263 -3.32 -43.39 4.40
CA ARG B 263 -2.31 -42.52 5.03
C ARG B 263 -2.87 -41.61 6.15
N GLY B 264 -2.79 -42.07 7.40
CA GLY B 264 -3.25 -41.28 8.55
C GLY B 264 -4.76 -41.11 8.61
N GLU B 265 -5.21 -39.91 8.98
CA GLU B 265 -6.65 -39.61 9.11
C GLU B 265 -6.96 -38.11 9.23
N PRO B 266 -8.11 -37.65 8.67
CA PRO B 266 -8.45 -36.22 8.63
C PRO B 266 -8.62 -35.61 10.02
N GLY B 267 -8.46 -34.29 10.12
CA GLY B 267 -8.50 -33.63 11.42
C GLY B 267 -7.13 -33.61 12.05
N VAL B 268 -6.77 -34.68 12.77
CA VAL B 268 -5.45 -34.80 13.41
C VAL B 268 -4.35 -34.73 12.35
N ARG B 269 -3.73 -33.57 12.24
CA ARG B 269 -2.75 -33.31 11.20
C ARG B 269 -1.33 -33.44 11.75
N ASP B 270 -0.41 -33.84 10.87
CA ASP B 270 0.99 -33.91 11.19
C ASP B 270 1.81 -33.00 10.28
N ASP B 271 2.71 -32.26 10.91
CA ASP B 271 3.47 -31.26 10.21
C ASP B 271 4.43 -31.82 9.17
N ALA B 272 4.66 -33.13 9.21
CA ALA B 272 5.54 -33.74 8.22
C ALA B 272 4.83 -33.83 6.88
N ALA B 273 3.50 -33.82 6.92
CA ALA B 273 2.70 -33.90 5.69
C ALA B 273 2.94 -32.68 4.82
N LEU B 274 3.23 -31.57 5.51
CA LEU B 274 3.54 -30.27 4.91
C LEU B 274 4.67 -30.29 3.86
N ALA B 275 5.67 -31.16 4.06
CA ALA B 275 6.72 -31.40 3.05
C ALA B 275 6.17 -31.84 1.70
N GLY B 276 5.28 -32.84 1.73
CA GLY B 276 4.65 -33.31 0.51
C GLY B 276 3.80 -32.21 -0.10
N GLN B 277 2.96 -31.61 0.75
CA GLN B 277 2.08 -30.51 0.38
C GLN B 277 2.81 -29.37 -0.30
N THR B 278 3.99 -29.03 0.24
CA THR B 278 4.89 -28.05 -0.35
C THR B 278 5.33 -28.44 -1.74
N VAL B 279 5.88 -29.65 -1.86
CA VAL B 279 6.47 -30.09 -3.12
C VAL B 279 5.50 -29.99 -4.32
N SER B 280 4.24 -30.26 -4.07
CA SER B 280 3.25 -30.41 -5.12
C SER B 280 2.63 -29.11 -5.56
N SER B 281 2.85 -28.03 -4.80
CA SER B 281 2.27 -26.72 -5.14
C SER B 281 3.29 -25.64 -5.40
N ILE B 282 4.38 -25.67 -4.64
CA ILE B 282 5.33 -24.55 -4.66
C ILE B 282 5.68 -24.12 -6.07
N ALA B 283 5.90 -25.09 -6.97
CA ALA B 283 6.33 -24.79 -8.33
C ALA B 283 5.39 -23.84 -9.04
N MET B 284 4.13 -23.80 -8.62
CA MET B 284 3.12 -23.00 -9.33
C MET B 284 3.42 -21.51 -9.30
N LEU B 285 4.18 -21.12 -8.27
CA LEU B 285 4.48 -19.74 -8.05
C LEU B 285 5.21 -19.13 -9.26
N GLY B 286 5.97 -19.98 -9.96
CA GLY B 286 6.66 -19.58 -11.17
C GLY B 286 5.71 -19.00 -12.19
N ILE B 287 4.46 -19.49 -12.16
CA ILE B 287 3.47 -19.09 -13.15
C ILE B 287 3.18 -17.62 -13.04
N TYR B 288 2.92 -17.19 -11.81
CA TYR B 288 2.53 -15.80 -11.58
C TYR B 288 3.69 -14.82 -11.83
N VAL B 289 4.89 -15.28 -11.50
CA VAL B 289 6.07 -14.56 -11.90
C VAL B 289 6.03 -14.45 -13.40
N GLY B 290 5.73 -15.57 -14.06
CA GLY B 290 5.69 -15.63 -15.52
C GLY B 290 4.75 -14.54 -16.00
N ILE B 291 3.57 -14.47 -15.36
CA ILE B 291 2.51 -13.55 -15.82
C ILE B 291 2.95 -12.11 -15.63
N ALA B 292 3.48 -11.83 -14.44
CA ALA B 292 3.92 -10.49 -14.15
C ALA B 292 4.95 -10.09 -15.21
N GLU B 293 5.88 -11.00 -15.52
CA GLU B 293 6.99 -10.69 -16.43
C GLU B 293 6.42 -10.31 -17.77
N ALA B 294 5.51 -11.17 -18.22
CA ALA B 294 4.84 -10.98 -19.48
C ALA B 294 4.21 -9.59 -19.56
N ALA B 295 3.39 -9.27 -18.55
CA ALA B 295 2.69 -7.99 -18.49
C ALA B 295 3.67 -6.81 -18.54
N ARG B 296 4.76 -6.97 -17.81
CA ARG B 296 5.81 -5.99 -17.82
C ARG B 296 6.39 -5.79 -19.23
N ARG B 297 6.77 -6.90 -19.85
CA ARG B 297 7.33 -6.85 -21.20
C ARG B 297 6.41 -6.05 -22.10
N ILE B 298 5.14 -6.43 -22.10
CA ILE B 298 4.17 -5.74 -22.95
C ILE B 298 4.12 -4.25 -22.67
N ALA B 299 3.98 -3.92 -21.39
CA ALA B 299 3.85 -2.52 -20.98
C ALA B 299 5.07 -1.70 -21.41
N LEU B 300 6.26 -2.23 -21.11
CA LEU B 300 7.49 -1.54 -21.43
C LEU B 300 7.67 -1.26 -22.91
N THR B 301 7.52 -2.29 -23.76
CA THR B 301 7.71 -2.07 -25.19
C THR B 301 6.71 -1.00 -25.65
N GLU B 302 5.52 -1.04 -25.08
CA GLU B 302 4.47 -0.14 -25.46
C GLU B 302 4.90 1.30 -25.17
N LEU B 303 5.50 1.48 -24.00
CA LEU B 303 5.92 2.79 -23.56
C LEU B 303 7.12 3.28 -24.36
N ARG B 304 8.09 2.40 -24.59
CA ARG B 304 9.27 2.72 -25.43
C ARG B 304 8.84 3.27 -26.79
N ARG B 305 7.76 2.70 -27.30
CA ARG B 305 7.21 3.02 -28.59
C ARG B 305 6.47 4.36 -28.54
N ARG B 306 6.38 5.00 -27.38
CA ARG B 306 5.72 6.31 -27.31
C ARG B 306 6.67 7.52 -27.29
N GLY B 307 7.95 7.29 -27.02
CA GLY B 307 8.95 8.37 -27.01
C GLY B 307 9.24 8.94 -25.62
N GLY B 308 8.98 10.25 -25.44
CA GLY B 308 9.14 10.90 -24.15
C GLY B 308 8.24 10.24 -23.12
N ALA B 309 8.73 10.16 -21.88
CA ALA B 309 8.03 9.43 -20.82
C ALA B 309 7.53 10.31 -19.66
N PRO B 310 6.19 10.54 -19.52
CA PRO B 310 5.63 11.43 -18.48
C PRO B 310 6.01 11.10 -17.02
N ALA B 311 5.78 12.04 -16.12
CA ALA B 311 6.37 11.91 -14.80
C ALA B 311 5.67 10.80 -14.02
N GLY B 312 4.40 10.56 -14.39
CA GLY B 312 3.57 9.47 -13.88
C GLY B 312 4.17 8.09 -14.16
N VAL B 313 4.71 7.89 -15.34
CA VAL B 313 5.05 6.54 -15.73
C VAL B 313 6.38 6.10 -15.17
N ARG B 314 7.25 7.08 -14.95
CA ARG B 314 8.60 6.74 -14.59
C ARG B 314 8.45 6.02 -13.23
N THR B 315 7.66 6.62 -12.35
CA THR B 315 7.44 6.05 -11.04
C THR B 315 6.85 4.65 -11.12
N THR B 316 5.78 4.49 -11.91
CA THR B 316 5.11 3.21 -12.01
C THR B 316 6.09 2.18 -12.51
N VAL B 317 6.88 2.54 -13.51
CA VAL B 317 7.83 1.58 -14.04
C VAL B 317 8.79 1.15 -12.93
N ALA B 318 9.38 2.12 -12.26
CA ALA B 318 10.31 1.85 -11.18
C ALA B 318 9.65 0.93 -10.14
N GLU B 319 8.40 1.23 -9.75
CA GLU B 319 7.66 0.44 -8.79
C GLU B 319 7.45 -0.99 -9.31
N ILE B 320 6.95 -1.10 -10.54
CA ILE B 320 6.74 -2.39 -11.20
C ILE B 320 7.98 -3.28 -11.09
N ASP B 321 9.09 -2.76 -11.55
CA ASP B 321 10.29 -3.54 -11.59
C ASP B 321 10.70 -3.92 -10.15
N ALA B 322 10.54 -3.00 -9.21
CA ALA B 322 11.01 -3.28 -7.86
C ALA B 322 10.24 -4.48 -7.33
N ARG B 323 8.93 -4.43 -7.46
CA ARG B 323 8.09 -5.54 -7.05
C ARG B 323 8.46 -6.83 -7.79
N LEU B 324 8.67 -6.76 -9.10
CA LEU B 324 9.15 -7.94 -9.83
C LEU B 324 10.41 -8.54 -9.20
N PHE B 325 11.42 -7.68 -8.98
CA PHE B 325 12.65 -8.12 -8.32
C PHE B 325 12.32 -8.77 -6.97
N ALA B 326 11.45 -8.15 -6.18
CA ALA B 326 11.02 -8.77 -4.93
C ALA B 326 10.42 -10.18 -5.15
N LEU B 327 9.55 -10.30 -6.14
CA LEU B 327 8.91 -11.58 -6.44
C LEU B 327 9.93 -12.62 -6.85
N HIS B 328 10.69 -12.33 -7.92
CA HIS B 328 11.77 -13.23 -8.37
C HIS B 328 12.47 -13.79 -7.14
N THR B 329 13.06 -12.94 -6.33
CA THR B 329 13.99 -13.38 -5.29
C THR B 329 13.30 -14.09 -4.13
N ALA B 330 12.11 -13.63 -3.79
CA ALA B 330 11.37 -14.21 -2.67
C ALA B 330 10.94 -15.64 -3.05
N VAL B 331 10.55 -15.79 -4.31
CA VAL B 331 10.10 -17.07 -4.81
C VAL B 331 11.25 -18.06 -4.95
N ALA B 332 12.33 -17.60 -5.58
CA ALA B 332 13.48 -18.44 -5.84
C ALA B 332 14.06 -18.91 -4.54
N SER B 333 13.97 -18.07 -3.51
CA SER B 333 14.42 -18.47 -2.19
C SER B 333 13.60 -19.60 -1.60
N ALA B 334 12.29 -19.57 -1.78
CA ALA B 334 11.44 -20.58 -1.17
C ALA B 334 11.67 -21.94 -1.82
N LEU B 335 11.74 -21.89 -3.14
CA LEU B 335 12.11 -23.03 -3.96
C LEU B 335 13.45 -23.63 -3.55
N THR B 336 14.44 -22.79 -3.29
CA THR B 336 15.74 -23.24 -2.81
C THR B 336 15.63 -24.07 -1.53
N THR B 337 14.90 -23.52 -0.57
CA THR B 337 14.64 -24.22 0.68
C THR B 337 13.99 -25.54 0.37
N ALA B 338 12.97 -25.51 -0.48
CA ALA B 338 12.27 -26.74 -0.80
C ALA B 338 13.19 -27.79 -1.46
N ASP B 339 13.96 -27.39 -2.47
CA ASP B 339 14.89 -28.29 -3.13
C ASP B 339 15.96 -28.83 -2.17
N ARG B 340 16.33 -28.02 -1.17
CA ARG B 340 17.34 -28.40 -0.18
C ARG B 340 16.84 -29.56 0.69
N LEU B 341 15.60 -29.47 1.16
CA LEU B 341 15.04 -30.53 1.98
C LEU B 341 14.30 -31.63 1.21
N ALA B 342 14.22 -31.51 -0.11
CA ALA B 342 13.50 -32.47 -0.96
C ALA B 342 13.94 -33.93 -0.69
N ASP B 343 15.25 -34.15 -0.64
CA ASP B 343 15.79 -35.48 -0.36
C ASP B 343 16.25 -35.65 1.09
N ASP B 344 16.74 -34.56 1.69
CA ASP B 344 17.21 -34.60 3.07
C ASP B 344 16.07 -35.04 4.02
N LEU B 345 16.10 -36.33 4.39
CA LEU B 345 15.11 -36.95 5.28
C LEU B 345 15.57 -37.15 6.74
N SER B 346 16.87 -37.03 6.99
CA SER B 346 17.40 -37.14 8.34
C SER B 346 17.01 -35.87 9.08
N GLY B 347 16.77 -36.01 10.39
CA GLY B 347 16.31 -34.90 11.21
C GLY B 347 14.81 -35.01 11.41
N ASP B 348 14.27 -34.15 12.28
CA ASP B 348 12.86 -34.16 12.66
C ASP B 348 11.95 -33.86 11.47
N LEU B 349 11.10 -34.84 11.16
CA LEU B 349 10.24 -34.81 9.98
C LEU B 349 9.17 -33.73 10.09
N ALA B 350 8.64 -33.56 11.31
CA ALA B 350 7.64 -32.52 11.59
C ALA B 350 8.25 -31.17 11.22
N ALA B 351 9.43 -30.89 11.76
CA ALA B 351 10.14 -29.66 11.50
C ALA B 351 10.56 -29.47 10.04
N ARG B 352 10.89 -30.55 9.35
CA ARG B 352 11.22 -30.46 7.93
C ARG B 352 10.01 -29.87 7.14
N GLY B 353 8.80 -30.28 7.52
CA GLY B 353 7.59 -29.85 6.83
C GLY B 353 7.44 -28.35 7.00
N ARG B 354 7.27 -27.94 8.26
CA ARG B 354 7.29 -26.54 8.65
C ARG B 354 8.36 -25.71 7.90
N ALA B 355 9.61 -26.21 7.90
CA ALA B 355 10.74 -25.51 7.36
C ALA B 355 10.65 -25.24 5.87
N MET B 356 9.80 -26.01 5.20
CA MET B 356 9.63 -25.91 3.76
C MET B 356 8.42 -25.06 3.47
N MET B 357 7.35 -25.34 4.21
CA MET B 357 6.05 -24.73 4.04
C MET B 357 6.12 -23.22 4.33
N THR B 358 6.79 -22.87 5.44
CA THR B 358 6.82 -21.49 5.88
C THR B 358 7.35 -20.58 4.77
N PRO B 359 8.61 -20.77 4.32
CA PRO B 359 9.08 -19.97 3.17
C PRO B 359 8.11 -19.95 2.00
N PHE B 360 7.53 -21.10 1.71
CA PHE B 360 6.55 -21.21 0.63
C PHE B 360 5.39 -20.23 0.88
N GLN B 361 4.85 -20.23 2.10
CA GLN B 361 3.71 -19.39 2.41
C GLN B 361 4.00 -17.91 2.40
N TYR B 362 5.17 -17.52 2.90
CA TYR B 362 5.65 -16.15 2.77
C TYR B 362 5.69 -15.77 1.28
N ALA B 363 6.38 -16.58 0.48
CA ALA B 363 6.46 -16.27 -0.95
C ALA B 363 5.08 -16.16 -1.58
N LYS B 364 4.18 -17.06 -1.19
CA LYS B 364 2.86 -17.09 -1.78
C LYS B 364 2.08 -15.87 -1.40
N LEU B 365 2.22 -15.45 -0.12
CA LEU B 365 1.59 -14.22 0.35
C LEU B 365 2.07 -13.01 -0.51
N LEU B 366 3.38 -12.93 -0.73
CA LEU B 366 3.96 -11.90 -1.56
C LEU B 366 3.50 -11.95 -3.00
N VAL B 367 3.49 -13.14 -3.58
CA VAL B 367 3.17 -13.25 -4.98
C VAL B 367 1.71 -12.86 -5.22
N ASN B 368 0.83 -13.37 -4.38
CA ASN B 368 -0.58 -13.08 -4.54
C ASN B 368 -0.85 -11.59 -4.42
N ARG B 369 -0.10 -10.91 -3.57
CA ARG B 369 -0.18 -9.45 -3.54
C ARG B 369 0.47 -8.78 -4.77
N HIS B 370 1.74 -9.11 -5.05
CA HIS B 370 2.53 -8.31 -5.98
C HIS B 370 2.43 -8.60 -7.44
N SER B 371 2.32 -9.87 -7.83
CA SER B 371 2.05 -10.21 -9.22
C SER B 371 0.76 -9.51 -9.67
N VAL B 372 -0.27 -9.57 -8.83
CA VAL B 372 -1.48 -8.87 -9.18
C VAL B 372 -1.29 -7.37 -9.32
N GLY B 373 -0.48 -6.77 -8.44
CA GLY B 373 -0.16 -5.35 -8.52
C GLY B 373 0.58 -5.00 -9.81
N VAL B 374 1.60 -5.80 -10.09
CA VAL B 374 2.42 -5.56 -11.26
C VAL B 374 1.53 -5.55 -12.48
N VAL B 375 0.69 -6.57 -12.57
CA VAL B 375 -0.17 -6.67 -13.74
C VAL B 375 -1.12 -5.49 -13.80
N ASP B 376 -1.74 -5.16 -12.66
CA ASP B 376 -2.63 -4.02 -12.59
C ASP B 376 -1.92 -2.80 -13.13
N ASP B 377 -0.72 -2.54 -12.62
CA ASP B 377 0.01 -1.37 -13.03
C ASP B 377 0.42 -1.38 -14.50
N CYS B 378 0.91 -2.53 -14.99
CA CYS B 378 1.21 -2.70 -16.42
C CYS B 378 0.01 -2.33 -17.24
N LEU B 379 -1.15 -2.78 -16.76
CA LEU B 379 -2.40 -2.53 -17.43
C LEU B 379 -2.69 -1.05 -17.47
N MET B 380 -2.49 -0.35 -16.36
CA MET B 380 -2.93 1.04 -16.39
C MET B 380 -1.94 1.85 -17.21
N LEU B 381 -0.75 1.31 -17.35
CA LEU B 381 0.34 1.96 -18.06
C LEU B 381 0.09 1.98 -19.56
N VAL B 382 -0.47 0.88 -20.07
CA VAL B 382 -0.80 0.70 -21.48
C VAL B 382 -2.09 1.40 -21.91
N GLY B 383 -3.12 1.35 -21.07
CA GLY B 383 -4.29 2.21 -21.26
C GLY B 383 -5.46 1.41 -21.81
N GLY B 384 -6.49 2.15 -22.25
CA GLY B 384 -7.74 1.61 -22.76
C GLY B 384 -7.64 0.32 -23.55
N ALA B 385 -6.76 0.29 -24.54
CA ALA B 385 -6.52 -0.93 -25.35
C ALA B 385 -6.37 -2.22 -24.54
N GLY B 386 -5.71 -2.12 -23.38
CA GLY B 386 -5.48 -3.27 -22.53
C GLY B 386 -6.76 -3.86 -21.97
N TYR B 387 -7.84 -3.09 -22.03
CA TYR B 387 -9.13 -3.44 -21.42
C TYR B 387 -10.04 -4.26 -22.36
N SER B 388 -9.68 -4.31 -23.63
CA SER B 388 -10.31 -5.22 -24.60
C SER B 388 -9.97 -6.66 -24.28
N ASN B 389 -11.01 -7.49 -24.18
CA ASN B 389 -10.84 -8.88 -23.73
C ASN B 389 -9.85 -9.62 -24.61
N SER B 390 -9.89 -9.34 -25.91
CA SER B 390 -8.95 -9.92 -26.88
C SER B 390 -7.49 -9.64 -26.58
N HIS B 391 -7.20 -8.45 -26.05
CA HIS B 391 -5.85 -7.98 -25.71
C HIS B 391 -5.22 -8.86 -24.64
N PRO B 392 -3.95 -9.23 -24.83
CA PRO B 392 -3.21 -10.09 -23.91
C PRO B 392 -3.18 -9.63 -22.46
N LEU B 393 -3.07 -8.31 -22.20
CA LEU B 393 -3.14 -7.81 -20.82
C LEU B 393 -4.43 -8.21 -20.16
N ALA B 394 -5.56 -7.88 -20.78
CA ALA B 394 -6.86 -8.37 -20.30
C ALA B 394 -6.77 -9.83 -19.90
N ARG B 395 -6.26 -10.66 -20.79
CA ARG B 395 -6.15 -12.07 -20.51
C ARG B 395 -5.29 -12.26 -19.26
N LEU B 396 -4.10 -11.64 -19.28
CA LEU B 396 -3.18 -11.70 -18.14
C LEU B 396 -3.81 -11.23 -16.80
N TYR B 397 -4.56 -10.12 -16.81
CA TYR B 397 -5.17 -9.58 -15.61
C TYR B 397 -6.14 -10.56 -14.99
N ARG B 398 -6.90 -11.25 -15.86
CA ARG B 398 -7.85 -12.28 -15.40
C ARG B 398 -7.12 -13.55 -14.94
N ASP B 399 -6.07 -13.91 -15.67
CA ASP B 399 -5.26 -15.07 -15.30
C ASP B 399 -4.63 -14.93 -13.92
N VAL B 400 -4.06 -13.76 -13.62
CA VAL B 400 -3.21 -13.60 -12.43
C VAL B 400 -3.96 -13.77 -11.10
N ARG B 401 -5.26 -13.45 -11.11
CA ARG B 401 -6.04 -13.43 -9.88
C ARG B 401 -6.29 -14.82 -9.31
N ALA B 402 -6.04 -15.84 -10.15
CA ALA B 402 -6.22 -17.25 -9.78
C ALA B 402 -5.39 -17.69 -8.58
N GLY B 403 -4.15 -17.20 -8.48
CA GLY B 403 -3.24 -17.65 -7.43
C GLY B 403 -3.79 -17.51 -6.03
N GLY B 404 -4.49 -16.41 -5.79
CA GLY B 404 -4.93 -16.11 -4.43
C GLY B 404 -5.76 -17.21 -3.86
N PHE B 405 -6.51 -17.87 -4.74
CA PHE B 405 -7.45 -18.88 -4.30
C PHE B 405 -6.81 -20.21 -3.92
N MET B 406 -5.71 -20.57 -4.58
CA MET B 406 -5.05 -21.84 -4.34
C MET B 406 -4.65 -22.17 -2.90
N HIS B 407 -5.04 -23.38 -2.51
CA HIS B 407 -4.65 -24.04 -1.26
C HIS B 407 -3.48 -24.96 -1.58
N PRO B 408 -2.44 -24.98 -0.74
CA PRO B 408 -2.28 -24.19 0.47
C PRO B 408 -1.47 -22.94 0.12
N TYR B 409 -1.76 -21.79 0.72
CA TYR B 409 -2.98 -21.52 1.48
C TYR B 409 -3.57 -20.24 0.91
N ASN B 410 -4.86 -20.04 1.09
CA ASN B 410 -5.44 -18.74 0.80
C ASN B 410 -5.01 -17.77 1.91
N PHE B 411 -5.47 -16.52 1.81
CA PHE B 411 -5.14 -15.51 2.79
C PHE B 411 -5.53 -15.88 4.22
N THR B 412 -6.76 -16.32 4.39
CA THR B 412 -7.23 -16.61 5.76
C THR B 412 -6.43 -17.71 6.44
N ASP B 413 -6.18 -18.81 5.73
CA ASP B 413 -5.43 -19.94 6.29
C ASP B 413 -3.98 -19.57 6.39
N GLY B 414 -3.49 -18.91 5.33
CA GLY B 414 -2.15 -18.33 5.28
C GLY B 414 -1.81 -17.60 6.56
N VAL B 415 -2.73 -16.73 6.98
CA VAL B 415 -2.55 -15.93 8.20
C VAL B 415 -2.49 -16.84 9.40
N ASP B 416 -3.44 -17.77 9.51
CA ASP B 416 -3.54 -18.67 10.66
C ASP B 416 -2.23 -19.44 10.79
N TYR B 417 -1.81 -20.08 9.68
CA TYR B 417 -0.54 -20.84 9.66
C TYR B 417 0.63 -19.99 10.10
N LEU B 418 0.89 -18.91 9.35
CA LEU B 418 2.06 -18.08 9.58
C LEU B 418 2.05 -17.38 10.96
N SER B 419 0.88 -17.08 11.51
CA SER B 419 0.86 -16.54 12.86
C SER B 419 1.13 -17.61 13.88
N GLU B 420 0.63 -18.84 13.59
CA GLU B 420 0.81 -20.02 14.46
C GLU B 420 2.30 -20.32 14.62
N VAL B 421 2.97 -20.50 13.48
CA VAL B 421 4.42 -20.64 13.47
C VAL B 421 5.07 -19.52 14.30
N ALA B 422 4.77 -18.25 14.01
CA ALA B 422 5.32 -17.09 14.73
C ALA B 422 5.00 -16.98 16.26
N LEU B 423 3.75 -17.19 16.65
CA LEU B 423 3.39 -17.03 18.08
C LEU B 423 3.55 -18.27 18.98
N GLY B 424 4.03 -19.39 18.45
CA GLY B 424 4.16 -20.62 19.24
C GLY B 424 2.93 -21.52 19.08
N ARG B 425 1.75 -20.91 19.18
CA ARG B 425 0.46 -21.59 18.91
C ARG B 425 -0.64 -20.57 18.55
N PRO C 30 -2.94 27.73 1.26
CA PRO C 30 -3.99 27.22 2.14
C PRO C 30 -3.99 25.68 2.22
N GLY C 31 -3.26 25.04 1.31
CA GLY C 31 -3.14 23.57 1.23
C GLY C 31 -4.25 22.88 0.46
N VAL C 32 -4.55 21.63 0.82
CA VAL C 32 -5.66 20.88 0.22
C VAL C 32 -7.00 21.34 0.80
N LEU C 33 -7.85 21.92 -0.06
CA LEU C 33 -9.19 22.42 0.32
C LEU C 33 -10.31 21.42 -0.06
N ALA C 34 -11.41 21.39 0.71
CA ALA C 34 -12.56 20.50 0.43
C ALA C 34 -13.86 20.92 1.09
N ASP C 35 -14.97 20.91 0.32
CA ASP C 35 -16.35 21.12 0.81
C ASP C 35 -16.74 19.99 1.74
N ASN C 36 -17.17 20.30 2.96
CA ASN C 36 -17.35 19.26 4.01
C ASN C 36 -16.03 18.51 4.34
N GLY C 37 -14.94 19.26 4.37
CA GLY C 37 -13.62 18.70 4.56
C GLY C 37 -12.78 19.57 5.49
N LEU C 38 -13.41 20.06 6.57
CA LEU C 38 -12.66 20.70 7.64
C LEU C 38 -11.85 21.90 7.18
N CYS C 39 -12.43 22.80 6.39
CA CYS C 39 -11.64 23.94 5.92
C CYS C 39 -12.06 25.26 6.53
N GLU C 40 -13.36 25.40 6.76
CA GLU C 40 -13.88 26.59 7.42
C GLU C 40 -14.85 26.08 8.48
N PRO C 41 -15.07 26.90 9.52
CA PRO C 41 -15.94 26.52 10.65
C PRO C 41 -17.41 26.61 10.27
N LYS C 42 -18.22 25.71 10.79
CA LYS C 42 -19.65 25.68 10.45
C LYS C 42 -20.51 26.68 11.24
N THR C 43 -20.11 27.01 12.47
CA THR C 43 -20.88 27.88 13.38
C THR C 43 -20.14 29.19 13.74
N PRO C 44 -20.90 30.25 14.11
CA PRO C 44 -20.22 31.54 14.36
C PRO C 44 -19.46 31.55 15.69
N ALA C 45 -19.91 30.73 16.65
CA ALA C 45 -19.07 30.46 17.81
C ALA C 45 -17.69 29.98 17.32
N GLY C 46 -17.71 28.90 16.54
CA GLY C 46 -16.53 28.33 15.92
C GLY C 46 -15.65 29.34 15.26
N ARG C 47 -16.26 30.16 14.39
CA ARG C 47 -15.56 31.27 13.71
C ARG C 47 -14.89 32.22 14.70
N ARG C 48 -15.60 32.56 15.79
CA ARG C 48 -15.06 33.45 16.80
C ARG C 48 -13.80 32.81 17.38
N LEU C 49 -13.92 31.52 17.70
CA LEU C 49 -12.81 30.74 18.26
C LEU C 49 -11.51 30.76 17.42
N LEU C 50 -11.62 30.53 16.11
CA LEU C 50 -10.44 30.54 15.24
C LEU C 50 -9.72 31.87 15.21
N ASP C 51 -10.51 32.94 15.30
CA ASP C 51 -9.99 34.30 15.28
C ASP C 51 -9.18 34.59 16.52
N LEU C 52 -9.68 34.12 17.66
CA LEU C 52 -8.91 34.27 18.89
C LEU C 52 -7.55 33.60 18.76
N LEU C 53 -7.56 32.37 18.25
CA LEU C 53 -6.36 31.54 18.13
C LEU C 53 -5.31 32.18 17.29
N GLU C 54 -5.77 32.92 16.28
CA GLU C 54 -4.87 33.57 15.33
C GLU C 54 -3.70 34.32 15.94
N ARG C 55 -3.92 34.99 17.09
CA ARG C 55 -2.89 35.83 17.68
C ARG C 55 -1.87 34.97 18.41
N TYR C 56 -2.27 33.75 18.79
CA TYR C 56 -1.38 32.84 19.52
C TYR C 56 -0.49 32.00 18.64
N LEU C 57 -0.96 31.73 17.43
CA LEU C 57 -0.22 30.87 16.48
C LEU C 57 1.24 31.24 16.23
N PRO C 58 1.51 32.51 15.88
CA PRO C 58 2.91 32.86 15.65
C PRO C 58 3.77 32.53 16.88
N ALA C 59 3.29 32.86 18.09
CA ALA C 59 4.03 32.51 19.30
C ALA C 59 4.19 30.98 19.41
N LEU C 60 3.08 30.24 19.30
CA LEU C 60 3.11 28.77 19.35
C LEU C 60 4.20 28.17 18.50
N GLU C 61 4.26 28.63 17.26
CA GLU C 61 5.22 28.21 16.25
C GLU C 61 6.65 28.61 16.60
N ALA C 62 6.83 29.82 17.08
CA ALA C 62 8.13 30.27 17.52
C ALA C 62 8.64 29.36 18.61
N GLU C 63 7.78 29.03 19.56
CA GLU C 63 8.25 28.27 20.73
C GLU C 63 8.34 26.76 20.53
N SER C 64 7.75 26.27 19.44
CA SER C 64 7.54 24.83 19.22
C SER C 64 8.80 23.96 19.36
N ARG C 65 9.92 24.39 18.77
CA ARG C 65 11.19 23.63 18.83
C ARG C 65 11.69 23.47 20.24
N ASP C 66 11.70 24.57 20.99
CA ASP C 66 12.17 24.58 22.38
C ASP C 66 11.27 23.71 23.24
N ASN C 67 9.96 23.96 23.16
CA ASN C 67 8.98 23.26 23.98
C ASN C 67 9.13 21.77 23.71
N ASP C 68 9.42 21.44 22.44
CA ASP C 68 9.65 20.05 22.06
C ASP C 68 10.95 19.51 22.67
N ARG C 69 12.06 20.23 22.48
CA ARG C 69 13.37 19.74 22.93
C ARG C 69 13.30 19.52 24.41
N GLU C 70 12.89 20.57 25.11
CA GLU C 70 12.68 20.55 26.56
C GLU C 70 11.59 19.57 27.10
N ALA C 71 10.63 19.18 26.28
CA ALA C 71 9.46 18.37 26.74
C ALA C 71 8.67 19.10 27.80
N THR C 72 8.37 20.35 27.49
CA THR C 72 7.95 21.36 28.43
C THR C 72 6.61 21.99 28.01
N LEU C 73 5.54 21.80 28.80
CA LEU C 73 4.25 22.48 28.53
C LEU C 73 4.36 24.03 28.53
N PRO C 74 3.91 24.71 27.46
CA PRO C 74 4.10 26.17 27.40
C PRO C 74 3.12 26.94 28.32
N VAL C 75 3.31 26.73 29.62
CA VAL C 75 2.45 27.28 30.66
C VAL C 75 2.12 28.77 30.48
N HIS C 76 3.14 29.60 30.20
CA HIS C 76 2.97 31.04 29.91
C HIS C 76 1.97 31.33 28.84
N LEU C 77 2.02 30.61 27.71
CA LEU C 77 1.00 30.79 26.66
C LEU C 77 -0.37 30.30 27.06
N PHE C 78 -0.44 29.34 27.98
CA PHE C 78 -1.73 28.85 28.44
C PHE C 78 -2.42 29.85 29.36
N ASP C 79 -1.60 30.57 30.12
CA ASP C 79 -2.08 31.64 31.00
C ASP C 79 -2.75 32.72 30.14
N ARG C 80 -2.03 33.22 29.14
CA ARG C 80 -2.62 34.19 28.23
C ARG C 80 -3.95 33.71 27.62
N MET C 81 -3.99 32.46 27.17
CA MET C 81 -5.19 31.90 26.54
C MET C 81 -6.37 31.75 27.49
N ARG C 82 -6.07 31.30 28.71
CA ARG C 82 -7.07 31.13 29.76
C ARG C 82 -7.69 32.49 30.06
N LYS C 83 -6.83 33.48 30.25
CA LYS C 83 -7.23 34.87 30.51
C LYS C 83 -7.95 35.52 29.32
N GLU C 84 -7.59 35.15 28.10
CA GLU C 84 -8.30 35.66 26.92
C GLU C 84 -9.56 34.84 26.56
N GLY C 85 -9.99 33.96 27.47
CA GLY C 85 -11.29 33.25 27.35
C GLY C 85 -11.28 31.96 26.56
N VAL C 86 -10.13 31.63 25.99
CA VAL C 86 -9.97 30.49 25.10
C VAL C 86 -10.22 29.13 25.81
N LEU C 87 -9.83 29.00 27.06
CA LEU C 87 -10.06 27.73 27.73
C LEU C 87 -11.52 27.52 28.10
N GLY C 88 -12.36 28.47 27.77
CA GLY C 88 -13.79 28.37 28.06
C GLY C 88 -14.59 28.24 26.78
N ALA C 89 -13.89 27.91 25.70
CA ALA C 89 -14.51 27.85 24.38
C ALA C 89 -15.71 26.93 24.31
N THR C 90 -15.69 25.80 25.01
CA THR C 90 -16.80 24.87 24.92
C THR C 90 -17.73 25.00 26.10
N VAL C 91 -17.63 26.14 26.78
CA VAL C 91 -18.52 26.47 27.89
C VAL C 91 -19.67 27.35 27.35
N PRO C 92 -20.95 26.95 27.63
CA PRO C 92 -22.10 27.61 27.03
C PRO C 92 -22.08 29.09 27.32
N GLU C 93 -22.79 29.89 26.51
CA GLU C 93 -22.80 31.35 26.63
C GLU C 93 -23.37 31.84 27.96
N ASP C 94 -24.47 31.21 28.38
CA ASP C 94 -25.11 31.48 29.67
C ASP C 94 -24.11 31.45 30.82
N LEU C 95 -23.14 30.55 30.77
CA LEU C 95 -22.20 30.40 31.88
C LEU C 95 -20.84 31.10 31.58
N GLY C 96 -20.88 31.99 30.59
CA GLY C 96 -19.76 32.91 30.39
C GLY C 96 -18.67 32.43 29.48
N GLY C 97 -18.90 31.26 28.89
CA GLY C 97 -17.98 30.69 27.92
C GLY C 97 -18.35 31.15 26.54
N LEU C 98 -17.58 30.68 25.55
CA LEU C 98 -17.75 31.07 24.13
C LEU C 98 -18.78 30.26 23.36
N GLY C 99 -19.39 29.26 24.01
CA GLY C 99 -20.50 28.48 23.44
C GLY C 99 -20.21 27.79 22.10
N VAL C 100 -18.98 27.30 21.92
CA VAL C 100 -18.67 26.46 20.78
C VAL C 100 -19.24 25.07 21.06
N HIS C 101 -20.26 24.70 20.30
CA HIS C 101 -20.93 23.43 20.49
C HIS C 101 -20.61 22.43 19.40
N SER C 102 -19.89 22.89 18.37
CA SER C 102 -19.64 22.08 17.17
C SER C 102 -18.32 21.30 17.19
N LEU C 103 -18.43 19.98 17.20
CA LEU C 103 -17.26 19.12 17.13
C LEU C 103 -16.43 19.40 15.91
N HIS C 104 -17.09 19.54 14.75
CA HIS C 104 -16.44 20.03 13.50
C HIS C 104 -15.52 21.21 13.80
N ASP C 105 -16.08 22.26 14.41
CA ASP C 105 -15.33 23.50 14.62
C ASP C 105 -14.18 23.35 15.62
N VAL C 106 -14.43 22.51 16.62
CA VAL C 106 -13.44 22.17 17.64
C VAL C 106 -12.26 21.44 16.98
N ALA C 107 -12.60 20.41 16.23
CA ALA C 107 -11.66 19.68 15.41
C ALA C 107 -10.85 20.64 14.54
N LEU C 108 -11.57 21.50 13.82
CA LEU C 108 -10.93 22.43 12.92
C LEU C 108 -9.95 23.35 13.67
N ALA C 109 -10.37 23.81 14.85
CA ALA C 109 -9.51 24.66 15.68
C ALA C 109 -8.23 23.89 16.02
N LEU C 110 -8.43 22.69 16.54
CA LEU C 110 -7.29 21.83 16.87
C LEU C 110 -6.33 21.61 15.71
N ALA C 111 -6.86 21.47 14.49
CA ALA C 111 -6.03 21.36 13.29
C ALA C 111 -5.14 22.59 13.07
N ARG C 112 -5.72 23.80 13.17
CA ARG C 112 -4.96 25.06 13.07
C ARG C 112 -3.80 25.09 14.05
N ILE C 113 -4.09 24.85 15.34
CA ILE C 113 -3.09 24.88 16.38
C ILE C 113 -2.01 23.83 16.15
N ALA C 114 -2.47 22.63 15.76
CA ALA C 114 -1.59 21.50 15.54
C ALA C 114 -0.65 21.79 14.38
N GLY C 115 -1.17 22.58 13.43
CA GLY C 115 -0.36 23.15 12.35
C GLY C 115 0.95 23.74 12.88
N ARG C 116 0.89 24.33 14.07
CA ARG C 116 2.02 25.02 14.65
C ARG C 116 2.70 24.20 15.75
N ASP C 117 1.90 23.63 16.63
CA ASP C 117 2.41 22.72 17.67
C ASP C 117 1.32 21.72 18.05
N ALA C 118 1.56 20.45 17.74
CA ALA C 118 0.57 19.42 18.00
C ALA C 118 0.49 19.09 19.49
N GLY C 119 1.62 19.12 20.21
CA GLY C 119 1.56 18.91 21.67
C GLY C 119 0.50 19.81 22.32
N VAL C 120 0.49 21.07 21.90
CA VAL C 120 -0.36 22.08 22.51
C VAL C 120 -1.83 21.76 22.24
N ALA C 121 -2.13 21.51 20.97
CA ALA C 121 -3.47 21.07 20.56
C ALA C 121 -3.94 19.92 21.42
N LEU C 122 -3.12 18.88 21.49
CA LEU C 122 -3.48 17.70 22.26
C LEU C 122 -3.81 18.06 23.72
N ALA C 123 -3.18 19.11 24.24
CA ALA C 123 -3.49 19.59 25.58
C ALA C 123 -4.82 20.34 25.62
N LEU C 124 -4.99 21.35 24.74
CA LEU C 124 -6.26 22.12 24.70
C LEU C 124 -7.47 21.21 24.49
N HIS C 125 -7.23 20.09 23.83
CA HIS C 125 -8.30 19.21 23.57
C HIS C 125 -8.92 18.77 24.87
N MET C 126 -8.08 18.58 25.88
CA MET C 126 -8.51 18.13 27.17
C MET C 126 -9.58 19.08 27.68
N GLN C 127 -9.29 20.39 27.60
CA GLN C 127 -10.22 21.44 28.01
C GLN C 127 -11.46 21.47 27.11
N PHE C 128 -11.28 21.72 25.82
CA PHE C 128 -12.43 21.79 24.93
C PHE C 128 -13.38 20.59 25.14
N SER C 129 -12.85 19.37 25.13
CA SER C 129 -13.75 18.21 25.20
C SER C 129 -14.46 18.18 26.51
N ARG C 130 -13.74 18.53 27.59
CA ARG C 130 -14.36 18.55 28.93
C ARG C 130 -15.56 19.50 28.97
N GLY C 131 -15.36 20.70 28.41
CA GLY C 131 -16.44 21.65 28.11
C GLY C 131 -17.69 20.94 27.62
N LEU C 132 -17.57 20.28 26.47
CA LEU C 132 -18.75 19.58 25.90
C LEU C 132 -19.28 18.50 26.82
N THR C 133 -18.41 17.59 27.30
CA THR C 133 -18.88 16.48 28.15
C THR C 133 -19.65 16.92 29.39
N LEU C 134 -19.19 17.97 30.04
CA LEU C 134 -19.95 18.59 31.13
C LEU C 134 -21.25 19.24 30.66
N ASP C 135 -21.18 20.00 29.58
CA ASP C 135 -22.34 20.66 29.01
C ASP C 135 -23.43 19.64 28.71
N PHE C 136 -23.07 18.41 28.37
CA PHE C 136 -24.10 17.38 28.22
C PHE C 136 -24.67 17.02 29.58
N GLU C 137 -23.81 16.91 30.59
CA GLU C 137 -24.22 16.46 31.92
C GLU C 137 -25.23 17.43 32.50
N TRP C 138 -24.88 18.71 32.45
CA TRP C 138 -25.68 19.84 32.87
C TRP C 138 -27.10 19.85 32.35
N ARG C 139 -27.31 19.34 31.14
CA ARG C 139 -28.62 19.36 30.55
C ARG C 139 -29.33 18.00 30.62
N HIS C 140 -28.58 16.91 30.74
CA HIS C 140 -29.13 15.54 30.59
C HIS C 140 -28.65 14.56 31.61
N GLY C 141 -27.75 14.98 32.50
CA GLY C 141 -27.25 14.07 33.54
C GLY C 141 -28.22 13.88 34.70
N ALA C 142 -27.93 12.90 35.56
CA ALA C 142 -28.71 12.68 36.78
C ALA C 142 -28.95 14.00 37.54
N PRO C 143 -30.23 14.31 37.84
CA PRO C 143 -30.64 15.58 38.44
C PRO C 143 -29.70 16.09 39.53
N SER C 144 -29.13 15.17 40.30
CA SER C 144 -28.24 15.48 41.43
C SER C 144 -26.91 16.17 41.02
N THR C 145 -26.30 15.68 39.95
CA THR C 145 -24.96 16.10 39.54
C THR C 145 -25.04 17.33 38.66
N ARG C 146 -26.25 17.61 38.19
CA ARG C 146 -26.54 18.74 37.29
C ARG C 146 -26.00 20.12 37.75
N PRO C 147 -26.13 20.43 39.07
CA PRO C 147 -25.52 21.69 39.51
C PRO C 147 -23.97 21.70 39.62
N LEU C 148 -23.38 20.56 39.95
CA LEU C 148 -21.93 20.40 40.01
C LEU C 148 -21.31 20.72 38.65
N ALA C 149 -21.95 20.14 37.63
CA ALA C 149 -21.60 20.39 36.26
C ALA C 149 -21.63 21.89 36.02
N GLU C 150 -22.78 22.49 36.36
CA GLU C 150 -22.97 23.93 36.20
C GLU C 150 -21.84 24.71 36.88
N ASP C 151 -21.46 24.25 38.08
CA ASP C 151 -20.40 24.91 38.80
C ASP C 151 -19.14 24.97 37.93
N LEU C 152 -18.59 23.79 37.65
CA LEU C 152 -17.31 23.65 36.94
C LEU C 152 -17.29 24.40 35.64
N LEU C 153 -18.44 24.40 34.95
CA LEU C 153 -18.58 25.13 33.70
C LEU C 153 -18.33 26.62 33.88
N ARG C 154 -18.98 27.23 34.88
CA ARG C 154 -18.79 28.66 35.15
C ARG C 154 -17.32 28.91 35.48
N GLN C 155 -16.75 27.99 36.27
CA GLN C 155 -15.37 28.05 36.70
C GLN C 155 -14.42 28.10 35.50
N MET C 156 -14.69 27.24 34.52
CA MET C 156 -13.85 27.17 33.31
C MET C 156 -14.00 28.40 32.46
N GLY C 157 -15.24 28.92 32.38
CA GLY C 157 -15.54 30.15 31.63
C GLY C 157 -14.85 31.35 32.25
N ALA C 158 -14.83 31.39 33.58
CA ALA C 158 -14.19 32.46 34.34
C ALA C 158 -12.66 32.48 34.20
N GLY C 159 -12.10 31.42 33.62
CA GLY C 159 -10.65 31.26 33.49
C GLY C 159 -10.05 30.72 34.78
N GLU C 160 -10.91 30.27 35.69
CA GLU C 160 -10.47 29.83 37.01
C GLU C 160 -10.16 28.34 37.02
N ALA C 161 -11.04 27.54 36.42
CA ALA C 161 -10.89 26.08 36.41
C ALA C 161 -10.25 25.54 35.13
N VAL C 162 -9.38 24.53 35.30
CA VAL C 162 -8.69 23.84 34.21
C VAL C 162 -8.72 22.31 34.40
N ILE C 163 -9.57 21.62 33.63
CA ILE C 163 -9.97 20.24 33.95
C ILE C 163 -9.33 19.16 33.05
N CYS C 164 -8.65 18.21 33.66
CA CYS C 164 -8.09 17.07 32.97
C CYS C 164 -8.78 15.78 33.33
N GLY C 165 -8.88 14.86 32.38
CA GLY C 165 -9.39 13.55 32.67
C GLY C 165 -8.18 12.70 32.96
N ALA C 166 -8.30 11.85 33.96
CA ALA C 166 -7.27 10.89 34.29
C ALA C 166 -7.87 9.51 34.09
N VAL C 167 -7.51 8.86 32.99
CA VAL C 167 -8.22 7.66 32.62
C VAL C 167 -7.38 6.41 32.77
N LYS C 168 -6.22 6.35 32.11
CA LYS C 168 -5.46 5.09 32.05
C LYS C 168 -4.75 4.75 33.36
N ASP C 169 -5.22 3.69 34.00
CA ASP C 169 -4.44 3.04 35.08
C ASP C 169 -3.07 2.62 34.62
N VAL C 170 -2.15 2.44 35.56
CA VAL C 170 -0.85 1.91 35.19
C VAL C 170 -0.44 0.77 36.12
N ARG C 171 -0.28 -0.42 35.56
CA ARG C 171 0.01 -1.65 36.32
C ARG C 171 -0.56 -1.68 37.77
N GLY C 172 -1.89 -1.56 37.90
CA GLY C 172 -2.55 -1.48 39.21
C GLY C 172 -3.76 -0.58 39.05
N THR C 173 -4.96 -1.12 39.23
CA THR C 173 -6.21 -0.42 38.91
C THR C 173 -6.55 0.60 39.99
N THR C 174 -7.12 1.75 39.61
CA THR C 174 -7.41 2.84 40.57
C THR C 174 -8.76 2.62 41.26
N VAL C 175 -8.72 2.70 42.59
CA VAL C 175 -9.86 2.34 43.42
C VAL C 175 -10.07 3.39 44.51
N LEU C 176 -11.32 3.81 44.68
CA LEU C 176 -11.67 4.57 45.87
C LEU C 176 -12.61 3.73 46.73
N THR C 177 -12.37 3.76 48.03
CA THR C 177 -13.15 3.03 49.00
C THR C 177 -13.81 4.02 49.97
N ARG C 178 -14.79 3.56 50.75
CA ARG C 178 -15.47 4.41 51.74
C ARG C 178 -14.74 4.42 53.09
N ALA C 179 -14.25 5.58 53.50
CA ALA C 179 -13.62 5.75 54.82
C ALA C 179 -14.65 5.57 55.93
N SER C 183 -17.46 9.76 53.84
CA SER C 183 -16.46 10.33 52.93
C SER C 183 -15.47 9.28 52.41
N TYR C 184 -15.13 9.40 51.12
CA TYR C 184 -14.30 8.39 50.47
C TYR C 184 -12.82 8.82 50.38
N ARG C 185 -11.90 7.86 50.49
CA ARG C 185 -10.48 8.12 50.22
C ARG C 185 -10.10 7.43 48.91
N LEU C 186 -9.38 8.17 48.07
CA LEU C 186 -9.04 7.71 46.72
C LEU C 186 -7.57 7.28 46.60
N ASN C 187 -7.37 6.10 45.99
CA ASN C 187 -6.06 5.51 45.85
C ASN C 187 -5.84 4.90 44.46
N GLY C 188 -4.78 5.36 43.81
CA GLY C 188 -4.40 4.82 42.50
C GLY C 188 -3.31 5.61 41.80
N ARG C 189 -3.11 5.28 40.53
CA ARG C 189 -2.15 6.00 39.68
C ARG C 189 -2.65 6.04 38.23
N LYS C 190 -2.69 7.24 37.67
CA LYS C 190 -3.16 7.43 36.31
C LYS C 190 -2.02 7.93 35.48
N THR C 191 -2.00 7.52 34.20
CA THR C 191 -0.91 7.86 33.29
C THR C 191 -1.35 8.61 32.04
N LEU C 192 -0.39 9.28 31.42
CA LEU C 192 -0.66 10.06 30.21
C LEU C 192 -1.86 10.99 30.39
N VAL C 193 -1.82 11.85 31.40
CA VAL C 193 -2.83 12.86 31.54
C VAL C 193 -2.30 14.19 31.01
N SER C 194 -2.79 14.60 29.83
CA SER C 194 -2.19 15.79 29.19
C SER C 194 -2.65 17.02 29.96
N MET C 195 -1.82 18.07 29.88
CA MET C 195 -2.12 19.37 30.49
C MET C 195 -2.18 19.32 32.03
N ALA C 196 -1.95 18.13 32.61
CA ALA C 196 -2.02 17.97 34.06
C ALA C 196 -1.06 18.91 34.77
N GLY C 197 -0.01 19.30 34.04
CA GLY C 197 0.92 20.35 34.48
C GLY C 197 0.21 21.51 35.18
N ILE C 198 -0.68 22.18 34.44
CA ILE C 198 -1.39 23.32 34.97
C ILE C 198 -2.86 23.07 35.31
N ALA C 199 -3.20 21.84 35.66
CA ALA C 199 -4.58 21.51 36.01
C ALA C 199 -5.02 22.02 37.39
N THR C 200 -6.30 22.30 37.53
CA THR C 200 -6.87 22.70 38.81
C THR C 200 -7.79 21.61 39.34
N HIS C 201 -8.36 20.83 38.42
CA HIS C 201 -9.20 19.69 38.79
C HIS C 201 -8.89 18.51 37.95
N TYR C 202 -9.33 17.34 38.40
CA TYR C 202 -9.20 16.09 37.65
C TYR C 202 -10.46 15.30 37.78
N VAL C 203 -11.05 14.95 36.64
CA VAL C 203 -12.10 13.94 36.69
C VAL C 203 -11.38 12.61 36.60
N VAL C 204 -11.59 11.76 37.61
CA VAL C 204 -10.85 10.50 37.68
C VAL C 204 -11.72 9.24 37.51
N SER C 205 -11.67 8.63 36.32
CA SER C 205 -12.46 7.42 36.11
C SER C 205 -11.81 6.26 36.88
N THR C 206 -12.61 5.61 37.73
CA THR C 206 -12.15 4.56 38.64
C THR C 206 -13.29 3.60 38.99
N ARG C 207 -12.92 2.43 39.50
CA ARG C 207 -13.90 1.47 40.01
C ARG C 207 -13.98 1.60 41.54
N LEU C 208 -15.16 1.40 42.09
CA LEU C 208 -15.40 1.54 43.54
C LEU C 208 -15.85 0.26 44.25
N GLU C 209 -15.28 0.10 45.43
CA GLU C 209 -15.53 -1.01 46.33
C GLU C 209 -15.72 -0.39 47.72
N GLU C 210 -16.73 0.45 47.87
CA GLU C 210 -17.07 1.03 49.16
C GLU C 210 -17.19 -0.09 50.19
N ALA C 211 -16.29 -0.09 51.20
CA ALA C 211 -16.15 -1.21 52.15
C ALA C 211 -17.50 -1.81 52.57
N GLY C 212 -18.10 -2.58 51.66
CA GLY C 212 -19.46 -3.13 51.80
C GLY C 212 -19.89 -4.04 50.65
N ALA C 213 -20.91 -3.61 49.90
CA ALA C 213 -21.55 -4.44 48.85
C ALA C 213 -21.11 -4.11 47.39
N PRO C 214 -20.27 -5.00 46.77
CA PRO C 214 -19.62 -4.86 45.42
C PRO C 214 -20.61 -4.71 44.23
N VAL C 215 -20.27 -4.13 43.07
CA VAL C 215 -19.04 -3.38 42.68
C VAL C 215 -19.35 -2.45 41.46
N ARG C 216 -19.15 -1.14 41.62
CA ARG C 216 -19.66 -0.08 40.70
C ARG C 216 -18.55 0.91 40.31
N LEU C 217 -18.63 1.52 39.11
CA LEU C 217 -17.57 2.45 38.64
C LEU C 217 -18.02 3.92 38.60
N ALA C 218 -17.07 4.85 38.77
CA ALA C 218 -17.37 6.28 38.97
C ALA C 218 -16.25 7.24 38.54
N ALA C 219 -16.62 8.48 38.25
CA ALA C 219 -15.68 9.52 37.85
C ALA C 219 -15.82 10.78 38.71
N PRO C 220 -15.24 10.75 39.92
CA PRO C 220 -15.29 11.89 40.83
C PRO C 220 -14.39 13.04 40.41
N VAL C 221 -14.84 14.26 40.63
CA VAL C 221 -13.97 15.41 40.44
C VAL C 221 -13.03 15.55 41.66
N VAL C 222 -11.76 15.82 41.40
CA VAL C 222 -10.74 15.95 42.46
C VAL C 222 -9.88 17.19 42.24
N ALA C 223 -9.80 18.06 43.26
CA ALA C 223 -9.06 19.32 43.13
C ALA C 223 -7.54 19.04 43.08
N ARG C 224 -6.80 19.92 42.43
CA ARG C 224 -5.36 19.77 42.27
C ARG C 224 -4.68 19.80 43.64
N THR C 225 -5.21 20.63 44.54
CA THR C 225 -4.69 20.88 45.89
C THR C 225 -5.02 19.79 46.91
N THR C 226 -5.86 18.84 46.54
CA THR C 226 -6.18 17.71 47.40
C THR C 226 -4.90 17.10 47.99
N PRO C 227 -4.90 16.87 49.30
CA PRO C 227 -3.79 16.23 49.92
C PRO C 227 -3.68 14.72 49.52
N GLY C 228 -2.43 14.27 49.33
CA GLY C 228 -2.16 12.93 48.84
C GLY C 228 -1.97 12.84 47.32
N LEU C 229 -2.14 13.96 46.64
CA LEU C 229 -2.05 14.05 45.16
C LEU C 229 -0.69 14.56 44.68
N THR C 230 0.01 13.71 43.94
CA THR C 230 1.31 14.09 43.39
C THR C 230 1.26 14.00 41.88
N VAL C 231 1.84 15.02 41.27
CA VAL C 231 1.98 15.07 39.83
C VAL C 231 3.42 14.72 39.53
N LEU C 232 3.62 13.63 38.76
CA LEU C 232 4.97 13.14 38.39
C LEU C 232 5.40 13.59 37.03
N ASP C 233 6.56 14.25 36.97
CA ASP C 233 7.04 14.81 35.72
C ASP C 233 7.91 13.79 35.00
N ASN C 234 7.26 12.75 34.50
CA ASN C 234 7.96 11.62 33.89
C ASN C 234 7.55 11.42 32.43
N TRP C 235 7.21 12.52 31.77
CA TRP C 235 6.65 12.44 30.42
C TRP C 235 7.75 12.42 29.41
N ASP C 236 8.08 11.23 28.92
CA ASP C 236 9.19 11.13 27.97
C ASP C 236 8.78 10.60 26.59
N GLY C 237 7.67 11.09 26.06
CA GLY C 237 7.19 10.64 24.76
C GLY C 237 8.10 11.04 23.60
N MET C 238 8.03 10.23 22.55
CA MET C 238 8.86 10.44 21.38
C MET C 238 8.36 11.67 20.65
N GLY C 239 7.08 11.99 20.88
CA GLY C 239 6.43 13.14 20.24
C GLY C 239 5.31 13.61 21.11
N MET C 240 4.62 14.67 20.72
CA MET C 240 3.63 15.25 21.60
C MET C 240 4.31 15.67 22.91
N ARG C 241 5.55 16.15 22.80
CA ARG C 241 6.36 16.35 23.97
C ARG C 241 5.89 17.57 24.75
N SER C 242 5.39 18.57 24.03
CA SER C 242 4.97 19.80 24.69
C SER C 242 3.62 19.66 25.39
N SER C 243 3.01 18.48 25.37
CA SER C 243 1.61 18.35 25.81
C SER C 243 1.50 18.08 27.28
N GLY C 244 2.65 17.85 27.94
CA GLY C 244 2.71 17.53 29.36
C GLY C 244 1.78 16.39 29.75
N SER C 245 2.09 15.19 29.26
CA SER C 245 1.24 14.03 29.54
C SER C 245 1.83 13.22 30.67
N VAL C 246 1.71 13.79 31.86
CA VAL C 246 2.39 13.34 33.07
C VAL C 246 1.53 12.35 33.84
N ASP C 247 2.13 11.65 34.79
CA ASP C 247 1.43 10.70 35.65
C ASP C 247 0.95 11.40 36.93
N ILE C 248 -0.23 10.99 37.41
CA ILE C 248 -0.72 11.50 38.69
C ILE C 248 -0.97 10.33 39.63
N VAL C 249 -0.28 10.36 40.77
CA VAL C 249 -0.54 9.36 41.81
C VAL C 249 -1.42 9.95 42.90
N PHE C 250 -2.45 9.18 43.28
CA PHE C 250 -3.38 9.55 44.35
C PHE C 250 -3.10 8.60 45.50
N ASP C 251 -2.90 9.18 46.67
CA ASP C 251 -2.56 8.43 47.86
C ASP C 251 -3.46 8.84 49.01
N GLY C 252 -4.52 8.05 49.22
CA GLY C 252 -5.56 8.38 50.18
C GLY C 252 -5.99 9.84 50.04
N CYS C 253 -6.58 10.16 48.92
CA CYS C 253 -7.06 11.51 48.71
C CYS C 253 -8.52 11.59 49.14
N PRO C 254 -8.86 12.62 49.91
CA PRO C 254 -10.21 12.76 50.42
C PRO C 254 -11.21 13.24 49.36
N VAL C 255 -12.27 12.47 49.15
CA VAL C 255 -13.31 12.84 48.21
C VAL C 255 -14.64 12.97 48.93
N ASP C 256 -15.27 14.13 48.77
CA ASP C 256 -16.60 14.39 49.30
C ASP C 256 -17.59 13.26 49.04
N ARG C 257 -18.48 13.01 50.00
CA ARG C 257 -19.55 12.03 49.81
C ARG C 257 -20.39 12.42 48.59
N ASP C 258 -20.47 13.73 48.31
CA ASP C 258 -21.27 14.27 47.20
C ASP C 258 -20.60 14.31 45.80
N ARG C 259 -19.26 14.29 45.75
CA ARG C 259 -18.55 14.37 44.46
C ARG C 259 -18.38 13.04 43.68
N VAL C 260 -18.88 11.93 44.23
CA VAL C 260 -18.85 10.64 43.53
C VAL C 260 -20.03 10.43 42.60
N LEU C 261 -19.74 10.11 41.34
CA LEU C 261 -20.78 9.88 40.31
C LEU C 261 -20.81 8.41 39.84
N PRO C 262 -21.55 7.51 40.54
CA PRO C 262 -21.55 6.07 40.15
C PRO C 262 -22.39 5.72 38.91
N ARG C 263 -21.70 5.33 37.83
CA ARG C 263 -22.34 5.05 36.53
C ARG C 263 -22.07 3.62 36.04
N GLY C 264 -23.02 2.73 36.29
CA GLY C 264 -22.94 1.35 35.78
C GLY C 264 -21.88 0.52 36.47
N GLU C 265 -21.19 -0.32 35.69
CA GLU C 265 -20.10 -1.18 36.20
C GLU C 265 -19.25 -1.79 35.10
N VAL C 268 -19.63 -5.54 31.96
CA VAL C 268 -20.91 -5.42 31.25
C VAL C 268 -21.05 -4.01 30.68
N ARG C 269 -20.84 -3.90 29.37
CA ARG C 269 -20.83 -2.63 28.67
C ARG C 269 -22.15 -2.34 27.92
N ASP C 270 -22.48 -1.05 27.84
CA ASP C 270 -23.65 -0.61 27.08
C ASP C 270 -23.27 0.27 25.91
N ASP C 271 -23.86 -0.02 24.75
CA ASP C 271 -23.54 0.73 23.54
C ASP C 271 -23.94 2.20 23.53
N ALA C 272 -24.73 2.63 24.51
CA ALA C 272 -25.04 4.04 24.60
C ALA C 272 -23.89 4.84 25.20
N ALA C 273 -23.01 4.17 25.93
CA ALA C 273 -21.80 4.82 26.51
C ALA C 273 -20.93 5.37 25.39
N LEU C 274 -21.00 4.66 24.25
CA LEU C 274 -20.25 4.97 23.03
C LEU C 274 -20.43 6.37 22.49
N ALA C 275 -21.63 6.92 22.66
CA ALA C 275 -21.88 8.32 22.36
C ALA C 275 -20.98 9.29 23.15
N GLY C 276 -20.95 9.17 24.48
CA GLY C 276 -20.04 9.97 25.31
C GLY C 276 -18.60 9.79 24.86
N GLN C 277 -18.20 8.52 24.81
CA GLN C 277 -16.88 8.08 24.35
C GLN C 277 -16.42 8.72 23.06
N THR C 278 -17.30 8.69 22.06
CA THR C 278 -17.13 9.45 20.82
C THR C 278 -16.90 10.93 21.06
N VAL C 279 -17.83 11.61 21.71
CA VAL C 279 -17.76 13.07 21.85
C VAL C 279 -16.43 13.55 22.39
N SER C 280 -15.86 12.79 23.32
CA SER C 280 -14.66 13.23 24.04
C SER C 280 -13.33 12.95 23.32
N SER C 281 -13.35 12.11 22.28
CA SER C 281 -12.13 11.82 21.52
C SER C 281 -12.12 12.28 20.05
N ILE C 282 -13.26 12.18 19.39
CA ILE C 282 -13.36 12.41 17.94
C ILE C 282 -12.69 13.69 17.50
N ALA C 283 -12.87 14.78 18.24
CA ALA C 283 -12.25 16.04 17.86
C ALA C 283 -10.72 15.88 17.63
N MET C 284 -10.08 14.92 18.31
CA MET C 284 -8.64 14.83 18.28
C MET C 284 -8.14 14.58 16.89
N LEU C 285 -9.00 14.02 16.04
CA LEU C 285 -8.59 13.65 14.69
C LEU C 285 -8.17 14.89 13.90
N GLY C 286 -8.72 16.05 14.27
CA GLY C 286 -8.31 17.33 13.70
C GLY C 286 -6.81 17.51 13.77
N ILE C 287 -6.21 17.02 14.84
CA ILE C 287 -4.82 17.24 15.11
C ILE C 287 -3.94 16.61 14.07
N TYR C 288 -4.23 15.34 13.75
CA TYR C 288 -3.44 14.63 12.74
C TYR C 288 -3.63 15.20 11.34
N VAL C 289 -4.86 15.63 11.07
CA VAL C 289 -5.10 16.36 9.82
C VAL C 289 -4.21 17.59 9.81
N GLY C 290 -4.15 18.26 10.96
CA GLY C 290 -3.30 19.43 11.12
C GLY C 290 -1.86 19.10 10.80
N ILE C 291 -1.35 18.01 11.36
CA ILE C 291 0.07 17.64 11.18
C ILE C 291 0.34 17.33 9.71
N ALA C 292 -0.55 16.52 9.12
CA ALA C 292 -0.36 16.17 7.72
C ALA C 292 -0.31 17.44 6.85
N GLU C 293 -1.18 18.43 7.16
CA GLU C 293 -1.25 19.67 6.40
C GLU C 293 0.03 20.46 6.48
N ALA C 294 0.48 20.64 7.72
CA ALA C 294 1.75 21.26 8.02
C ALA C 294 2.88 20.63 7.25
N ALA C 295 3.03 19.32 7.39
CA ALA C 295 4.05 18.58 6.65
C ALA C 295 4.00 18.86 5.15
N ARG C 296 2.79 18.83 4.59
CA ARG C 296 2.59 19.05 3.19
C ARG C 296 3.05 20.47 2.78
N ARG C 297 2.64 21.45 3.58
CA ARG C 297 2.98 22.85 3.31
C ARG C 297 4.49 22.99 3.26
N ILE C 298 5.17 22.57 4.32
CA ILE C 298 6.61 22.57 4.31
C ILE C 298 7.22 21.92 3.04
N ALA C 299 6.77 20.69 2.70
CA ALA C 299 7.39 19.93 1.62
C ALA C 299 7.16 20.63 0.28
N LEU C 300 5.95 21.14 0.10
CA LEU C 300 5.61 21.79 -1.14
C LEU C 300 6.43 23.02 -1.34
N THR C 301 6.50 23.91 -0.34
CA THR C 301 7.26 25.15 -0.53
C THR C 301 8.71 24.81 -0.85
N GLU C 302 9.21 23.79 -0.17
CA GLU C 302 10.56 23.34 -0.34
C GLU C 302 10.82 22.86 -1.77
N LEU C 303 9.86 22.15 -2.34
CA LEU C 303 9.97 21.71 -3.73
C LEU C 303 9.81 22.85 -4.75
N ARG C 304 8.86 23.78 -4.50
CA ARG C 304 8.62 24.95 -5.35
C ARG C 304 9.90 25.77 -5.47
N ARG C 305 10.61 25.84 -4.37
CA ARG C 305 11.87 26.52 -4.28
C ARG C 305 13.05 25.83 -5.04
N ARG C 306 12.84 24.64 -5.61
CA ARG C 306 13.91 23.92 -6.33
C ARG C 306 13.85 24.05 -7.87
N GLY C 307 12.69 24.45 -8.40
CA GLY C 307 12.52 24.66 -9.85
C GLY C 307 11.85 23.51 -10.58
N GLY C 308 12.56 22.92 -11.55
CA GLY C 308 12.09 21.74 -12.27
C GLY C 308 11.81 20.60 -11.31
N ALA C 309 10.79 19.79 -11.60
CA ALA C 309 10.36 18.76 -10.67
C ALA C 309 10.52 17.32 -11.24
N PRO C 310 11.45 16.54 -10.66
CA PRO C 310 11.70 15.16 -11.16
C PRO C 310 10.48 14.21 -11.11
N ALA C 311 10.56 13.11 -11.86
CA ALA C 311 9.38 12.28 -12.18
C ALA C 311 8.87 11.59 -10.94
N GLY C 312 9.80 11.36 -10.02
CA GLY C 312 9.54 10.79 -8.71
C GLY C 312 8.73 11.69 -7.82
N VAL C 313 8.96 12.99 -7.88
CA VAL C 313 8.21 13.85 -6.97
C VAL C 313 6.82 14.21 -7.46
N ARG C 314 6.58 14.15 -8.75
CA ARG C 314 5.26 14.54 -9.19
C ARG C 314 4.31 13.52 -8.60
N THR C 315 4.70 12.22 -8.68
CA THR C 315 3.86 11.16 -8.15
C THR C 315 3.57 11.31 -6.66
N THR C 316 4.63 11.51 -5.88
CA THR C 316 4.51 11.60 -4.45
C THR C 316 3.58 12.75 -4.06
N VAL C 317 3.73 13.86 -4.74
CA VAL C 317 2.90 15.01 -4.44
C VAL C 317 1.43 14.65 -4.70
N ALA C 318 1.15 14.10 -5.88
CA ALA C 318 -0.20 13.70 -6.25
C ALA C 318 -0.78 12.75 -5.19
N GLU C 319 0.03 11.78 -4.73
CA GLU C 319 -0.39 10.81 -3.72
C GLU C 319 -0.65 11.46 -2.37
N ILE C 320 0.30 12.29 -1.95
CA ILE C 320 0.19 13.06 -0.70
C ILE C 320 -1.14 13.81 -0.69
N ASP C 321 -1.40 14.58 -1.74
CA ASP C 321 -2.60 15.42 -1.78
C ASP C 321 -3.89 14.59 -1.84
N ALA C 322 -3.83 13.46 -2.53
CA ALA C 322 -5.01 12.62 -2.65
C ALA C 322 -5.33 12.16 -1.24
N ARG C 323 -4.31 11.60 -0.57
CA ARG C 323 -4.50 11.09 0.79
C ARG C 323 -5.04 12.18 1.72
N LEU C 324 -4.49 13.37 1.60
CA LEU C 324 -4.95 14.50 2.41
C LEU C 324 -6.42 14.77 2.22
N PHE C 325 -6.86 14.81 0.95
CA PHE C 325 -8.26 15.02 0.62
C PHE C 325 -9.08 13.88 1.27
N ALA C 326 -8.57 12.64 1.18
CA ALA C 326 -9.27 11.52 1.80
C ALA C 326 -9.46 11.82 3.29
N LEU C 327 -8.36 12.17 3.95
CA LEU C 327 -8.41 12.41 5.39
C LEU C 327 -9.41 13.48 5.71
N HIS C 328 -9.23 14.67 5.11
CA HIS C 328 -10.13 15.82 5.29
C HIS C 328 -11.57 15.36 5.27
N THR C 329 -11.99 14.75 4.16
CA THR C 329 -13.39 14.38 3.96
C THR C 329 -13.89 13.25 4.86
N ALA C 330 -13.06 12.22 5.05
CA ALA C 330 -13.43 11.11 5.95
C ALA C 330 -13.67 11.59 7.41
N VAL C 331 -12.79 12.48 7.86
CA VAL C 331 -12.85 13.01 9.19
C VAL C 331 -14.05 13.95 9.38
N ALA C 332 -14.28 14.82 8.39
CA ALA C 332 -15.29 15.85 8.55
C ALA C 332 -16.63 15.17 8.53
N SER C 333 -16.69 14.06 7.79
CA SER C 333 -17.91 13.31 7.73
C SER C 333 -18.23 12.74 9.09
N ALA C 334 -17.26 12.10 9.74
CA ALA C 334 -17.52 11.47 11.04
C ALA C 334 -17.94 12.53 12.09
N LEU C 335 -17.27 13.67 12.05
CA LEU C 335 -17.62 14.76 12.92
C LEU C 335 -19.06 15.18 12.66
N THR C 336 -19.46 15.31 11.41
CA THR C 336 -20.83 15.68 11.09
C THR C 336 -21.85 14.73 11.74
N THR C 337 -21.63 13.43 11.60
CA THR C 337 -22.45 12.43 12.25
C THR C 337 -22.44 12.64 13.75
N ALA C 338 -21.28 12.88 14.33
CA ALA C 338 -21.26 13.09 15.76
C ALA C 338 -22.07 14.34 16.15
N ASP C 339 -21.85 15.46 15.46
CA ASP C 339 -22.57 16.70 15.73
C ASP C 339 -24.09 16.58 15.55
N ARG C 340 -24.51 15.73 14.63
CA ARG C 340 -25.91 15.48 14.34
C ARG C 340 -26.59 14.82 15.52
N LEU C 341 -25.97 13.80 16.11
CA LEU C 341 -26.54 13.09 17.24
C LEU C 341 -26.16 13.66 18.63
N ALA C 342 -25.33 14.69 18.64
CA ALA C 342 -24.86 15.29 19.89
C ALA C 342 -26.03 15.60 20.82
N ASP C 343 -27.04 16.29 20.29
CA ASP C 343 -28.22 16.63 21.08
C ASP C 343 -29.39 15.68 20.86
N ASP C 344 -29.55 15.16 19.64
CA ASP C 344 -30.64 14.22 19.33
C ASP C 344 -30.65 12.97 20.24
N LEU C 345 -31.47 13.02 21.28
CA LEU C 345 -31.54 11.95 22.29
C LEU C 345 -32.72 10.99 22.09
N SER C 346 -33.70 11.43 21.30
CA SER C 346 -34.84 10.58 20.95
C SER C 346 -34.35 9.46 20.05
N GLY C 347 -34.93 8.27 20.21
CA GLY C 347 -34.51 7.09 19.46
C GLY C 347 -33.68 6.20 20.36
N ASP C 348 -33.38 4.99 19.89
CA ASP C 348 -32.63 4.00 20.65
C ASP C 348 -31.25 4.51 20.99
N LEU C 349 -31.00 4.65 22.30
CA LEU C 349 -29.73 5.15 22.83
C LEU C 349 -28.51 4.25 22.52
N ALA C 350 -28.70 2.93 22.58
CA ALA C 350 -27.66 1.97 22.24
C ALA C 350 -27.22 2.17 20.80
N ALA C 351 -28.19 2.24 19.89
CA ALA C 351 -27.93 2.50 18.48
C ALA C 351 -27.37 3.91 18.20
N ARG C 352 -27.71 4.89 19.02
CA ARG C 352 -27.14 6.23 18.88
C ARG C 352 -25.62 6.11 19.04
N GLY C 353 -25.19 5.35 20.04
CA GLY C 353 -23.77 5.24 20.36
C GLY C 353 -23.08 4.65 19.16
N ARG C 354 -23.50 3.42 18.80
CA ARG C 354 -22.95 2.73 17.61
C ARG C 354 -22.87 3.62 16.39
N ALA C 355 -23.92 4.41 16.15
CA ALA C 355 -24.06 5.24 14.96
C ALA C 355 -23.06 6.39 14.90
N MET C 356 -22.55 6.78 16.07
CA MET C 356 -21.54 7.81 16.21
C MET C 356 -20.14 7.20 16.18
N MET C 357 -19.99 6.08 16.89
CA MET C 357 -18.72 5.46 17.12
C MET C 357 -18.16 4.81 15.87
N THR C 358 -19.05 4.21 15.09
CA THR C 358 -18.59 3.51 13.88
C THR C 358 -17.94 4.43 12.85
N PRO C 359 -18.64 5.49 12.36
CA PRO C 359 -17.92 6.47 11.53
C PRO C 359 -16.62 7.01 12.17
N PHE C 360 -16.66 7.32 13.45
CA PHE C 360 -15.46 7.76 14.17
C PHE C 360 -14.33 6.74 13.93
N GLN C 361 -14.61 5.46 14.20
CA GLN C 361 -13.58 4.44 14.06
C GLN C 361 -13.07 4.22 12.64
N TYR C 362 -13.95 4.33 11.66
CA TYR C 362 -13.51 4.31 10.28
C TYR C 362 -12.51 5.45 10.07
N ALA C 363 -12.90 6.67 10.45
CA ALA C 363 -12.06 7.84 10.19
C ALA C 363 -10.73 7.66 10.90
N LYS C 364 -10.78 7.19 12.16
CA LYS C 364 -9.55 6.95 12.93
C LYS C 364 -8.68 5.93 12.24
N LEU C 365 -9.29 4.85 11.75
CA LEU C 365 -8.50 3.84 11.04
C LEU C 365 -7.79 4.45 9.86
N LEU C 366 -8.50 5.34 9.13
CA LEU C 366 -7.93 6.01 7.96
C LEU C 366 -6.87 6.99 8.36
N VAL C 367 -7.11 7.76 9.42
CA VAL C 367 -6.17 8.80 9.80
C VAL C 367 -4.84 8.17 10.22
N ASN C 368 -4.91 7.23 11.16
CA ASN C 368 -3.73 6.61 11.68
C ASN C 368 -2.93 5.97 10.57
N ARG C 369 -3.59 5.52 9.50
CA ARG C 369 -2.82 5.02 8.35
C ARG C 369 -2.29 6.15 7.51
N HIS C 370 -3.13 7.10 7.12
CA HIS C 370 -2.74 8.12 6.12
C HIS C 370 -2.01 9.32 6.55
N SER C 371 -2.37 9.92 7.68
CA SER C 371 -1.60 11.07 8.17
C SER C 371 -0.15 10.70 8.31
N VAL C 372 0.11 9.50 8.82
CA VAL C 372 1.49 9.05 9.00
C VAL C 372 2.19 8.88 7.64
N GLY C 373 1.43 8.38 6.66
CA GLY C 373 1.94 8.21 5.31
C GLY C 373 2.26 9.55 4.66
N VAL C 374 1.32 10.49 4.75
CA VAL C 374 1.55 11.82 4.18
C VAL C 374 2.79 12.45 4.77
N VAL C 375 2.92 12.36 6.09
CA VAL C 375 4.10 12.91 6.72
C VAL C 375 5.34 12.14 6.30
N ASP C 376 5.27 10.80 6.27
CA ASP C 376 6.41 10.03 5.81
C ASP C 376 6.83 10.53 4.43
N ASP C 377 5.85 10.71 3.56
CA ASP C 377 6.16 11.09 2.20
C ASP C 377 6.69 12.52 2.12
N CYS C 378 6.15 13.44 2.95
CA CYS C 378 6.63 14.84 2.93
C CYS C 378 8.11 14.87 3.33
N LEU C 379 8.40 14.13 4.40
CA LEU C 379 9.75 13.95 4.86
C LEU C 379 10.65 13.43 3.74
N MET C 380 10.23 12.40 2.99
CA MET C 380 11.19 11.84 2.02
C MET C 380 11.34 12.78 0.83
N LEU C 381 10.35 13.63 0.62
CA LEU C 381 10.37 14.59 -0.46
C LEU C 381 11.37 15.74 -0.15
N VAL C 382 11.49 16.10 1.13
CA VAL C 382 12.38 17.18 1.55
C VAL C 382 13.84 16.75 1.69
N GLY C 383 14.08 15.53 2.12
CA GLY C 383 15.40 14.96 2.10
C GLY C 383 16.05 15.07 3.46
N GLY C 384 17.35 14.74 3.48
CA GLY C 384 18.16 14.69 4.68
C GLY C 384 17.82 15.72 5.73
N ALA C 385 17.83 17.00 5.38
CA ALA C 385 17.56 18.07 6.34
C ALA C 385 16.36 17.77 7.25
N GLY C 386 15.31 17.16 6.67
CA GLY C 386 14.13 16.77 7.44
C GLY C 386 14.43 15.83 8.59
N TYR C 387 15.61 15.19 8.57
CA TYR C 387 15.96 14.15 9.51
C TYR C 387 16.63 14.68 10.78
N SER C 388 16.99 15.97 10.75
CA SER C 388 17.61 16.69 11.90
C SER C 388 16.57 16.99 12.94
N ASN C 389 16.82 16.58 14.17
CA ASN C 389 15.78 16.60 15.18
C ASN C 389 15.19 18.01 15.32
N SER C 390 16.02 19.01 15.07
CA SER C 390 15.61 20.39 15.20
C SER C 390 14.59 20.78 14.14
N HIS C 391 14.73 20.20 12.95
CA HIS C 391 13.83 20.45 11.79
C HIS C 391 12.38 20.09 12.11
N PRO C 392 11.44 20.99 11.75
CA PRO C 392 10.01 20.80 12.01
C PRO C 392 9.45 19.46 11.51
N LEU C 393 9.93 18.96 10.37
CA LEU C 393 9.44 17.68 9.86
C LEU C 393 9.73 16.60 10.85
N ALA C 394 10.98 16.53 11.32
CA ALA C 394 11.36 15.52 12.32
C ALA C 394 10.40 15.61 13.48
N ARG C 395 10.13 16.81 13.98
CA ARG C 395 9.20 16.94 15.10
C ARG C 395 7.86 16.37 14.64
N LEU C 396 7.39 16.78 13.44
CA LEU C 396 6.09 16.32 12.87
C LEU C 396 5.98 14.79 12.66
N TYR C 397 7.01 14.17 12.09
CA TYR C 397 7.10 12.71 12.06
C TYR C 397 6.94 12.00 13.43
N ARG C 398 7.57 12.54 14.47
CA ARG C 398 7.45 11.91 15.78
C ARG C 398 6.07 12.20 16.38
N ASP C 399 5.55 13.38 16.08
CA ASP C 399 4.26 13.77 16.64
C ASP C 399 3.11 12.91 16.08
N VAL C 400 3.15 12.69 14.76
CA VAL C 400 2.02 12.05 14.08
C VAL C 400 1.74 10.59 14.51
N ARG C 401 2.76 9.88 14.97
CA ARG C 401 2.62 8.48 15.28
C ARG C 401 1.77 8.24 16.51
N ALA C 402 1.62 9.29 17.31
CA ALA C 402 0.85 9.28 18.56
C ALA C 402 -0.58 8.76 18.38
N GLY C 403 -1.21 9.12 17.26
CA GLY C 403 -2.60 8.81 17.02
C GLY C 403 -2.95 7.36 17.22
N GLY C 404 -2.17 6.50 16.61
CA GLY C 404 -2.49 5.11 16.58
C GLY C 404 -2.66 4.47 17.94
N PHE C 405 -1.91 4.94 18.91
CA PHE C 405 -2.07 4.38 20.24
C PHE C 405 -3.39 4.77 20.89
N MET C 406 -3.94 5.97 20.64
CA MET C 406 -5.11 6.44 21.37
C MET C 406 -6.37 5.51 21.42
N HIS C 407 -6.86 5.27 22.63
CA HIS C 407 -8.15 4.57 22.85
C HIS C 407 -9.25 5.63 22.97
N PRO C 408 -10.43 5.41 22.34
CA PRO C 408 -10.86 4.30 21.49
C PRO C 408 -10.71 4.63 20.00
N TYR C 409 -10.28 3.68 19.15
CA TYR C 409 -9.64 2.41 19.50
C TYR C 409 -8.29 2.31 18.83
N ASN C 410 -7.40 1.49 19.38
CA ASN C 410 -6.19 1.13 18.66
C ASN C 410 -6.63 0.19 17.54
N PHE C 411 -5.69 -0.25 16.70
CA PHE C 411 -6.01 -1.15 15.59
C PHE C 411 -6.60 -2.47 16.05
N THR C 412 -6.05 -3.10 17.10
CA THR C 412 -6.59 -4.40 17.52
C THR C 412 -8.04 -4.29 17.94
N ASP C 413 -8.36 -3.35 18.85
CA ASP C 413 -9.74 -3.14 19.28
C ASP C 413 -10.55 -2.62 18.11
N GLY C 414 -9.96 -1.68 17.38
CA GLY C 414 -10.60 -1.09 16.21
C GLY C 414 -11.15 -2.15 15.29
N VAL C 415 -10.35 -3.18 15.03
CA VAL C 415 -10.76 -4.31 14.20
C VAL C 415 -11.90 -5.06 14.86
N ASP C 416 -11.72 -5.42 16.15
CA ASP C 416 -12.76 -6.17 16.87
C ASP C 416 -14.07 -5.40 16.74
N TYR C 417 -14.10 -4.11 17.09
CA TYR C 417 -15.34 -3.35 17.07
C TYR C 417 -15.97 -3.32 15.68
N LEU C 418 -15.19 -2.91 14.70
CA LEU C 418 -15.71 -2.74 13.35
C LEU C 418 -16.08 -4.04 12.67
N SER C 419 -15.45 -5.15 13.04
CA SER C 419 -15.92 -6.42 12.49
C SER C 419 -17.18 -6.86 13.21
N GLU C 420 -17.24 -6.64 14.53
CA GLU C 420 -18.42 -6.96 15.33
C GLU C 420 -19.65 -6.28 14.71
N VAL C 421 -19.56 -4.97 14.49
CA VAL C 421 -20.67 -4.22 13.90
C VAL C 421 -21.00 -4.80 12.54
N ALA C 422 -20.03 -5.03 11.70
CA ALA C 422 -20.28 -5.59 10.38
C ALA C 422 -20.87 -7.00 10.37
N LEU C 423 -20.36 -7.91 11.20
CA LEU C 423 -20.76 -9.33 11.14
C LEU C 423 -21.92 -9.74 12.07
N GLY C 424 -22.49 -8.80 12.82
CA GLY C 424 -23.60 -9.13 13.72
C GLY C 424 -23.14 -9.38 15.14
N ARG C 425 -22.11 -10.22 15.27
CA ARG C 425 -21.43 -10.41 16.54
C ARG C 425 -19.98 -10.86 16.29
N PRO D 30 -28.28 -2.12 3.96
CA PRO D 30 -28.03 -0.85 3.28
C PRO D 30 -26.54 -0.60 2.99
N GLY D 31 -25.65 -1.35 3.66
CA GLY D 31 -24.19 -1.23 3.51
C GLY D 31 -23.55 -0.17 4.41
N VAL D 32 -22.40 0.36 3.96
CA VAL D 32 -21.70 1.46 4.68
C VAL D 32 -22.41 2.78 4.43
N LEU D 33 -22.96 3.36 5.51
CA LEU D 33 -23.69 4.65 5.50
C LEU D 33 -22.80 5.82 5.96
N ALA D 34 -23.04 7.04 5.43
CA ALA D 34 -22.27 8.25 5.80
C ALA D 34 -22.98 9.58 5.48
N ASP D 35 -22.99 10.49 6.46
CA ASP D 35 -23.46 11.87 6.29
C ASP D 35 -22.54 12.56 5.29
N ASN D 36 -23.10 13.14 4.24
CA ASN D 36 -22.30 13.71 3.12
C ASN D 36 -21.47 12.61 2.47
N GLY D 37 -22.08 11.45 2.34
CA GLY D 37 -21.41 10.29 1.79
C GLY D 37 -22.29 9.55 0.80
N LEU D 38 -23.03 10.28 -0.05
CA LEU D 38 -23.72 9.62 -1.17
C LEU D 38 -24.76 8.54 -0.75
N CYS D 39 -25.55 8.80 0.26
CA CYS D 39 -26.48 7.78 0.73
C CYS D 39 -27.92 8.09 0.40
N GLU D 40 -28.28 9.36 0.54
CA GLU D 40 -29.58 9.83 0.16
C GLU D 40 -29.42 11.05 -0.76
N PRO D 41 -30.43 11.32 -1.60
CA PRO D 41 -30.34 12.40 -2.58
C PRO D 41 -30.58 13.73 -1.94
N LYS D 42 -29.89 14.76 -2.39
CA LYS D 42 -30.00 16.06 -1.74
C LYS D 42 -31.23 16.84 -2.19
N THR D 43 -31.68 16.64 -3.43
CA THR D 43 -32.75 17.46 -4.03
C THR D 43 -34.00 16.65 -4.44
N PRO D 44 -35.19 17.29 -4.48
CA PRO D 44 -36.40 16.48 -4.72
C PRO D 44 -36.52 15.97 -6.13
N ALA D 45 -35.93 16.68 -7.09
CA ALA D 45 -35.80 16.11 -8.43
C ALA D 45 -35.04 14.79 -8.34
N GLY D 46 -33.84 14.86 -7.74
CA GLY D 46 -33.04 13.68 -7.39
C GLY D 46 -33.82 12.54 -6.74
N ARG D 47 -34.56 12.85 -5.68
CA ARG D 47 -35.42 11.85 -5.02
C ARG D 47 -36.37 11.22 -6.03
N ARG D 48 -37.05 12.06 -6.80
CA ARG D 48 -37.98 11.59 -7.80
C ARG D 48 -37.29 10.59 -8.72
N LEU D 49 -36.08 10.92 -9.15
CA LEU D 49 -35.32 10.08 -10.07
C LEU D 49 -34.97 8.66 -9.54
N LEU D 50 -34.65 8.58 -8.25
CA LEU D 50 -34.29 7.30 -7.67
C LEU D 50 -35.49 6.36 -7.64
N ASP D 51 -36.65 6.94 -7.33
CA ASP D 51 -37.92 6.23 -7.27
C ASP D 51 -38.30 5.61 -8.60
N LEU D 52 -38.15 6.38 -9.67
CA LEU D 52 -38.34 5.85 -11.00
C LEU D 52 -37.44 4.65 -11.27
N LEU D 53 -36.17 4.77 -10.92
CA LEU D 53 -35.19 3.72 -11.15
C LEU D 53 -35.53 2.45 -10.48
N GLU D 54 -36.14 2.57 -9.29
CA GLU D 54 -36.50 1.41 -8.46
C GLU D 54 -37.21 0.28 -9.20
N ARG D 55 -38.07 0.61 -10.15
CA ARG D 55 -38.84 -0.42 -10.86
C ARG D 55 -38.02 -1.12 -11.93
N TYR D 56 -36.95 -0.47 -12.37
CA TYR D 56 -36.07 -1.08 -13.35
C TYR D 56 -35.00 -1.99 -12.74
N LEU D 57 -34.70 -1.80 -11.46
CA LEU D 57 -33.55 -2.48 -10.87
C LEU D 57 -33.66 -3.99 -10.92
N PRO D 58 -34.82 -4.54 -10.53
CA PRO D 58 -34.93 -6.00 -10.51
C PRO D 58 -34.70 -6.59 -11.88
N ALA D 59 -35.28 -5.97 -12.91
CA ALA D 59 -34.98 -6.38 -14.29
C ALA D 59 -33.50 -6.30 -14.64
N LEU D 60 -32.87 -5.13 -14.38
CA LEU D 60 -31.43 -4.90 -14.67
C LEU D 60 -30.55 -6.03 -14.16
N GLU D 61 -30.85 -6.42 -12.92
CA GLU D 61 -30.14 -7.40 -12.15
C GLU D 61 -30.36 -8.75 -12.75
N ALA D 62 -31.62 -9.05 -13.05
CA ALA D 62 -31.98 -10.30 -13.68
C ALA D 62 -31.20 -10.49 -14.98
N GLU D 63 -31.14 -9.46 -15.80
CA GLU D 63 -30.50 -9.58 -17.11
C GLU D 63 -28.98 -9.40 -17.12
N SER D 64 -28.41 -8.97 -15.98
CA SER D 64 -27.00 -8.58 -15.90
C SER D 64 -26.00 -9.62 -16.41
N ARG D 65 -26.18 -10.88 -16.00
CA ARG D 65 -25.31 -12.00 -16.45
C ARG D 65 -25.32 -12.21 -17.95
N ASP D 66 -26.52 -12.23 -18.54
CA ASP D 66 -26.70 -12.39 -19.98
C ASP D 66 -26.12 -11.25 -20.77
N ASN D 67 -26.56 -10.04 -20.42
CA ASN D 67 -26.10 -8.84 -21.10
C ASN D 67 -24.57 -8.81 -21.07
N ASP D 68 -23.99 -9.22 -19.93
CA ASP D 68 -22.56 -9.30 -19.78
C ASP D 68 -21.95 -10.37 -20.66
N ARG D 69 -22.47 -11.60 -20.61
CA ARG D 69 -21.88 -12.69 -21.41
C ARG D 69 -21.98 -12.38 -22.88
N GLU D 70 -23.15 -11.93 -23.31
CA GLU D 70 -23.37 -11.50 -24.69
C GLU D 70 -22.63 -10.20 -25.12
N ALA D 71 -22.22 -9.35 -24.16
CA ALA D 71 -21.68 -8.00 -24.47
C ALA D 71 -22.70 -7.21 -25.27
N THR D 72 -23.92 -7.17 -24.73
CA THR D 72 -25.11 -6.75 -25.41
C THR D 72 -25.86 -5.63 -24.67
N LEU D 73 -26.00 -4.45 -25.25
CA LEU D 73 -26.69 -3.31 -24.58
C LEU D 73 -28.15 -3.70 -24.42
N PRO D 74 -28.70 -3.58 -23.21
CA PRO D 74 -30.11 -3.97 -23.00
C PRO D 74 -31.15 -2.98 -23.59
N VAL D 75 -31.14 -2.85 -24.91
CA VAL D 75 -31.96 -1.91 -25.68
C VAL D 75 -33.42 -1.84 -25.24
N HIS D 76 -34.02 -3.02 -25.03
CA HIS D 76 -35.40 -3.15 -24.57
C HIS D 76 -35.65 -2.38 -23.29
N LEU D 77 -34.76 -2.51 -22.30
CA LEU D 77 -34.92 -1.78 -21.03
C LEU D 77 -34.73 -0.28 -21.19
N PHE D 78 -33.89 0.10 -22.15
CA PHE D 78 -33.67 1.52 -22.43
C PHE D 78 -34.89 2.18 -23.04
N ASP D 79 -35.58 1.44 -23.90
CA ASP D 79 -36.85 1.86 -24.50
C ASP D 79 -37.85 2.19 -23.38
N ARG D 80 -38.06 1.26 -22.46
CA ARG D 80 -38.97 1.50 -21.34
C ARG D 80 -38.57 2.76 -20.54
N MET D 81 -37.27 2.88 -20.26
CA MET D 81 -36.74 4.01 -19.50
C MET D 81 -36.90 5.35 -20.20
N ARG D 82 -36.60 5.36 -21.49
CA ARG D 82 -36.78 6.53 -22.31
C ARG D 82 -38.24 6.96 -22.27
N LYS D 83 -39.13 6.01 -22.50
CA LYS D 83 -40.56 6.29 -22.51
C LYS D 83 -41.11 6.64 -21.14
N GLU D 84 -40.53 6.10 -20.07
CA GLU D 84 -40.96 6.50 -18.74
C GLU D 84 -40.26 7.79 -18.24
N GLY D 85 -39.57 8.51 -19.13
CA GLY D 85 -39.02 9.85 -18.82
C GLY D 85 -37.60 9.93 -18.26
N VAL D 86 -37.04 8.77 -17.98
CA VAL D 86 -35.77 8.66 -17.28
C VAL D 86 -34.62 9.23 -18.11
N LEU D 87 -34.66 9.10 -19.43
CA LEU D 87 -33.54 9.63 -20.24
C LEU D 87 -33.52 11.15 -20.37
N GLY D 88 -34.46 11.81 -19.71
CA GLY D 88 -34.56 13.26 -19.75
C GLY D 88 -34.43 13.77 -18.33
N ALA D 89 -33.80 12.97 -17.49
CA ALA D 89 -33.71 13.29 -16.09
C ALA D 89 -33.01 14.60 -15.87
N THR D 90 -31.96 14.88 -16.65
CA THR D 90 -31.19 16.12 -16.48
C THR D 90 -31.62 17.22 -17.42
N VAL D 91 -32.83 17.11 -17.94
CA VAL D 91 -33.39 18.10 -18.81
C VAL D 91 -34.27 18.94 -17.92
N PRO D 92 -34.14 20.29 -17.99
CA PRO D 92 -34.88 21.21 -17.10
C PRO D 92 -36.39 21.00 -17.19
N GLU D 93 -37.10 21.35 -16.12
CA GLU D 93 -38.55 21.17 -16.06
C GLU D 93 -39.26 21.89 -17.19
N ASP D 94 -38.88 23.15 -17.44
CA ASP D 94 -39.45 23.96 -18.53
C ASP D 94 -39.46 23.22 -19.86
N LEU D 95 -38.44 22.40 -20.09
CA LEU D 95 -38.34 21.70 -21.37
C LEU D 95 -38.82 20.25 -21.30
N GLY D 96 -39.54 19.92 -20.22
CA GLY D 96 -40.30 18.67 -20.10
C GLY D 96 -39.50 17.51 -19.55
N GLY D 97 -38.29 17.80 -19.10
CA GLY D 97 -37.50 16.80 -18.38
C GLY D 97 -37.77 16.82 -16.89
N LEU D 98 -37.05 15.98 -16.16
CA LEU D 98 -37.24 15.85 -14.70
C LEU D 98 -36.45 16.86 -13.85
N GLY D 99 -35.63 17.70 -14.48
CA GLY D 99 -34.96 18.79 -13.78
C GLY D 99 -34.02 18.40 -12.65
N VAL D 100 -33.34 17.27 -12.79
CA VAL D 100 -32.28 16.88 -11.87
C VAL D 100 -31.04 17.71 -12.20
N HIS D 101 -30.70 18.63 -11.30
CA HIS D 101 -29.57 19.54 -11.52
C HIS D 101 -28.37 19.21 -10.66
N SER D 102 -28.52 18.22 -9.79
CA SER D 102 -27.51 17.87 -8.80
C SER D 102 -26.60 16.73 -9.19
N LEU D 103 -25.32 17.05 -9.36
CA LEU D 103 -24.32 16.03 -9.64
C LEU D 103 -24.27 14.94 -8.57
N HIS D 104 -24.38 15.35 -7.31
CA HIS D 104 -24.54 14.41 -6.18
C HIS D 104 -25.61 13.40 -6.48
N ASP D 105 -26.82 13.87 -6.77
CA ASP D 105 -27.95 12.97 -6.94
C ASP D 105 -27.81 12.09 -8.18
N VAL D 106 -27.20 12.65 -9.23
CA VAL D 106 -26.94 11.92 -10.46
C VAL D 106 -25.99 10.78 -10.13
N ALA D 107 -24.92 11.11 -9.40
CA ALA D 107 -23.89 10.16 -9.05
C ALA D 107 -24.53 9.06 -8.24
N LEU D 108 -25.35 9.48 -7.29
CA LEU D 108 -26.04 8.56 -6.41
C LEU D 108 -26.92 7.60 -7.23
N ALA D 109 -27.67 8.16 -8.18
CA ALA D 109 -28.52 7.34 -9.03
C ALA D 109 -27.68 6.31 -9.73
N LEU D 110 -26.56 6.78 -10.30
CA LEU D 110 -25.69 5.90 -11.02
C LEU D 110 -25.21 4.79 -10.09
N ALA D 111 -24.93 5.13 -8.83
CA ALA D 111 -24.46 4.13 -7.87
C ALA D 111 -25.47 3.03 -7.63
N ARG D 112 -26.75 3.39 -7.48
CA ARG D 112 -27.84 2.43 -7.41
C ARG D 112 -27.86 1.47 -8.59
N ILE D 113 -27.90 2.05 -9.80
CA ILE D 113 -27.96 1.24 -11.02
C ILE D 113 -26.75 0.32 -11.10
N ALA D 114 -25.57 0.88 -10.80
CA ALA D 114 -24.31 0.16 -10.94
C ALA D 114 -24.29 -0.99 -9.96
N GLY D 115 -25.00 -0.81 -8.86
CA GLY D 115 -25.23 -1.91 -7.92
C GLY D 115 -25.76 -3.18 -8.62
N ARG D 116 -26.53 -3.00 -9.69
CA ARG D 116 -27.15 -4.12 -10.37
C ARG D 116 -26.48 -4.42 -11.70
N ASP D 117 -26.13 -3.37 -12.43
CA ASP D 117 -25.36 -3.52 -13.67
C ASP D 117 -24.57 -2.21 -13.96
N ALA D 118 -23.26 -2.32 -13.90
CA ALA D 118 -22.42 -1.16 -14.10
C ALA D 118 -22.41 -0.73 -15.55
N GLY D 119 -22.36 -1.69 -16.47
CA GLY D 119 -22.41 -1.36 -17.90
C GLY D 119 -23.53 -0.36 -18.17
N VAL D 120 -24.68 -0.62 -17.59
CA VAL D 120 -25.86 0.13 -17.89
C VAL D 120 -25.70 1.53 -17.38
N ALA D 121 -25.28 1.64 -16.13
CA ALA D 121 -25.05 2.95 -15.53
C ALA D 121 -24.10 3.74 -16.44
N LEU D 122 -23.03 3.06 -16.84
CA LEU D 122 -22.01 3.71 -17.68
C LEU D 122 -22.59 4.28 -18.95
N ALA D 123 -23.66 3.66 -19.44
CA ALA D 123 -24.37 4.17 -20.62
C ALA D 123 -25.31 5.34 -20.26
N LEU D 124 -26.23 5.14 -19.32
CA LEU D 124 -27.08 6.22 -18.86
C LEU D 124 -26.33 7.49 -18.56
N HIS D 125 -25.07 7.33 -18.12
CA HIS D 125 -24.31 8.50 -17.74
C HIS D 125 -24.17 9.41 -18.92
N MET D 126 -23.94 8.80 -20.07
CA MET D 126 -23.88 9.51 -21.35
C MET D 126 -25.06 10.48 -21.50
N GLN D 127 -26.25 9.96 -21.25
CA GLN D 127 -27.46 10.77 -21.29
C GLN D 127 -27.50 11.81 -20.19
N PHE D 128 -27.44 11.37 -18.93
CA PHE D 128 -27.57 12.31 -17.82
C PHE D 128 -26.59 13.50 -17.96
N SER D 129 -25.30 13.22 -18.21
CA SER D 129 -24.32 14.30 -18.29
C SER D 129 -24.62 15.23 -19.42
N ARG D 130 -24.91 14.66 -20.61
CA ARG D 130 -25.29 15.48 -21.76
C ARG D 130 -26.39 16.48 -21.39
N GLY D 131 -27.47 16.00 -20.75
CA GLY D 131 -28.49 16.89 -20.18
C GLY D 131 -27.92 18.14 -19.50
N LEU D 132 -27.02 17.91 -18.54
CA LEU D 132 -26.40 19.00 -17.79
C LEU D 132 -25.56 19.89 -18.68
N THR D 133 -24.64 19.29 -19.45
CA THR D 133 -23.75 20.08 -20.34
C THR D 133 -24.49 20.97 -21.32
N LEU D 134 -25.58 20.46 -21.90
CA LEU D 134 -26.47 21.28 -22.74
C LEU D 134 -27.25 22.31 -21.95
N ASP D 135 -27.71 21.93 -20.76
CA ASP D 135 -28.39 22.86 -19.89
C ASP D 135 -27.53 24.11 -19.55
N PHE D 136 -26.22 23.90 -19.42
CA PHE D 136 -25.31 25.03 -19.23
C PHE D 136 -25.26 25.87 -20.49
N GLU D 137 -25.06 25.24 -21.65
CA GLU D 137 -25.00 25.97 -22.92
C GLU D 137 -26.21 26.85 -23.13
N TRP D 138 -27.39 26.27 -22.99
CA TRP D 138 -28.67 26.97 -23.09
C TRP D 138 -28.76 28.26 -22.32
N ARG D 139 -28.06 28.38 -21.22
CA ARG D 139 -28.23 29.53 -20.39
C ARG D 139 -27.01 30.45 -20.50
N HIS D 140 -25.86 29.87 -20.87
CA HIS D 140 -24.55 30.56 -20.78
C HIS D 140 -23.65 30.38 -21.98
N GLY D 141 -24.07 29.63 -22.97
CA GLY D 141 -23.27 29.51 -24.20
C GLY D 141 -23.44 30.70 -25.15
N ALA D 142 -22.63 30.72 -26.20
CA ALA D 142 -22.69 31.79 -27.21
C ALA D 142 -24.10 31.94 -27.79
N PRO D 143 -24.63 33.18 -27.79
CA PRO D 143 -26.05 33.48 -28.08
C PRO D 143 -26.62 32.75 -29.27
N SER D 144 -25.76 32.45 -30.25
CA SER D 144 -26.15 31.72 -31.46
C SER D 144 -26.55 30.24 -31.24
N THR D 145 -25.82 29.56 -30.38
CA THR D 145 -26.02 28.11 -30.17
C THR D 145 -27.11 27.83 -29.17
N ARG D 146 -27.50 28.88 -28.46
CA ARG D 146 -28.41 28.76 -27.36
C ARG D 146 -29.74 28.08 -27.78
N PRO D 147 -30.32 28.44 -28.96
CA PRO D 147 -31.56 27.73 -29.34
C PRO D 147 -31.36 26.26 -29.76
N LEU D 148 -30.19 25.94 -30.33
CA LEU D 148 -29.91 24.55 -30.71
C LEU D 148 -29.91 23.66 -29.50
N ALA D 149 -29.24 24.16 -28.45
CA ALA D 149 -29.24 23.53 -27.14
C ALA D 149 -30.68 23.30 -26.69
N GLU D 150 -31.48 24.38 -26.74
CA GLU D 150 -32.88 24.34 -26.33
C GLU D 150 -33.63 23.28 -27.12
N ASP D 151 -33.34 23.18 -28.42
CA ASP D 151 -33.94 22.15 -29.26
C ASP D 151 -33.68 20.75 -28.69
N LEU D 152 -32.41 20.35 -28.68
CA LEU D 152 -32.01 19.02 -28.21
C LEU D 152 -32.54 18.66 -26.84
N LEU D 153 -32.57 19.65 -25.95
CA LEU D 153 -33.07 19.38 -24.60
C LEU D 153 -34.53 18.95 -24.64
N ARG D 154 -35.35 19.63 -25.47
CA ARG D 154 -36.78 19.31 -25.56
C ARG D 154 -36.92 17.90 -26.13
N GLN D 155 -36.12 17.63 -27.16
CA GLN D 155 -36.02 16.32 -27.82
C GLN D 155 -35.69 15.18 -26.86
N MET D 156 -34.79 15.42 -25.91
CA MET D 156 -34.41 14.41 -24.92
C MET D 156 -35.53 14.20 -23.93
N GLY D 157 -36.17 15.32 -23.57
CA GLY D 157 -37.27 15.36 -22.58
C GLY D 157 -38.43 14.57 -23.12
N ALA D 158 -38.69 14.76 -24.42
CA ALA D 158 -39.76 14.09 -25.15
C ALA D 158 -39.54 12.59 -25.37
N GLY D 159 -38.32 12.12 -25.08
CA GLY D 159 -37.96 10.71 -25.24
C GLY D 159 -37.66 10.45 -26.69
N GLU D 160 -37.53 11.53 -27.46
CA GLU D 160 -37.21 11.42 -28.88
C GLU D 160 -35.70 11.35 -29.14
N ALA D 161 -34.92 12.21 -28.47
CA ALA D 161 -33.47 12.30 -28.71
C ALA D 161 -32.64 11.56 -27.69
N VAL D 162 -31.58 10.91 -28.18
CA VAL D 162 -30.63 10.14 -27.36
C VAL D 162 -29.18 10.45 -27.80
N ILE D 163 -28.47 11.25 -26.99
CA ILE D 163 -27.21 11.89 -27.42
C ILE D 163 -25.96 11.28 -26.78
N CYS D 164 -25.00 10.88 -27.62
CA CYS D 164 -23.72 10.38 -27.13
C CYS D 164 -22.58 11.29 -27.52
N GLY D 165 -21.57 11.36 -26.68
CA GLY D 165 -20.35 12.06 -27.04
C GLY D 165 -19.40 11.13 -27.76
N ALA D 166 -18.80 11.60 -28.83
CA ALA D 166 -17.76 10.83 -29.48
C ALA D 166 -16.49 11.61 -29.28
N VAL D 167 -15.62 11.11 -28.40
CA VAL D 167 -14.45 11.91 -28.01
C VAL D 167 -13.15 11.31 -28.48
N LYS D 168 -12.80 10.10 -28.02
CA LYS D 168 -11.47 9.50 -28.32
C LYS D 168 -11.28 9.12 -29.79
N ASP D 169 -10.35 9.81 -30.47
CA ASP D 169 -9.88 9.42 -31.80
C ASP D 169 -9.22 8.06 -31.72
N VAL D 170 -9.10 7.38 -32.85
CA VAL D 170 -8.35 6.14 -32.85
C VAL D 170 -7.35 6.08 -34.00
N ARG D 171 -6.06 6.03 -33.65
CA ARG D 171 -4.95 6.08 -34.61
C ARG D 171 -5.25 6.89 -35.91
N GLY D 172 -5.61 8.17 -35.74
CA GLY D 172 -5.98 9.05 -36.84
C GLY D 172 -6.93 10.08 -36.27
N THR D 173 -6.55 11.36 -36.29
CA THR D 173 -7.35 12.41 -35.65
C THR D 173 -8.58 12.78 -36.49
N THR D 174 -9.70 13.09 -35.83
CA THR D 174 -10.93 13.41 -36.54
C THR D 174 -10.99 14.87 -36.93
N VAL D 175 -11.24 15.10 -38.23
CA VAL D 175 -11.22 16.42 -38.85
C VAL D 175 -12.46 16.64 -39.71
N LEU D 176 -13.07 17.81 -39.57
CA LEU D 176 -14.04 18.24 -40.57
C LEU D 176 -13.49 19.44 -41.36
N THR D 177 -13.73 19.44 -42.67
CA THR D 177 -13.30 20.51 -43.54
C THR D 177 -14.52 21.15 -44.20
N ARG D 178 -14.31 22.29 -44.85
CA ARG D 178 -15.37 23.01 -45.56
C ARG D 178 -15.52 22.51 -47.02
N ALA D 179 -16.67 21.90 -47.34
CA ALA D 179 -16.98 21.49 -48.72
C ALA D 179 -17.10 22.76 -49.55
N THR D 180 -16.51 22.76 -50.76
CA THR D 180 -16.36 23.99 -51.54
C THR D 180 -17.58 24.91 -51.37
N ASP D 181 -18.79 24.34 -51.35
CA ASP D 181 -20.05 25.09 -51.14
C ASP D 181 -20.12 25.95 -49.86
N GLY D 182 -19.62 25.42 -48.75
CA GLY D 182 -19.70 26.10 -47.46
C GLY D 182 -19.97 25.06 -46.40
N SER D 183 -21.13 24.39 -46.51
CA SER D 183 -21.46 23.21 -45.71
C SER D 183 -20.23 22.29 -45.56
N TYR D 184 -20.06 21.75 -44.37
CA TYR D 184 -18.85 20.99 -44.02
C TYR D 184 -19.04 19.51 -44.10
N ARG D 185 -18.00 18.81 -44.54
CA ARG D 185 -18.02 17.35 -44.60
C ARG D 185 -17.10 16.82 -43.51
N LEU D 186 -17.59 15.85 -42.74
CA LEU D 186 -16.88 15.32 -41.55
C LEU D 186 -16.27 13.95 -41.77
N ASN D 187 -15.01 13.82 -41.37
CA ASN D 187 -14.22 12.63 -41.61
C ASN D 187 -13.32 12.22 -40.42
N GLY D 188 -13.49 11.00 -39.93
CA GLY D 188 -12.64 10.48 -38.86
C GLY D 188 -13.20 9.20 -38.26
N ARG D 189 -12.62 8.80 -37.13
CA ARG D 189 -13.10 7.64 -36.38
C ARG D 189 -13.02 7.84 -34.87
N LYS D 190 -14.15 7.64 -34.18
CA LYS D 190 -14.20 7.74 -32.70
C LYS D 190 -14.37 6.37 -32.06
N THR D 191 -13.76 6.20 -30.90
CA THR D 191 -13.81 4.93 -30.15
C THR D 191 -14.46 5.03 -28.76
N LEU D 192 -14.83 3.86 -28.23
CA LEU D 192 -15.46 3.76 -26.92
C LEU D 192 -16.59 4.77 -26.71
N VAL D 193 -17.55 4.80 -27.61
CA VAL D 193 -18.70 5.68 -27.43
C VAL D 193 -19.84 4.83 -26.85
N SER D 194 -20.07 4.95 -25.56
CA SER D 194 -21.08 4.11 -24.90
C SER D 194 -22.46 4.49 -25.40
N MET D 195 -23.38 3.53 -25.35
CA MET D 195 -24.79 3.77 -25.67
C MET D 195 -25.00 4.16 -27.13
N ALA D 196 -23.93 4.24 -27.90
CA ALA D 196 -24.04 4.61 -29.32
C ALA D 196 -24.99 3.66 -30.04
N GLY D 197 -25.05 2.40 -29.57
CA GLY D 197 -26.03 1.44 -30.06
C GLY D 197 -27.37 2.11 -30.41
N ILE D 198 -28.01 2.69 -29.40
CA ILE D 198 -29.32 3.26 -29.58
C ILE D 198 -29.32 4.76 -29.75
N ALA D 199 -28.21 5.33 -30.19
CA ALA D 199 -28.11 6.81 -30.29
C ALA D 199 -28.88 7.43 -31.44
N THR D 200 -29.38 8.64 -31.24
CA THR D 200 -30.03 9.38 -32.33
C THR D 200 -29.14 10.52 -32.79
N HIS D 201 -28.33 11.06 -31.88
CA HIS D 201 -27.37 12.11 -32.23
C HIS D 201 -26.00 11.83 -31.67
N TYR D 202 -25.01 12.57 -32.16
CA TYR D 202 -23.65 12.48 -31.62
C TYR D 202 -22.99 13.85 -31.58
N VAL D 203 -22.54 14.26 -30.40
CA VAL D 203 -21.72 15.45 -30.34
C VAL D 203 -20.29 14.98 -30.55
N VAL D 204 -19.66 15.48 -31.60
CA VAL D 204 -18.39 14.93 -32.00
C VAL D 204 -17.27 15.96 -31.86
N SER D 205 -16.43 15.75 -30.85
CA SER D 205 -15.32 16.68 -30.64
C SER D 205 -14.23 16.39 -31.65
N THR D 206 -13.82 17.41 -32.39
CA THR D 206 -12.86 17.29 -33.49
C THR D 206 -12.17 18.62 -33.68
N ARG D 207 -11.09 18.60 -34.46
CA ARG D 207 -10.41 19.82 -34.90
C ARG D 207 -10.77 20.12 -36.36
N LEU D 208 -10.78 21.41 -36.70
CA LEU D 208 -11.13 21.87 -38.04
C LEU D 208 -9.89 22.60 -38.59
N GLU D 209 -9.19 22.01 -39.57
CA GLU D 209 -7.90 22.59 -40.04
C GLU D 209 -8.07 23.36 -41.35
N GLU D 210 -7.54 24.58 -41.44
CA GLU D 210 -7.85 25.47 -42.59
C GLU D 210 -6.99 26.74 -42.72
N ALA D 211 -6.75 27.16 -43.99
CA ALA D 211 -6.02 28.41 -44.32
C ALA D 211 -4.54 28.40 -43.93
N ALA D 213 -2.48 28.53 -39.08
CA ALA D 213 -3.40 28.43 -40.21
C ALA D 213 -4.64 29.38 -40.10
N PRO D 214 -5.34 29.41 -38.92
CA PRO D 214 -5.16 28.72 -37.63
C PRO D 214 -5.89 27.37 -37.61
N VAL D 215 -5.74 26.58 -36.54
CA VAL D 215 -6.39 25.26 -36.49
C VAL D 215 -7.41 25.15 -35.33
N ARG D 216 -8.65 25.61 -35.58
CA ARG D 216 -9.71 25.71 -34.55
C ARG D 216 -10.47 24.39 -34.31
N LEU D 217 -10.88 24.15 -33.06
CA LEU D 217 -11.55 22.90 -32.68
C LEU D 217 -13.05 23.10 -32.33
N ALA D 218 -13.86 22.04 -32.48
CA ALA D 218 -15.33 22.16 -32.42
C ALA D 218 -16.04 20.83 -32.11
N ALA D 219 -17.27 20.92 -31.60
CA ALA D 219 -18.07 19.76 -31.34
C ALA D 219 -19.46 19.93 -31.98
N PRO D 220 -19.57 19.59 -33.27
CA PRO D 220 -20.84 19.64 -33.99
C PRO D 220 -21.78 18.48 -33.65
N VAL D 221 -23.09 18.76 -33.65
CA VAL D 221 -24.10 17.71 -33.48
C VAL D 221 -24.32 17.01 -34.82
N VAL D 222 -24.36 15.69 -34.81
CA VAL D 222 -24.52 14.85 -36.03
C VAL D 222 -25.60 13.78 -35.83
N ALA D 223 -26.62 13.76 -36.70
CA ALA D 223 -27.73 12.80 -36.53
C ALA D 223 -27.24 11.40 -36.79
N ARG D 224 -27.90 10.41 -36.18
CA ARG D 224 -27.56 8.99 -36.38
C ARG D 224 -27.70 8.63 -37.86
N THR D 225 -28.76 9.17 -38.48
CA THR D 225 -29.15 8.91 -39.87
C THR D 225 -28.31 9.61 -40.95
N THR D 226 -27.35 10.41 -40.51
CA THR D 226 -26.46 11.08 -41.44
C THR D 226 -25.77 10.07 -42.36
N PRO D 227 -25.77 10.37 -43.66
CA PRO D 227 -25.08 9.49 -44.59
C PRO D 227 -23.56 9.54 -44.38
N GLY D 228 -22.90 8.38 -44.50
CA GLY D 228 -21.46 8.29 -44.28
C GLY D 228 -21.11 7.82 -42.89
N LEU D 229 -22.11 7.68 -42.03
CA LEU D 229 -21.91 7.28 -40.64
C LEU D 229 -22.15 5.78 -40.41
N THR D 230 -21.12 5.10 -39.94
CA THR D 230 -21.27 3.69 -39.57
C THR D 230 -20.98 3.48 -38.10
N VAL D 231 -21.81 2.67 -37.46
CA VAL D 231 -21.60 2.24 -36.09
C VAL D 231 -21.06 0.81 -36.13
N LEU D 232 -19.85 0.63 -35.61
CA LEU D 232 -19.19 -0.66 -35.64
C LEU D 232 -19.39 -1.37 -34.32
N ASP D 233 -19.93 -2.57 -34.38
CA ASP D 233 -20.11 -3.38 -33.17
C ASP D 233 -18.85 -4.19 -32.78
N ASN D 234 -17.81 -3.50 -32.29
CA ASN D 234 -16.53 -4.16 -32.04
C ASN D 234 -16.17 -4.03 -30.59
N TRP D 235 -17.19 -3.97 -29.74
CA TRP D 235 -16.97 -3.70 -28.34
C TRP D 235 -16.67 -4.95 -27.55
N ASP D 236 -15.38 -5.21 -27.30
CA ASP D 236 -14.98 -6.44 -26.64
C ASP D 236 -14.26 -6.18 -25.30
N GLY D 237 -14.83 -5.30 -24.48
CA GLY D 237 -14.21 -4.96 -23.20
C GLY D 237 -14.22 -6.11 -22.21
N MET D 238 -13.27 -6.11 -21.28
CA MET D 238 -13.19 -7.14 -20.28
C MET D 238 -14.32 -7.01 -19.28
N GLY D 239 -14.88 -5.82 -19.19
CA GLY D 239 -16.02 -5.54 -18.31
C GLY D 239 -16.75 -4.35 -18.88
N MET D 240 -17.84 -3.94 -18.23
CA MET D 240 -18.68 -2.85 -18.75
C MET D 240 -19.26 -3.31 -20.09
N ARG D 241 -19.52 -4.61 -20.18
CA ARG D 241 -19.76 -5.23 -21.48
C ARG D 241 -21.14 -4.89 -22.01
N SER D 242 -22.06 -4.71 -21.08
CA SER D 242 -23.39 -4.26 -21.45
C SER D 242 -23.51 -2.77 -21.87
N SER D 243 -22.42 -2.01 -21.86
CA SER D 243 -22.52 -0.57 -22.02
C SER D 243 -22.57 -0.11 -23.47
N GLY D 244 -22.34 -1.04 -24.40
CA GLY D 244 -22.25 -0.72 -25.82
C GLY D 244 -21.29 0.39 -26.18
N SER D 245 -20.00 0.20 -25.92
CA SER D 245 -18.99 1.23 -26.17
C SER D 245 -18.33 0.97 -27.51
N VAL D 246 -19.11 1.20 -28.54
CA VAL D 246 -18.72 0.83 -29.89
C VAL D 246 -18.00 1.98 -30.62
N ASP D 247 -17.33 1.64 -31.72
CA ASP D 247 -16.66 2.64 -32.58
C ASP D 247 -17.57 3.24 -33.64
N ILE D 248 -17.42 4.52 -33.88
CA ILE D 248 -18.20 5.18 -34.93
C ILE D 248 -17.23 5.75 -35.93
N VAL D 249 -17.36 5.32 -37.18
CA VAL D 249 -16.58 5.91 -38.27
C VAL D 249 -17.45 6.91 -39.04
N PHE D 250 -16.88 8.08 -39.30
CA PHE D 250 -17.53 9.12 -40.12
C PHE D 250 -16.80 9.26 -41.44
N ASP D 251 -17.53 9.10 -42.54
CA ASP D 251 -16.95 9.10 -43.88
C ASP D 251 -17.67 10.13 -44.73
N GLY D 252 -17.08 11.33 -44.81
CA GLY D 252 -17.65 12.47 -45.51
C GLY D 252 -19.08 12.69 -45.10
N CYS D 253 -19.30 12.99 -43.83
CA CYS D 253 -20.65 13.20 -43.36
C CYS D 253 -21.01 14.67 -43.54
N PRO D 254 -22.20 14.96 -44.12
CA PRO D 254 -22.60 16.36 -44.29
C PRO D 254 -23.03 17.01 -42.95
N VAL D 255 -22.39 18.13 -42.61
CA VAL D 255 -22.73 18.88 -41.40
C VAL D 255 -23.17 20.28 -41.79
N ASP D 256 -24.37 20.67 -41.34
CA ASP D 256 -24.91 22.01 -41.60
C ASP D 256 -23.89 23.09 -41.32
N ARG D 257 -23.94 24.17 -42.09
CA ARG D 257 -23.11 25.35 -41.81
C ARG D 257 -23.36 25.86 -40.38
N ASP D 258 -24.60 25.69 -39.90
CA ASP D 258 -25.05 26.21 -38.59
C ASP D 258 -24.81 25.29 -37.38
N ARG D 259 -24.56 24.00 -37.60
CA ARG D 259 -24.35 23.05 -36.49
C ARG D 259 -22.90 22.93 -35.96
N VAL D 260 -21.97 23.68 -36.53
CA VAL D 260 -20.57 23.74 -36.06
C VAL D 260 -20.36 24.76 -34.95
N LEU D 261 -19.80 24.31 -33.83
CA LEU D 261 -19.58 25.15 -32.66
C LEU D 261 -18.07 25.33 -32.38
N PRO D 262 -17.40 26.32 -33.04
CA PRO D 262 -15.94 26.47 -32.89
C PRO D 262 -15.49 27.09 -31.55
N ARG D 263 -14.84 26.29 -30.71
CA ARG D 263 -14.45 26.70 -29.34
C ARG D 263 -12.95 26.61 -29.09
N GLY D 264 -12.23 27.73 -29.27
CA GLY D 264 -10.79 27.81 -29.00
C GLY D 264 -9.94 27.03 -29.98
N GLU D 265 -8.90 26.36 -29.47
CA GLU D 265 -7.96 25.54 -30.29
C GLU D 265 -7.02 24.63 -29.46
N PRO D 266 -6.61 23.46 -30.00
CA PRO D 266 -5.77 22.50 -29.24
C PRO D 266 -4.45 23.10 -28.76
N GLY D 267 -3.67 22.31 -28.03
CA GLY D 267 -2.36 22.74 -27.53
C GLY D 267 -2.45 23.82 -26.47
N VAL D 268 -2.94 24.99 -26.87
CA VAL D 268 -3.15 26.10 -25.91
C VAL D 268 -4.45 25.90 -25.13
N ARG D 269 -4.31 25.41 -23.90
CA ARG D 269 -5.47 25.07 -23.07
C ARG D 269 -5.82 26.19 -22.08
N ASP D 270 -7.10 26.24 -21.71
CA ASP D 270 -7.55 27.20 -20.72
C ASP D 270 -8.20 26.49 -19.55
N ASP D 271 -7.80 26.89 -18.34
CA ASP D 271 -8.26 26.23 -17.13
C ASP D 271 -9.74 26.40 -16.83
N ALA D 272 -10.43 27.27 -17.55
CA ALA D 272 -11.86 27.38 -17.35
C ALA D 272 -12.60 26.24 -18.05
N ALA D 273 -11.95 25.61 -19.03
CA ALA D 273 -12.55 24.47 -19.77
C ALA D 273 -12.74 23.32 -18.80
N LEU D 274 -11.82 23.23 -17.84
CA LEU D 274 -11.85 22.25 -16.76
C LEU D 274 -13.21 22.12 -16.06
N ALA D 275 -13.95 23.22 -15.93
CA ALA D 275 -15.29 23.18 -15.31
C ALA D 275 -16.27 22.32 -16.12
N GLY D 276 -16.31 22.54 -17.44
CA GLY D 276 -17.14 21.72 -18.30
C GLY D 276 -16.70 20.27 -18.17
N GLN D 277 -15.40 20.02 -18.41
CA GLN D 277 -14.75 18.71 -18.32
C GLN D 277 -15.09 17.94 -17.02
N THR D 278 -15.13 18.65 -15.90
CA THR D 278 -15.55 18.12 -14.61
C THR D 278 -17.00 17.67 -14.68
N VAL D 279 -17.88 18.58 -15.05
CA VAL D 279 -19.30 18.31 -14.98
C VAL D 279 -19.70 17.07 -15.77
N SER D 280 -19.00 16.80 -16.86
CA SER D 280 -19.38 15.70 -17.72
C SER D 280 -18.82 14.33 -17.36
N SER D 281 -17.90 14.26 -16.40
CA SER D 281 -17.34 12.98 -15.99
C SER D 281 -17.50 12.69 -14.49
N ILE D 282 -17.47 13.72 -13.66
CA ILE D 282 -17.45 13.50 -12.22
C ILE D 282 -18.52 12.50 -11.74
N ALA D 283 -19.74 12.60 -12.26
CA ALA D 283 -20.81 11.76 -11.76
C ALA D 283 -20.47 10.26 -11.90
N MET D 284 -19.62 9.91 -12.87
CA MET D 284 -19.29 8.49 -13.09
C MET D 284 -18.72 7.81 -11.86
N LEU D 285 -18.17 8.57 -10.93
CA LEU D 285 -17.48 8.01 -9.78
C LEU D 285 -18.49 7.26 -8.88
N GLY D 286 -19.74 7.70 -8.96
CA GLY D 286 -20.82 7.00 -8.26
C GLY D 286 -20.89 5.54 -8.67
N ILE D 287 -20.49 5.25 -9.90
CA ILE D 287 -20.57 3.91 -10.44
C ILE D 287 -19.65 3.01 -9.67
N TYR D 288 -18.41 3.43 -9.50
CA TYR D 288 -17.46 2.53 -8.86
C TYR D 288 -17.76 2.35 -7.38
N VAL D 289 -18.32 3.38 -6.77
CA VAL D 289 -18.78 3.26 -5.41
C VAL D 289 -19.85 2.19 -5.43
N GLY D 290 -20.77 2.31 -6.39
CA GLY D 290 -21.82 1.34 -6.57
C GLY D 290 -21.20 -0.05 -6.65
N ILE D 291 -20.23 -0.25 -7.54
CA ILE D 291 -19.65 -1.57 -7.65
C ILE D 291 -19.04 -2.07 -6.33
N ALA D 292 -18.21 -1.26 -5.70
CA ALA D 292 -17.66 -1.65 -4.41
C ALA D 292 -18.78 -2.03 -3.40
N GLU D 293 -19.85 -1.24 -3.33
CA GLU D 293 -20.92 -1.54 -2.37
C GLU D 293 -21.56 -2.90 -2.64
N ALA D 294 -21.91 -3.12 -3.90
CA ALA D 294 -22.43 -4.38 -4.34
C ALA D 294 -21.51 -5.48 -3.89
N ALA D 295 -20.23 -5.38 -4.25
CA ALA D 295 -19.25 -6.40 -3.90
C ALA D 295 -19.23 -6.68 -2.40
N ARG D 296 -19.24 -5.62 -1.64
CA ARG D 296 -19.28 -5.73 -0.20
C ARG D 296 -20.53 -6.45 0.30
N ARG D 297 -21.70 -6.09 -0.23
CA ARG D 297 -22.96 -6.67 0.17
C ARG D 297 -22.88 -8.18 -0.03
N ILE D 298 -22.54 -8.60 -1.25
CA ILE D 298 -22.38 -10.03 -1.58
C ILE D 298 -21.41 -10.76 -0.65
N ALA D 299 -20.22 -10.20 -0.43
CA ALA D 299 -19.24 -10.78 0.49
C ALA D 299 -19.70 -10.90 1.94
N LEU D 300 -20.36 -9.88 2.46
CA LEU D 300 -20.84 -9.93 3.83
C LEU D 300 -21.97 -10.92 4.04
N THR D 301 -22.98 -10.91 3.17
CA THR D 301 -24.07 -11.87 3.38
C THR D 301 -23.44 -13.26 3.38
N GLU D 302 -22.46 -13.45 2.50
CA GLU D 302 -21.87 -14.75 2.27
C GLU D 302 -21.14 -15.21 3.52
N LEU D 303 -20.51 -14.27 4.20
CA LEU D 303 -19.79 -14.57 5.42
C LEU D 303 -20.72 -14.76 6.59
N ARG D 304 -21.78 -13.95 6.68
CA ARG D 304 -22.81 -14.08 7.74
C ARG D 304 -23.42 -15.49 7.68
N ARG D 305 -23.54 -16.00 6.46
CA ARG D 305 -24.10 -17.31 6.17
C ARG D 305 -23.15 -18.47 6.57
N ARG D 306 -21.93 -18.15 7.02
CA ARG D 306 -20.95 -19.18 7.41
C ARG D 306 -20.84 -19.36 8.90
N GLY D 307 -21.36 -18.42 9.69
CA GLY D 307 -21.38 -18.56 11.14
C GLY D 307 -20.22 -17.89 11.84
N GLY D 308 -19.40 -18.67 12.55
CA GLY D 308 -18.19 -18.17 13.20
C GLY D 308 -17.28 -17.52 12.19
N ALA D 309 -16.55 -16.48 12.59
CA ALA D 309 -15.72 -15.71 11.66
C ALA D 309 -14.20 -15.72 11.98
N PRO D 310 -13.37 -16.39 11.11
CA PRO D 310 -11.90 -16.51 11.36
C PRO D 310 -11.15 -15.17 11.50
N ALA D 311 -9.95 -15.23 12.04
CA ALA D 311 -9.22 -14.03 12.43
C ALA D 311 -8.72 -13.20 11.24
N GLY D 312 -8.51 -13.91 10.12
CA GLY D 312 -8.26 -13.31 8.80
C GLY D 312 -9.40 -12.43 8.28
N VAL D 313 -10.66 -12.85 8.47
CA VAL D 313 -11.74 -12.14 7.83
C VAL D 313 -12.10 -10.87 8.57
N ARG D 314 -11.97 -10.92 9.89
CA ARG D 314 -12.38 -9.79 10.69
C ARG D 314 -11.64 -8.59 10.15
N THR D 315 -10.34 -8.74 9.98
CA THR D 315 -9.51 -7.66 9.50
C THR D 315 -9.90 -7.15 8.12
N THR D 316 -10.02 -8.08 7.18
CA THR D 316 -10.38 -7.70 5.84
C THR D 316 -11.69 -6.94 5.85
N VAL D 317 -12.67 -7.40 6.63
CA VAL D 317 -13.98 -6.75 6.66
C VAL D 317 -13.78 -5.31 7.12
N ALA D 318 -13.07 -5.19 8.25
CA ALA D 318 -12.77 -3.90 8.82
C ALA D 318 -12.10 -2.98 7.80
N GLU D 319 -11.17 -3.53 7.02
CA GLU D 319 -10.48 -2.76 5.99
C GLU D 319 -11.42 -2.34 4.85
N ILE D 320 -12.17 -3.33 4.36
CA ILE D 320 -13.13 -3.14 3.30
C ILE D 320 -14.02 -1.96 3.67
N ASP D 321 -14.63 -2.05 4.85
CA ASP D 321 -15.56 -1.06 5.25
C ASP D 321 -14.89 0.33 5.38
N ALA D 322 -13.70 0.36 5.97
CA ALA D 322 -13.01 1.65 6.13
C ALA D 322 -12.82 2.29 4.76
N ARG D 323 -12.23 1.55 3.83
CA ARG D 323 -12.06 2.03 2.46
C ARG D 323 -13.35 2.47 1.79
N LEU D 324 -14.46 1.75 1.99
CA LEU D 324 -15.76 2.19 1.48
C LEU D 324 -16.17 3.54 2.03
N PHE D 325 -16.05 3.70 3.34
CA PHE D 325 -16.35 4.97 4.00
C PHE D 325 -15.49 6.08 3.38
N ALA D 326 -14.19 5.79 3.24
CA ALA D 326 -13.29 6.74 2.59
C ALA D 326 -13.79 7.14 1.21
N LEU D 327 -14.16 6.15 0.38
CA LEU D 327 -14.71 6.40 -0.96
C LEU D 327 -15.98 7.23 -0.91
N HIS D 328 -16.97 6.76 -0.15
CA HIS D 328 -18.22 7.49 -0.02
C HIS D 328 -17.96 8.95 0.25
N THR D 329 -17.18 9.27 1.27
CA THR D 329 -17.02 10.66 1.72
C THR D 329 -16.15 11.52 0.79
N ALA D 330 -15.09 10.91 0.26
CA ALA D 330 -14.18 11.58 -0.66
C ALA D 330 -14.92 11.99 -1.91
N VAL D 331 -15.70 11.07 -2.43
CA VAL D 331 -16.48 11.29 -3.64
C VAL D 331 -17.60 12.32 -3.44
N ALA D 332 -18.30 12.25 -2.31
CA ALA D 332 -19.45 13.13 -2.14
C ALA D 332 -18.94 14.50 -1.92
N SER D 333 -17.74 14.60 -1.34
CA SER D 333 -17.14 15.89 -1.18
C SER D 333 -16.87 16.56 -2.53
N ALA D 334 -16.25 15.83 -3.44
CA ALA D 334 -15.91 16.40 -4.73
C ALA D 334 -17.16 16.84 -5.50
N LEU D 335 -18.20 16.03 -5.39
CA LEU D 335 -19.48 16.29 -6.04
C LEU D 335 -20.12 17.56 -5.47
N THR D 336 -20.00 17.75 -4.16
CA THR D 336 -20.46 18.99 -3.54
C THR D 336 -19.75 20.24 -4.07
N THR D 337 -18.41 20.21 -4.14
CA THR D 337 -17.63 21.26 -4.75
C THR D 337 -18.15 21.51 -6.15
N ALA D 338 -18.30 20.45 -6.92
CA ALA D 338 -18.73 20.62 -8.30
C ALA D 338 -20.12 21.28 -8.36
N ASP D 339 -21.06 20.78 -7.57
CA ASP D 339 -22.40 21.32 -7.56
C ASP D 339 -22.43 22.77 -7.10
N ARG D 340 -21.47 23.16 -6.26
CA ARG D 340 -21.39 24.51 -5.71
C ARG D 340 -21.05 25.51 -6.82
N LEU D 341 -20.08 25.16 -7.63
CA LEU D 341 -19.65 26.06 -8.69
C LEU D 341 -20.40 25.85 -10.00
N ALA D 342 -21.32 24.91 -10.01
CA ALA D 342 -22.03 24.56 -11.24
C ALA D 342 -22.63 25.81 -11.87
N ASP D 343 -23.34 26.58 -11.05
CA ASP D 343 -23.99 27.81 -11.50
C ASP D 343 -23.18 29.07 -11.19
N ASP D 344 -22.51 29.09 -10.04
CA ASP D 344 -21.69 30.23 -9.66
C ASP D 344 -20.61 30.58 -10.71
N LEU D 345 -20.93 31.58 -11.54
CA LEU D 345 -20.07 31.99 -12.65
C LEU D 345 -19.25 33.26 -12.40
N SER D 346 -19.64 34.02 -11.38
CA SER D 346 -18.89 35.20 -10.92
C SER D 346 -17.57 34.77 -10.30
N GLY D 347 -16.52 35.55 -10.51
CA GLY D 347 -15.17 35.20 -10.06
C GLY D 347 -14.36 34.66 -11.20
N ASP D 348 -13.09 34.37 -10.92
CA ASP D 348 -12.14 33.90 -11.94
C ASP D 348 -12.52 32.54 -12.53
N LEU D 349 -12.89 32.55 -13.81
CA LEU D 349 -13.29 31.36 -14.54
C LEU D 349 -12.19 30.30 -14.60
N ALA D 350 -10.95 30.72 -14.84
CA ALA D 350 -9.83 29.78 -14.90
C ALA D 350 -9.74 29.06 -13.56
N ALA D 351 -9.82 29.84 -12.47
CA ALA D 351 -9.74 29.31 -11.11
C ALA D 351 -10.99 28.47 -10.75
N ARG D 352 -12.15 28.84 -11.27
CA ARG D 352 -13.34 27.99 -11.09
C ARG D 352 -13.14 26.56 -11.63
N GLY D 353 -12.55 26.43 -12.81
CA GLY D 353 -12.26 25.12 -13.35
C GLY D 353 -11.35 24.34 -12.41
N ARG D 354 -10.16 24.89 -12.13
CA ARG D 354 -9.19 24.24 -11.26
C ARG D 354 -9.86 23.80 -9.96
N ALA D 355 -10.76 24.66 -9.46
CA ALA D 355 -11.35 24.50 -8.14
C ALA D 355 -12.31 23.33 -8.12
N MET D 356 -12.76 22.94 -9.31
CA MET D 356 -13.68 21.81 -9.50
C MET D 356 -12.92 20.54 -9.81
N MET D 357 -11.97 20.66 -10.72
CA MET D 357 -11.23 19.56 -11.26
C MET D 357 -10.29 18.95 -10.22
N THR D 358 -9.70 19.79 -9.38
CA THR D 358 -8.75 19.28 -8.42
C THR D 358 -9.45 18.26 -7.52
N PRO D 359 -10.49 18.66 -6.73
CA PRO D 359 -11.18 17.69 -5.85
C PRO D 359 -11.64 16.45 -6.63
N PHE D 360 -12.13 16.68 -7.84
CA PHE D 360 -12.52 15.60 -8.70
C PHE D 360 -11.31 14.66 -8.85
N GLN D 361 -10.17 15.18 -9.29
CA GLN D 361 -9.04 14.30 -9.53
C GLN D 361 -8.53 13.60 -8.30
N TYR D 362 -8.71 14.21 -7.11
CA TYR D 362 -8.30 13.59 -5.87
C TYR D 362 -9.22 12.41 -5.64
N ALA D 363 -10.51 12.68 -5.76
CA ALA D 363 -11.49 11.63 -5.56
C ALA D 363 -11.22 10.48 -6.53
N LYS D 364 -11.06 10.80 -7.81
CA LYS D 364 -10.78 9.79 -8.82
C LYS D 364 -9.56 8.93 -8.47
N LEU D 365 -8.49 9.57 -8.00
CA LEU D 365 -7.27 8.84 -7.69
C LEU D 365 -7.60 7.87 -6.55
N LEU D 366 -8.42 8.30 -5.60
CA LEU D 366 -8.81 7.43 -4.48
C LEU D 366 -9.69 6.29 -4.92
N VAL D 367 -10.66 6.57 -5.76
CA VAL D 367 -11.60 5.55 -6.20
C VAL D 367 -10.89 4.48 -7.04
N ASN D 368 -10.15 4.87 -8.07
CA ASN D 368 -9.45 3.91 -8.90
C ASN D 368 -8.50 3.05 -8.06
N ARG D 369 -8.06 3.54 -6.91
CA ARG D 369 -7.25 2.71 -6.04
C ARG D 369 -8.15 1.79 -5.21
N HIS D 370 -9.10 2.39 -4.50
CA HIS D 370 -9.80 1.70 -3.45
C HIS D 370 -10.98 0.88 -3.82
N SER D 371 -11.80 1.34 -4.75
CA SER D 371 -12.92 0.53 -5.25
C SER D 371 -12.38 -0.81 -5.76
N VAL D 372 -11.26 -0.77 -6.49
CA VAL D 372 -10.63 -1.99 -6.96
C VAL D 372 -10.18 -2.91 -5.83
N GLY D 373 -9.67 -2.30 -4.76
CA GLY D 373 -9.19 -3.04 -3.60
C GLY D 373 -10.34 -3.66 -2.86
N VAL D 374 -11.39 -2.89 -2.66
CA VAL D 374 -12.55 -3.40 -1.96
C VAL D 374 -13.11 -4.59 -2.71
N VAL D 375 -13.21 -4.44 -4.02
CA VAL D 375 -13.72 -5.54 -4.79
C VAL D 375 -12.77 -6.71 -4.68
N ASP D 376 -11.47 -6.46 -4.86
CA ASP D 376 -10.48 -7.52 -4.75
C ASP D 376 -10.67 -8.26 -3.43
N ASP D 377 -10.78 -7.49 -2.36
CA ASP D 377 -10.84 -8.12 -1.07
C ASP D 377 -12.14 -8.87 -0.89
N CYS D 378 -13.26 -8.32 -1.41
CA CYS D 378 -14.54 -9.00 -1.26
C CYS D 378 -14.41 -10.35 -1.94
N LEU D 379 -13.82 -10.34 -3.14
CA LEU D 379 -13.60 -11.54 -3.92
C LEU D 379 -12.77 -12.56 -3.14
N MET D 380 -11.73 -12.10 -2.46
CA MET D 380 -10.92 -13.11 -1.81
C MET D 380 -11.59 -13.65 -0.57
N LEU D 381 -12.55 -12.91 -0.07
CA LEU D 381 -13.26 -13.24 1.13
C LEU D 381 -14.29 -14.35 0.81
N VAL D 382 -14.83 -14.32 -0.40
CA VAL D 382 -15.89 -15.24 -0.83
C VAL D 382 -15.27 -16.57 -1.27
N GLY D 383 -14.14 -16.50 -1.95
CA GLY D 383 -13.41 -17.70 -2.30
C GLY D 383 -13.63 -18.10 -3.72
N GLY D 384 -13.19 -19.31 -4.04
CA GLY D 384 -13.20 -19.86 -5.40
C GLY D 384 -14.43 -19.56 -6.22
N ALA D 385 -15.64 -19.80 -5.67
CA ALA D 385 -16.91 -19.53 -6.36
C ALA D 385 -16.90 -18.21 -7.10
N GLY D 386 -16.34 -17.17 -6.44
CA GLY D 386 -16.25 -15.82 -6.98
C GLY D 386 -15.56 -15.71 -8.34
N TYR D 387 -14.72 -16.72 -8.62
CA TYR D 387 -13.81 -16.73 -9.75
C TYR D 387 -14.46 -17.28 -11.03
N SER D 388 -15.65 -17.89 -10.87
CA SER D 388 -16.47 -18.36 -12.02
C SER D 388 -17.07 -17.19 -12.75
N ASN D 389 -16.83 -17.12 -14.05
CA ASN D 389 -17.21 -15.94 -14.84
C ASN D 389 -18.69 -15.57 -14.73
N SER D 390 -19.53 -16.59 -14.60
CA SER D 390 -20.95 -16.39 -14.36
C SER D 390 -21.24 -15.64 -13.05
N HIS D 391 -20.45 -15.90 -11.99
CA HIS D 391 -20.65 -15.30 -10.66
C HIS D 391 -20.56 -13.79 -10.73
N PRO D 392 -21.49 -13.09 -10.04
CA PRO D 392 -21.51 -11.61 -9.97
C PRO D 392 -20.18 -10.95 -9.55
N LEU D 393 -19.49 -11.48 -8.56
CA LEU D 393 -18.19 -10.93 -8.19
C LEU D 393 -17.27 -10.88 -9.39
N ALA D 394 -17.12 -12.00 -10.09
CA ALA D 394 -16.28 -12.04 -11.28
C ALA D 394 -16.69 -10.87 -12.19
N ARG D 395 -17.98 -10.66 -12.37
CA ARG D 395 -18.42 -9.61 -13.28
C ARG D 395 -17.92 -8.28 -12.70
N LEU D 396 -18.26 -8.06 -11.43
CA LEU D 396 -17.85 -6.89 -10.70
C LEU D 396 -16.33 -6.63 -10.77
N TYR D 397 -15.50 -7.63 -10.46
CA TYR D 397 -14.04 -7.46 -10.57
C TYR D 397 -13.58 -6.98 -11.95
N ARG D 398 -14.18 -7.49 -13.03
CA ARG D 398 -13.85 -7.06 -14.37
C ARG D 398 -14.46 -5.71 -14.69
N ASP D 399 -15.60 -5.40 -14.09
CA ASP D 399 -16.21 -4.09 -14.31
C ASP D 399 -15.43 -2.95 -13.64
N VAL D 400 -14.96 -3.18 -12.43
CA VAL D 400 -14.40 -2.10 -11.60
C VAL D 400 -13.11 -1.52 -12.19
N ARG D 401 -12.35 -2.34 -12.90
CA ARG D 401 -11.04 -1.90 -13.39
C ARG D 401 -11.13 -0.87 -14.52
N ALA D 402 -12.34 -0.69 -15.04
CA ALA D 402 -12.61 0.30 -16.09
C ALA D 402 -12.29 1.79 -15.76
N GLY D 403 -12.60 2.21 -14.55
CA GLY D 403 -12.39 3.59 -14.16
C GLY D 403 -10.99 4.14 -14.34
N GLY D 404 -9.99 3.32 -14.01
CA GLY D 404 -8.60 3.77 -14.06
C GLY D 404 -8.27 4.37 -15.40
N PHE D 405 -8.86 3.83 -16.45
CA PHE D 405 -8.59 4.24 -17.82
C PHE D 405 -9.26 5.53 -18.20
N MET D 406 -10.39 5.86 -17.58
CA MET D 406 -11.10 7.10 -17.99
C MET D 406 -10.40 8.45 -17.85
N HIS D 407 -10.40 9.21 -18.95
CA HIS D 407 -9.90 10.59 -19.06
C HIS D 407 -11.08 11.49 -18.82
N PRO D 408 -10.97 12.54 -17.97
CA PRO D 408 -9.78 12.96 -17.27
C PRO D 408 -9.82 12.41 -15.86
N TYR D 409 -8.69 11.96 -15.32
CA TYR D 409 -7.43 11.70 -16.02
C TYR D 409 -7.02 10.32 -15.61
N ASN D 410 -6.22 9.68 -16.42
CA ASN D 410 -5.55 8.47 -15.91
C ASN D 410 -4.52 8.84 -14.83
N PHE D 411 -3.88 7.83 -14.26
CA PHE D 411 -2.81 8.07 -13.29
C PHE D 411 -1.73 8.98 -13.82
N THR D 412 -1.28 8.78 -15.06
CA THR D 412 -0.16 9.57 -15.56
C THR D 412 -0.46 11.03 -15.65
N ASP D 413 -1.59 11.34 -16.23
CA ASP D 413 -1.97 12.72 -16.36
C ASP D 413 -2.38 13.28 -15.05
N GLY D 414 -3.13 12.47 -14.30
CA GLY D 414 -3.56 12.80 -12.93
C GLY D 414 -2.42 13.28 -12.08
N VAL D 415 -1.32 12.53 -12.11
CA VAL D 415 -0.13 12.95 -11.39
C VAL D 415 0.30 14.30 -11.92
N ASP D 416 0.43 14.42 -13.24
CA ASP D 416 0.90 15.65 -13.87
C ASP D 416 0.07 16.84 -13.42
N TYR D 417 -1.25 16.74 -13.58
CA TYR D 417 -2.17 17.80 -13.18
C TYR D 417 -2.06 18.16 -11.71
N LEU D 418 -2.21 17.13 -10.87
CA LEU D 418 -2.21 17.36 -9.45
C LEU D 418 -0.88 17.93 -8.94
N SER D 419 0.25 17.50 -9.52
CA SER D 419 1.54 18.02 -9.09
C SER D 419 1.72 19.45 -9.57
N GLU D 420 1.23 19.72 -10.78
CA GLU D 420 1.20 21.09 -11.33
C GLU D 420 0.49 22.05 -10.40
N VAL D 421 -0.74 21.73 -10.05
CA VAL D 421 -1.51 22.56 -9.15
C VAL D 421 -0.78 22.76 -7.84
N ALA D 422 -0.19 21.70 -7.26
CA ALA D 422 0.52 21.79 -5.98
C ALA D 422 1.85 22.59 -6.08
N LEU D 423 2.66 22.33 -7.11
CA LEU D 423 4.03 22.90 -7.21
C LEU D 423 4.11 24.28 -7.87
N GLY D 424 2.96 24.81 -8.28
CA GLY D 424 2.92 26.10 -8.95
C GLY D 424 3.04 25.94 -10.46
N ARG D 425 3.94 25.05 -10.90
CA ARG D 425 4.08 24.71 -12.32
C ARG D 425 4.78 23.35 -12.48
#